data_5OLF
# 
_entry.id   5OLF 
# 
_audit_conform.dict_name       mmcif_pdbx.dic 
_audit_conform.dict_version    5.397 
_audit_conform.dict_location   http://mmcif.pdb.org/dictionaries/ascii/mmcif_pdbx.dic 
# 
loop_
_database_2.database_id 
_database_2.database_code 
_database_2.pdbx_database_accession 
_database_2.pdbx_DOI 
PDB   5OLF         pdb_00005olf 10.2210/pdb5olf/pdb 
WWPDB D_1200005994 ?            ?                   
BMRB  34166        ?            10.13018/BMR34166   
# 
loop_
_pdbx_audit_revision_history.ordinal 
_pdbx_audit_revision_history.data_content_type 
_pdbx_audit_revision_history.major_revision 
_pdbx_audit_revision_history.minor_revision 
_pdbx_audit_revision_history.revision_date 
1 'Structure model' 1 0 2018-06-06 
2 'Structure model' 2 0 2019-05-15 
3 'Structure model' 2 1 2024-10-23 
# 
_pdbx_audit_revision_details.ordinal             1 
_pdbx_audit_revision_details.revision_ordinal    1 
_pdbx_audit_revision_details.data_content_type   'Structure model' 
_pdbx_audit_revision_details.provider            repository 
_pdbx_audit_revision_details.type                'Initial release' 
_pdbx_audit_revision_details.description         ? 
_pdbx_audit_revision_details.details             ? 
# 
loop_
_pdbx_audit_revision_group.ordinal 
_pdbx_audit_revision_group.revision_ordinal 
_pdbx_audit_revision_group.data_content_type 
_pdbx_audit_revision_group.group 
1 2 'Structure model' 'Atomic model'        
2 2 'Structure model' 'Data collection'     
3 3 'Structure model' 'Data collection'     
4 3 'Structure model' 'Database references' 
5 3 'Structure model' 'Structure summary'   
# 
loop_
_pdbx_audit_revision_category.ordinal 
_pdbx_audit_revision_category.revision_ordinal 
_pdbx_audit_revision_category.data_content_type 
_pdbx_audit_revision_category.category 
1 2 'Structure model' atom_site                 
2 3 'Structure model' chem_comp_atom            
3 3 'Structure model' chem_comp_bond            
4 3 'Structure model' database_2                
5 3 'Structure model' pdbx_entry_details        
6 3 'Structure model' pdbx_modification_feature 
# 
loop_
_pdbx_audit_revision_item.ordinal 
_pdbx_audit_revision_item.revision_ordinal 
_pdbx_audit_revision_item.data_content_type 
_pdbx_audit_revision_item.item 
1 2 'Structure model' '_atom_site.auth_atom_id'             
2 2 'Structure model' '_atom_site.label_atom_id'            
3 3 'Structure model' '_database_2.pdbx_DOI'                
4 3 'Structure model' '_database_2.pdbx_database_accession' 
# 
_pdbx_database_status.status_code                     REL 
_pdbx_database_status.status_code_sf                  ? 
_pdbx_database_status.status_code_mr                  REL 
_pdbx_database_status.entry_id                        5OLF 
_pdbx_database_status.recvd_initial_deposition_date   2017-07-27 
_pdbx_database_status.SG_entry                        N 
_pdbx_database_status.deposit_site                    PDBE 
_pdbx_database_status.process_site                    PDBE 
_pdbx_database_status.status_code_cs                  REL 
_pdbx_database_status.methods_development_category    ? 
_pdbx_database_status.pdb_format_compatible           Y 
_pdbx_database_status.status_code_nmr_data            ? 
# 
_pdbx_database_related.db_name        BMRB 
_pdbx_database_related.details        
'Ligand-Based NMR Study of C-X-C Chemokine Receptor Type 4 (CXCR4)-Ligand Interactions in Living Cancer Cells' 
_pdbx_database_related.db_id          34166 
_pdbx_database_related.content_type   unspecified 
# 
loop_
_audit_author.name 
_audit_author.pdbx_ordinal 
_audit_author.identifier_ORCID 
'Brancaccio, D.' 1 ? 
'Carotenuto, A.' 2 ? 
# 
_citation.abstract                  ? 
_citation.abstract_id_CAS           ? 
_citation.book_id_ISBN              ? 
_citation.book_publisher            ? 
_citation.book_publisher_city       ? 
_citation.book_title                ? 
_citation.coordinate_linkage        ? 
_citation.country                   US 
_citation.database_id_Medline       ? 
_citation.details                   ? 
_citation.id                        primary 
_citation.journal_abbrev            'J. Med. Chem.' 
_citation.journal_id_ASTM           JMCMAR 
_citation.journal_id_CSD            0151 
_citation.journal_id_ISSN           1520-4804 
_citation.journal_full              ? 
_citation.journal_issue             ? 
_citation.journal_volume            61 
_citation.language                  ? 
_citation.page_first                2910 
_citation.page_last                 2923 
_citation.title                     
'Ligand-Based NMR Study of C-X-C Chemokine Receptor Type 4 (CXCR4)-Ligand Interactions on Living Cancer Cells.' 
_citation.year                      2018 
_citation.database_id_CSD           ? 
_citation.pdbx_database_id_DOI      10.1021/acs.jmedchem.7b01830 
_citation.pdbx_database_id_PubMed   29522685 
_citation.unpublished_flag          ? 
# 
loop_
_citation_author.citation_id 
_citation_author.name 
_citation_author.ordinal 
_citation_author.identifier_ORCID 
primary 'Brancaccio, D.' 1  ? 
primary 'Diana, D.'      2  ? 
primary 'Di Maro, S.'    3  ? 
primary 'Di Leva, F.S.'  4  ? 
primary 'Tomassi, S.'    5  ? 
primary 'Fattorusso, R.' 6  ? 
primary 'Russo, L.'      7  ? 
primary 'Scala, S.'      8  ? 
primary 'Trotta, A.M.'   9  ? 
primary 'Portella, L.'   10 ? 
primary 'Novellino, E.'  11 ? 
primary 'Marinelli, L.'  12 ? 
primary 'Carotenuto, A.' 13 ? 
# 
_entity.id                         1 
_entity.type                       polymer 
_entity.src_method                 syn 
_entity.pdbx_description           GBA-ALA-CYS-ARG-PHE-PHE-CYS 
_entity.formula_weight             909.089 
_entity.pdbx_number_of_molecules   1 
_entity.pdbx_ec                    ? 
_entity.pdbx_mutation              ? 
_entity.pdbx_fragment              ? 
_entity.details                    ? 
# 
_entity_poly.entity_id                      1 
_entity_poly.type                           'polypeptide(L)' 
_entity_poly.nstd_linkage                   no 
_entity_poly.nstd_monomer                   yes 
_entity_poly.pdbx_seq_one_letter_code       '(9XQ)ACRFFC' 
_entity_poly.pdbx_seq_one_letter_code_can   XACRFFC 
_entity_poly.pdbx_strand_id                 A 
_entity_poly.pdbx_target_identifier         ? 
# 
loop_
_entity_poly_seq.entity_id 
_entity_poly_seq.num 
_entity_poly_seq.mon_id 
_entity_poly_seq.hetero 
1 1 9XQ n 
1 2 ALA n 
1 3 CYS n 
1 4 ARG n 
1 5 PHE n 
1 6 PHE n 
1 7 CYS n 
# 
_pdbx_entity_src_syn.entity_id              1 
_pdbx_entity_src_syn.pdbx_src_id            1 
_pdbx_entity_src_syn.pdbx_alt_source_flag   sample 
_pdbx_entity_src_syn.pdbx_beg_seq_num       1 
_pdbx_entity_src_syn.pdbx_end_seq_num       7 
_pdbx_entity_src_syn.organism_scientific    'Homo sapiens' 
_pdbx_entity_src_syn.organism_common_name   ? 
_pdbx_entity_src_syn.ncbi_taxonomy_id       9606 
_pdbx_entity_src_syn.details                ? 
# 
loop_
_chem_comp.id 
_chem_comp.type 
_chem_comp.mon_nstd_flag 
_chem_comp.name 
_chem_comp.pdbx_synonyms 
_chem_comp.formula 
_chem_comp.formula_weight 
9XQ non-polymer         . '[azanyl-[(3-carboxyphenyl)amino]methylidene]azanium' ? 'C8 H10 N3 O2 1' 180.184 
ALA 'L-peptide linking' y ALANINE                                               ? 'C3 H7 N O2'     89.093  
ARG 'L-peptide linking' y ARGININE                                              ? 'C6 H15 N4 O2 1' 175.209 
CYS 'L-peptide linking' y CYSTEINE                                              ? 'C3 H7 N O2 S'   121.158 
PHE 'L-peptide linking' y PHENYLALANINE                                         ? 'C9 H11 N O2'    165.189 
# 
loop_
_pdbx_poly_seq_scheme.asym_id 
_pdbx_poly_seq_scheme.entity_id 
_pdbx_poly_seq_scheme.seq_id 
_pdbx_poly_seq_scheme.mon_id 
_pdbx_poly_seq_scheme.ndb_seq_num 
_pdbx_poly_seq_scheme.pdb_seq_num 
_pdbx_poly_seq_scheme.auth_seq_num 
_pdbx_poly_seq_scheme.pdb_mon_id 
_pdbx_poly_seq_scheme.auth_mon_id 
_pdbx_poly_seq_scheme.pdb_strand_id 
_pdbx_poly_seq_scheme.pdb_ins_code 
_pdbx_poly_seq_scheme.hetero 
A 1 1 9XQ 1 1 1 9XQ GBA A . n 
A 1 2 ALA 2 2 2 ALA ALA A . n 
A 1 3 CYS 3 3 3 CYS CYS A . n 
A 1 4 ARG 4 4 4 ARG ARG A . n 
A 1 5 PHE 5 5 5 PHE PHE A . n 
A 1 6 PHE 6 6 6 PHE PHE A . n 
A 1 7 CYS 7 7 7 CYS CYS A . n 
# 
_exptl.absorpt_coefficient_mu     ? 
_exptl.absorpt_correction_T_max   ? 
_exptl.absorpt_correction_T_min   ? 
_exptl.absorpt_correction_type    ? 
_exptl.absorpt_process_details    ? 
_exptl.entry_id                   5OLF 
_exptl.crystals_number            ? 
_exptl.details                    ? 
_exptl.method                     'SOLUTION NMR' 
_exptl.method_details             ? 
# 
_struct.entry_id                     5OLF 
_struct.title                        
'Ligand-Based NMR Study of C-X-C Chemokine Receptor Type 4 (CXCR4)-Ligand Interactions in Living Cancer Cells' 
_struct.pdbx_model_details           ? 
_struct.pdbx_formula_weight          ? 
_struct.pdbx_formula_weight_method   ? 
_struct.pdbx_model_type_details      ? 
_struct.pdbx_CASP_flag               N 
# 
_struct_keywords.entry_id        5OLF 
_struct_keywords.text            'CXCR4, PEPTIDE BINDING PROTEIN, IN-CELL NMR' 
_struct_keywords.pdbx_keywords   'PEPTIDE BINDING PROTEIN' 
# 
_struct_asym.id                            A 
_struct_asym.pdbx_blank_PDB_chainid_flag   N 
_struct_asym.pdbx_modified                 N 
_struct_asym.entity_id                     1 
_struct_asym.details                       ? 
# 
_struct_ref.id                         1 
_struct_ref.db_name                    PDB 
_struct_ref.db_code                    5OLF 
_struct_ref.pdbx_db_accession          5OLF 
_struct_ref.pdbx_db_isoform            ? 
_struct_ref.entity_id                  1 
_struct_ref.pdbx_seq_one_letter_code   ? 
_struct_ref.pdbx_align_begin           1 
# 
_struct_ref_seq.align_id                      1 
_struct_ref_seq.ref_id                        1 
_struct_ref_seq.pdbx_PDB_id_code              5OLF 
_struct_ref_seq.pdbx_strand_id                A 
_struct_ref_seq.seq_align_beg                 1 
_struct_ref_seq.pdbx_seq_align_beg_ins_code   ? 
_struct_ref_seq.seq_align_end                 7 
_struct_ref_seq.pdbx_seq_align_end_ins_code   ? 
_struct_ref_seq.pdbx_db_accession             5OLF 
_struct_ref_seq.db_align_beg                  1 
_struct_ref_seq.pdbx_db_align_beg_ins_code    ? 
_struct_ref_seq.db_align_end                  7 
_struct_ref_seq.pdbx_db_align_end_ins_code    ? 
_struct_ref_seq.pdbx_auth_seq_align_beg       1 
_struct_ref_seq.pdbx_auth_seq_align_end       7 
# 
_pdbx_struct_assembly.id                   1 
_pdbx_struct_assembly.details              author_and_software_defined_assembly 
_pdbx_struct_assembly.method_details       PISA 
_pdbx_struct_assembly.oligomeric_details   monomeric 
_pdbx_struct_assembly.oligomeric_count     1 
# 
loop_
_pdbx_struct_assembly_prop.biol_id 
_pdbx_struct_assembly_prop.type 
_pdbx_struct_assembly_prop.value 
_pdbx_struct_assembly_prop.details 
1 'ABSA (A^2)' 0    ? 
1 MORE         0    ? 
1 'SSA (A^2)'  1100 ? 
# 
_pdbx_struct_assembly_gen.assembly_id       1 
_pdbx_struct_assembly_gen.oper_expression   1 
_pdbx_struct_assembly_gen.asym_id_list      A 
# 
_pdbx_struct_assembly_auth_evidence.id                     1 
_pdbx_struct_assembly_auth_evidence.assembly_id            1 
_pdbx_struct_assembly_auth_evidence.experimental_support   none 
_pdbx_struct_assembly_auth_evidence.details                ? 
# 
_pdbx_struct_oper_list.id                   1 
_pdbx_struct_oper_list.type                 'identity operation' 
_pdbx_struct_oper_list.name                 1_555 
_pdbx_struct_oper_list.symmetry_operation   ? 
_pdbx_struct_oper_list.matrix[1][1]         1.0000000000 
_pdbx_struct_oper_list.matrix[1][2]         0.0000000000 
_pdbx_struct_oper_list.matrix[1][3]         0.0000000000 
_pdbx_struct_oper_list.vector[1]            0.0000000000 
_pdbx_struct_oper_list.matrix[2][1]         0.0000000000 
_pdbx_struct_oper_list.matrix[2][2]         1.0000000000 
_pdbx_struct_oper_list.matrix[2][3]         0.0000000000 
_pdbx_struct_oper_list.vector[2]            0.0000000000 
_pdbx_struct_oper_list.matrix[3][1]         0.0000000000 
_pdbx_struct_oper_list.matrix[3][2]         0.0000000000 
_pdbx_struct_oper_list.matrix[3][3]         1.0000000000 
_pdbx_struct_oper_list.vector[3]            0.0000000000 
# 
loop_
_struct_conn.id 
_struct_conn.conn_type_id 
_struct_conn.pdbx_leaving_atom_flag 
_struct_conn.pdbx_PDB_id 
_struct_conn.ptnr1_label_asym_id 
_struct_conn.ptnr1_label_comp_id 
_struct_conn.ptnr1_label_seq_id 
_struct_conn.ptnr1_label_atom_id 
_struct_conn.pdbx_ptnr1_label_alt_id 
_struct_conn.pdbx_ptnr1_PDB_ins_code 
_struct_conn.pdbx_ptnr1_standard_comp_id 
_struct_conn.ptnr1_symmetry 
_struct_conn.ptnr2_label_asym_id 
_struct_conn.ptnr2_label_comp_id 
_struct_conn.ptnr2_label_seq_id 
_struct_conn.ptnr2_label_atom_id 
_struct_conn.pdbx_ptnr2_label_alt_id 
_struct_conn.pdbx_ptnr2_PDB_ins_code 
_struct_conn.ptnr1_auth_asym_id 
_struct_conn.ptnr1_auth_comp_id 
_struct_conn.ptnr1_auth_seq_id 
_struct_conn.ptnr2_auth_asym_id 
_struct_conn.ptnr2_auth_comp_id 
_struct_conn.ptnr2_auth_seq_id 
_struct_conn.ptnr2_symmetry 
_struct_conn.pdbx_ptnr3_label_atom_id 
_struct_conn.pdbx_ptnr3_label_seq_id 
_struct_conn.pdbx_ptnr3_label_comp_id 
_struct_conn.pdbx_ptnr3_label_asym_id 
_struct_conn.pdbx_ptnr3_label_alt_id 
_struct_conn.pdbx_ptnr3_PDB_ins_code 
_struct_conn.details 
_struct_conn.pdbx_dist_value 
_struct_conn.pdbx_value_order 
_struct_conn.pdbx_role 
disulf1 disulf ?    ? A CYS 3 SG ? ? ? 1_555 A CYS 7 SG ? ? A CYS 3 A CYS 7 1_555 ? ? ? ? ? ? ? 2.004 ? ? 
covale1 covale both ? A 9XQ 1 C  ? ? ? 1_555 A ALA 2 N  ? ? A 9XQ 1 A ALA 2 1_555 ? ? ? ? ? ? ? 1.358 ? ? 
# 
loop_
_struct_conn_type.id 
_struct_conn_type.criteria 
_struct_conn_type.reference 
disulf ? ? 
covale ? ? 
# 
loop_
_pdbx_modification_feature.ordinal 
_pdbx_modification_feature.label_comp_id 
_pdbx_modification_feature.label_asym_id 
_pdbx_modification_feature.label_seq_id 
_pdbx_modification_feature.label_alt_id 
_pdbx_modification_feature.modified_residue_label_comp_id 
_pdbx_modification_feature.modified_residue_label_asym_id 
_pdbx_modification_feature.modified_residue_label_seq_id 
_pdbx_modification_feature.modified_residue_label_alt_id 
_pdbx_modification_feature.auth_comp_id 
_pdbx_modification_feature.auth_asym_id 
_pdbx_modification_feature.auth_seq_id 
_pdbx_modification_feature.PDB_ins_code 
_pdbx_modification_feature.symmetry 
_pdbx_modification_feature.modified_residue_auth_comp_id 
_pdbx_modification_feature.modified_residue_auth_asym_id 
_pdbx_modification_feature.modified_residue_auth_seq_id 
_pdbx_modification_feature.modified_residue_PDB_ins_code 
_pdbx_modification_feature.modified_residue_symmetry 
_pdbx_modification_feature.comp_id_linking_atom 
_pdbx_modification_feature.modified_residue_id_linking_atom 
_pdbx_modification_feature.modified_residue_id 
_pdbx_modification_feature.ref_pcm_id 
_pdbx_modification_feature.ref_comp_id 
_pdbx_modification_feature.type 
_pdbx_modification_feature.category 
1 9XQ A 1 ? .   . . . 9XQ A 1 ? 1_555 .   . . . .     .  .  ? 1 9XQ None 'Non-standard residue' 
2 CYS A 3 ? CYS A 7 ? CYS A 3 ? 1_555 CYS A 7 ? 1_555 SG SG . . .   None 'Disulfide bridge'     
# 
_pdbx_entry_details.entry_id                   5OLF 
_pdbx_entry_details.compound_details           ? 
_pdbx_entry_details.source_details             ? 
_pdbx_entry_details.nonpolymer_details         ? 
_pdbx_entry_details.sequence_details           ? 
_pdbx_entry_details.has_ligand_of_interest     ? 
_pdbx_entry_details.has_protein_modification   Y 
# 
loop_
_pdbx_validate_rmsd_bond.id 
_pdbx_validate_rmsd_bond.PDB_model_num 
_pdbx_validate_rmsd_bond.auth_atom_id_1 
_pdbx_validate_rmsd_bond.auth_asym_id_1 
_pdbx_validate_rmsd_bond.auth_comp_id_1 
_pdbx_validate_rmsd_bond.auth_seq_id_1 
_pdbx_validate_rmsd_bond.PDB_ins_code_1 
_pdbx_validate_rmsd_bond.label_alt_id_1 
_pdbx_validate_rmsd_bond.auth_atom_id_2 
_pdbx_validate_rmsd_bond.auth_asym_id_2 
_pdbx_validate_rmsd_bond.auth_comp_id_2 
_pdbx_validate_rmsd_bond.auth_seq_id_2 
_pdbx_validate_rmsd_bond.PDB_ins_code_2 
_pdbx_validate_rmsd_bond.label_alt_id_2 
_pdbx_validate_rmsd_bond.bond_value 
_pdbx_validate_rmsd_bond.bond_target_value 
_pdbx_validate_rmsd_bond.bond_deviation 
_pdbx_validate_rmsd_bond.bond_standard_deviation 
_pdbx_validate_rmsd_bond.linker_flag 
1  1  C A CYS 7 ? ? O   A CYS 7 ? ? 1.364 1.229 0.135 0.019 N 
2  1  C A CYS 7 ? ? OXT A CYS 7 ? ? 1.355 1.229 0.126 0.019 N 
3  2  C A CYS 7 ? ? O   A CYS 7 ? ? 1.364 1.229 0.135 0.019 N 
4  2  C A CYS 7 ? ? OXT A CYS 7 ? ? 1.355 1.229 0.126 0.019 N 
5  3  C A CYS 7 ? ? O   A CYS 7 ? ? 1.364 1.229 0.135 0.019 N 
6  3  C A CYS 7 ? ? OXT A CYS 7 ? ? 1.355 1.229 0.126 0.019 N 
7  4  C A CYS 7 ? ? O   A CYS 7 ? ? 1.363 1.229 0.134 0.019 N 
8  4  C A CYS 7 ? ? OXT A CYS 7 ? ? 1.355 1.229 0.126 0.019 N 
9  5  C A CYS 7 ? ? O   A CYS 7 ? ? 1.364 1.229 0.135 0.019 N 
10 5  C A CYS 7 ? ? OXT A CYS 7 ? ? 1.355 1.229 0.126 0.019 N 
11 6  C A CYS 7 ? ? O   A CYS 7 ? ? 1.363 1.229 0.134 0.019 N 
12 6  C A CYS 7 ? ? OXT A CYS 7 ? ? 1.355 1.229 0.126 0.019 N 
13 7  C A CYS 7 ? ? O   A CYS 7 ? ? 1.363 1.229 0.134 0.019 N 
14 7  C A CYS 7 ? ? OXT A CYS 7 ? ? 1.355 1.229 0.126 0.019 N 
15 8  C A CYS 7 ? ? O   A CYS 7 ? ? 1.363 1.229 0.134 0.019 N 
16 8  C A CYS 7 ? ? OXT A CYS 7 ? ? 1.355 1.229 0.126 0.019 N 
17 9  C A CYS 7 ? ? O   A CYS 7 ? ? 1.363 1.229 0.134 0.019 N 
18 9  C A CYS 7 ? ? OXT A CYS 7 ? ? 1.355 1.229 0.126 0.019 N 
19 10 C A CYS 7 ? ? O   A CYS 7 ? ? 1.364 1.229 0.135 0.019 N 
20 10 C A CYS 7 ? ? OXT A CYS 7 ? ? 1.355 1.229 0.126 0.019 N 
# 
loop_
_pdbx_validate_rmsd_angle.id 
_pdbx_validate_rmsd_angle.PDB_model_num 
_pdbx_validate_rmsd_angle.auth_atom_id_1 
_pdbx_validate_rmsd_angle.auth_asym_id_1 
_pdbx_validate_rmsd_angle.auth_comp_id_1 
_pdbx_validate_rmsd_angle.auth_seq_id_1 
_pdbx_validate_rmsd_angle.PDB_ins_code_1 
_pdbx_validate_rmsd_angle.label_alt_id_1 
_pdbx_validate_rmsd_angle.auth_atom_id_2 
_pdbx_validate_rmsd_angle.auth_asym_id_2 
_pdbx_validate_rmsd_angle.auth_comp_id_2 
_pdbx_validate_rmsd_angle.auth_seq_id_2 
_pdbx_validate_rmsd_angle.PDB_ins_code_2 
_pdbx_validate_rmsd_angle.label_alt_id_2 
_pdbx_validate_rmsd_angle.auth_atom_id_3 
_pdbx_validate_rmsd_angle.auth_asym_id_3 
_pdbx_validate_rmsd_angle.auth_comp_id_3 
_pdbx_validate_rmsd_angle.auth_seq_id_3 
_pdbx_validate_rmsd_angle.PDB_ins_code_3 
_pdbx_validate_rmsd_angle.label_alt_id_3 
_pdbx_validate_rmsd_angle.angle_value 
_pdbx_validate_rmsd_angle.angle_target_value 
_pdbx_validate_rmsd_angle.angle_deviation 
_pdbx_validate_rmsd_angle.angle_standard_deviation 
_pdbx_validate_rmsd_angle.linker_flag 
1  1  NE A ARG 4 ? ? CZ A ARG 4 ? ? NH2 A ARG 4 ? ? 123.52 120.30 3.22 0.50 N 
2  2  NE A ARG 4 ? ? CZ A ARG 4 ? ? NH2 A ARG 4 ? ? 123.55 120.30 3.25 0.50 N 
3  3  NE A ARG 4 ? ? CZ A ARG 4 ? ? NH2 A ARG 4 ? ? 123.65 120.30 3.35 0.50 N 
4  4  NE A ARG 4 ? ? CZ A ARG 4 ? ? NH2 A ARG 4 ? ? 123.49 120.30 3.19 0.50 N 
5  5  NE A ARG 4 ? ? CZ A ARG 4 ? ? NH2 A ARG 4 ? ? 123.48 120.30 3.18 0.50 N 
6  6  NE A ARG 4 ? ? CZ A ARG 4 ? ? NH2 A ARG 4 ? ? 123.93 120.30 3.63 0.50 N 
7  7  NE A ARG 4 ? ? CZ A ARG 4 ? ? NH2 A ARG 4 ? ? 123.72 120.30 3.42 0.50 N 
8  8  NE A ARG 4 ? ? CZ A ARG 4 ? ? NH2 A ARG 4 ? ? 123.69 120.30 3.39 0.50 N 
9  9  NE A ARG 4 ? ? CZ A ARG 4 ? ? NH2 A ARG 4 ? ? 123.75 120.30 3.45 0.50 N 
10 10 NE A ARG 4 ? ? CZ A ARG 4 ? ? NH2 A ARG 4 ? ? 123.50 120.30 3.20 0.50 N 
# 
loop_
_pdbx_validate_torsion.id 
_pdbx_validate_torsion.PDB_model_num 
_pdbx_validate_torsion.auth_comp_id 
_pdbx_validate_torsion.auth_asym_id 
_pdbx_validate_torsion.auth_seq_id 
_pdbx_validate_torsion.PDB_ins_code 
_pdbx_validate_torsion.label_alt_id 
_pdbx_validate_torsion.phi 
_pdbx_validate_torsion.psi 
1  1  ALA A 2 ? ? 59.08   119.98 
2  1  CYS A 3 ? ? -121.29 -58.97 
3  1  PHE A 5 ? ? -140.95 -70.65 
4  2  CYS A 3 ? ? -127.31 -60.50 
5  2  PHE A 5 ? ? -140.61 -70.18 
6  3  CYS A 3 ? ? -128.06 -59.04 
7  3  PHE A 5 ? ? -138.93 -70.51 
8  4  CYS A 3 ? ? -106.47 -60.03 
9  4  PHE A 5 ? ? -142.02 -70.32 
10 5  ALA A 2 ? ? -44.95  108.91 
11 5  PHE A 5 ? ? -142.30 -70.58 
12 6  CYS A 3 ? ? -105.24 -60.33 
13 6  PHE A 5 ? ? -138.31 -70.48 
14 7  ALA A 2 ? ? 41.27   70.07  
15 7  PHE A 5 ? ? -135.48 -64.68 
16 7  PHE A 6 ? ? -126.97 -52.93 
17 8  ALA A 2 ? ? 53.43   70.58  
18 8  PHE A 5 ? ? -134.81 -65.64 
19 8  PHE A 6 ? ? -122.46 -68.18 
20 9  ALA A 2 ? ? 40.62   70.22  
21 9  PHE A 5 ? ? -135.49 -64.86 
22 9  PHE A 6 ? ? -126.86 -52.94 
23 10 ALA A 2 ? ? 176.59  87.28  
24 10 PHE A 5 ? ? -136.74 -64.30 
25 10 PHE A 6 ? ? -127.08 -52.87 
# 
_pdbx_nmr_ensemble.entry_id                                      5OLF 
_pdbx_nmr_ensemble.conformers_calculated_total_number            100 
_pdbx_nmr_ensemble.conformers_submitted_total_number             10 
_pdbx_nmr_ensemble.conformer_selection_criteria                  'structures with the lowest energy' 
_pdbx_nmr_ensemble.representative_conformer                      ? 
_pdbx_nmr_ensemble.average_constraints_per_residue               ? 
_pdbx_nmr_ensemble.average_constraint_violations_per_residue     ? 
_pdbx_nmr_ensemble.maximum_distance_constraint_violation         ? 
_pdbx_nmr_ensemble.average_distance_constraint_violation         ? 
_pdbx_nmr_ensemble.maximum_upper_distance_constraint_violation   ? 
_pdbx_nmr_ensemble.maximum_lower_distance_constraint_violation   ? 
_pdbx_nmr_ensemble.distance_constraint_violation_method          ? 
_pdbx_nmr_ensemble.maximum_torsion_angle_constraint_violation    ? 
_pdbx_nmr_ensemble.average_torsion_angle_constraint_violation    ? 
_pdbx_nmr_ensemble.torsion_angle_constraint_violation_method     ? 
# 
_pdbx_nmr_representative.entry_id             5OLF 
_pdbx_nmr_representative.conformer_id         1 
_pdbx_nmr_representative.selection_criteria   'lowest energy' 
# 
_pdbx_nmr_sample_details.solution_id      1 
_pdbx_nmr_sample_details.contents         '2.0 mM NA peptide, 10 % [U-99% 2H] D2O, 90% H2O/10% D2O' 
_pdbx_nmr_sample_details.solvent_system   '90% H2O/10% D2O' 
_pdbx_nmr_sample_details.label            1H_sample 
_pdbx_nmr_sample_details.type             micelle 
_pdbx_nmr_sample_details.details          ? 
# 
loop_
_pdbx_nmr_exptl_sample.solution_id 
_pdbx_nmr_exptl_sample.component 
_pdbx_nmr_exptl_sample.concentration 
_pdbx_nmr_exptl_sample.concentration_range 
_pdbx_nmr_exptl_sample.concentration_units 
_pdbx_nmr_exptl_sample.isotopic_labeling 
1 peptide 2.0 ? mM NA           
1 D2O     10  ? %  '[U-99% 2H]' 
# 
_pdbx_nmr_exptl_sample_conditions.conditions_id          1 
_pdbx_nmr_exptl_sample_conditions.temperature            298 
_pdbx_nmr_exptl_sample_conditions.pressure_units         atm 
_pdbx_nmr_exptl_sample_conditions.pressure               1 
_pdbx_nmr_exptl_sample_conditions.pH                     5.5 
_pdbx_nmr_exptl_sample_conditions.ionic_strength         0 
_pdbx_nmr_exptl_sample_conditions.details                ? 
_pdbx_nmr_exptl_sample_conditions.ionic_strength_err     ? 
_pdbx_nmr_exptl_sample_conditions.ionic_strength_units   mM 
_pdbx_nmr_exptl_sample_conditions.label                  conditions_1 
_pdbx_nmr_exptl_sample_conditions.pH_err                 ? 
_pdbx_nmr_exptl_sample_conditions.pH_units               pH 
_pdbx_nmr_exptl_sample_conditions.pressure_err           ? 
_pdbx_nmr_exptl_sample_conditions.temperature_err        ? 
_pdbx_nmr_exptl_sample_conditions.temperature_units      K 
# 
loop_
_pdbx_nmr_exptl.experiment_id 
_pdbx_nmr_exptl.conditions_id 
_pdbx_nmr_exptl.solution_id 
_pdbx_nmr_exptl.type 
_pdbx_nmr_exptl.spectrometer_id 
_pdbx_nmr_exptl.sample_state 
1 1 1 '2D 1H-1H NOESY' 1 anisotropic 
2 1 1 '2D 1H-1H TOCSY' 1 anisotropic 
3 1 1 '2D DQF-COSY'    1 anisotropic 
# 
_pdbx_nmr_refine.entry_id           5OLF 
_pdbx_nmr_refine.method             'simulated annealing' 
_pdbx_nmr_refine.details            ? 
_pdbx_nmr_refine.software_ordinal   3 
# 
loop_
_pdbx_nmr_software.ordinal 
_pdbx_nmr_software.classification 
_pdbx_nmr_software.name 
_pdbx_nmr_software.version 
_pdbx_nmr_software.authors 
1 collection                  VNMR  ? Varian                        
2 'chemical shift assignment' XEASY ? 'Bartels et al.'              
3 'structure calculation'     DYANA ? 'Guntert, Braun and Wuthrich' 
# 
loop_
_chem_comp_atom.comp_id 
_chem_comp_atom.atom_id 
_chem_comp_atom.type_symbol 
_chem_comp_atom.pdbx_aromatic_flag 
_chem_comp_atom.pdbx_stereo_config 
_chem_comp_atom.pdbx_ordinal 
9XQ CG   C Y N 1   
9XQ CD1  C Y N 2   
9XQ CE1  C Y N 3   
9XQ CZ   C Y N 4   
9XQ CE2  C Y N 5   
9XQ CD2  C Y N 6   
9XQ NH1  N N N 7   
9XQ NH2  N N N 8   
9XQ C    C N N 9   
9XQ O    O N N 10  
9XQ NE3  N N N 11  
9XQ CE4  C N N 12  
9XQ HD1  H N N 13  
9XQ HZ   H N N 14  
9XQ HE2  H N N 15  
9XQ HD2  H N N 16  
9XQ HH12 H N N 17  
9XQ HH11 H N N 18  
9XQ HH21 H N N 19  
9XQ HE3  H N N 20  
9XQ OXT  O N N 21  
9XQ HXT  H N N 22  
9XQ HH22 H N N 23  
ALA N    N N N 24  
ALA CA   C N S 25  
ALA C    C N N 26  
ALA O    O N N 27  
ALA CB   C N N 28  
ALA OXT  O N N 29  
ALA H    H N N 30  
ALA H2   H N N 31  
ALA HA   H N N 32  
ALA HB1  H N N 33  
ALA HB2  H N N 34  
ALA HB3  H N N 35  
ALA HXT  H N N 36  
ARG N    N N N 37  
ARG CA   C N S 38  
ARG C    C N N 39  
ARG O    O N N 40  
ARG CB   C N N 41  
ARG CG   C N N 42  
ARG CD   C N N 43  
ARG NE   N N N 44  
ARG CZ   C N N 45  
ARG NH1  N N N 46  
ARG NH2  N N N 47  
ARG OXT  O N N 48  
ARG H    H N N 49  
ARG H2   H N N 50  
ARG HA   H N N 51  
ARG HB2  H N N 52  
ARG HB3  H N N 53  
ARG HG2  H N N 54  
ARG HG3  H N N 55  
ARG HD2  H N N 56  
ARG HD3  H N N 57  
ARG HE   H N N 58  
ARG HH11 H N N 59  
ARG HH12 H N N 60  
ARG HH21 H N N 61  
ARG HH22 H N N 62  
ARG HXT  H N N 63  
CYS N    N N N 64  
CYS CA   C N R 65  
CYS C    C N N 66  
CYS O    O N N 67  
CYS CB   C N N 68  
CYS SG   S N N 69  
CYS OXT  O N N 70  
CYS H    H N N 71  
CYS H2   H N N 72  
CYS HA   H N N 73  
CYS HB2  H N N 74  
CYS HB3  H N N 75  
CYS HG   H N N 76  
CYS HXT  H N N 77  
PHE N    N N N 78  
PHE CA   C N S 79  
PHE C    C N N 80  
PHE O    O N N 81  
PHE CB   C N N 82  
PHE CG   C Y N 83  
PHE CD1  C Y N 84  
PHE CD2  C Y N 85  
PHE CE1  C Y N 86  
PHE CE2  C Y N 87  
PHE CZ   C Y N 88  
PHE OXT  O N N 89  
PHE H    H N N 90  
PHE H2   H N N 91  
PHE HA   H N N 92  
PHE HB2  H N N 93  
PHE HB3  H N N 94  
PHE HD1  H N N 95  
PHE HD2  H N N 96  
PHE HE1  H N N 97  
PHE HE2  H N N 98  
PHE HZ   H N N 99  
PHE HXT  H N N 100 
# 
loop_
_chem_comp_bond.comp_id 
_chem_comp_bond.atom_id_1 
_chem_comp_bond.atom_id_2 
_chem_comp_bond.value_order 
_chem_comp_bond.pdbx_aromatic_flag 
_chem_comp_bond.pdbx_stereo_config 
_chem_comp_bond.pdbx_ordinal 
9XQ NH2 CE4  doub N N 1  
9XQ CE4 NE3  sing N N 2  
9XQ CE4 NH1  sing N N 3  
9XQ O   C    doub N N 4  
9XQ NE3 CE1  sing N N 5  
9XQ CD1 CE1  doub Y N 6  
9XQ CD1 CG   sing Y N 7  
9XQ C   CG   sing N N 8  
9XQ CE1 CZ   sing Y N 9  
9XQ CG  CD2  doub Y N 10 
9XQ CZ  CE2  doub Y N 11 
9XQ CD2 CE2  sing Y N 12 
9XQ CD1 HD1  sing N N 13 
9XQ CZ  HZ   sing N N 14 
9XQ CE2 HE2  sing N N 15 
9XQ CD2 HD2  sing N N 16 
9XQ NH1 HH12 sing N N 17 
9XQ NH1 HH11 sing N N 18 
9XQ NH2 HH21 sing N N 19 
9XQ NE3 HE3  sing N N 20 
9XQ C   OXT  sing N N 21 
9XQ OXT HXT  sing N N 22 
9XQ NH2 HH22 sing N N 23 
ALA N   CA   sing N N 24 
ALA N   H    sing N N 25 
ALA N   H2   sing N N 26 
ALA CA  C    sing N N 27 
ALA CA  CB   sing N N 28 
ALA CA  HA   sing N N 29 
ALA C   O    doub N N 30 
ALA C   OXT  sing N N 31 
ALA CB  HB1  sing N N 32 
ALA CB  HB2  sing N N 33 
ALA CB  HB3  sing N N 34 
ALA OXT HXT  sing N N 35 
ARG N   CA   sing N N 36 
ARG N   H    sing N N 37 
ARG N   H2   sing N N 38 
ARG CA  C    sing N N 39 
ARG CA  CB   sing N N 40 
ARG CA  HA   sing N N 41 
ARG C   O    doub N N 42 
ARG C   OXT  sing N N 43 
ARG CB  CG   sing N N 44 
ARG CB  HB2  sing N N 45 
ARG CB  HB3  sing N N 46 
ARG CG  CD   sing N N 47 
ARG CG  HG2  sing N N 48 
ARG CG  HG3  sing N N 49 
ARG CD  NE   sing N N 50 
ARG CD  HD2  sing N N 51 
ARG CD  HD3  sing N N 52 
ARG NE  CZ   sing N N 53 
ARG NE  HE   sing N N 54 
ARG CZ  NH1  sing N N 55 
ARG CZ  NH2  doub N N 56 
ARG NH1 HH11 sing N N 57 
ARG NH1 HH12 sing N N 58 
ARG NH2 HH21 sing N N 59 
ARG NH2 HH22 sing N N 60 
ARG OXT HXT  sing N N 61 
CYS N   CA   sing N N 62 
CYS N   H    sing N N 63 
CYS N   H2   sing N N 64 
CYS CA  C    sing N N 65 
CYS CA  CB   sing N N 66 
CYS CA  HA   sing N N 67 
CYS C   O    doub N N 68 
CYS C   OXT  sing N N 69 
CYS CB  SG   sing N N 70 
CYS CB  HB2  sing N N 71 
CYS CB  HB3  sing N N 72 
CYS SG  HG   sing N N 73 
CYS OXT HXT  sing N N 74 
PHE N   CA   sing N N 75 
PHE N   H    sing N N 76 
PHE N   H2   sing N N 77 
PHE CA  C    sing N N 78 
PHE CA  CB   sing N N 79 
PHE CA  HA   sing N N 80 
PHE C   O    doub N N 81 
PHE C   OXT  sing N N 82 
PHE CB  CG   sing N N 83 
PHE CB  HB2  sing N N 84 
PHE CB  HB3  sing N N 85 
PHE CG  CD1  doub Y N 86 
PHE CG  CD2  sing Y N 87 
PHE CD1 CE1  sing Y N 88 
PHE CD1 HD1  sing N N 89 
PHE CD2 CE2  doub Y N 90 
PHE CD2 HD2  sing N N 91 
PHE CE1 CZ   doub Y N 92 
PHE CE1 HE1  sing N N 93 
PHE CE2 CZ   sing Y N 94 
PHE CE2 HE2  sing N N 95 
PHE CZ  HZ   sing N N 96 
PHE OXT HXT  sing N N 97 
# 
_pdbx_nmr_spectrometer.spectrometer_id   1 
_pdbx_nmr_spectrometer.model             INOVA 
_pdbx_nmr_spectrometer.type              ? 
_pdbx_nmr_spectrometer.manufacturer      Varian 
_pdbx_nmr_spectrometer.field_strength    600 
_pdbx_nmr_spectrometer.details           ? 
# 
_atom_sites.entry_id                    5OLF 
_atom_sites.fract_transf_matrix[1][1]   1.000000 
_atom_sites.fract_transf_matrix[1][2]   0.000000 
_atom_sites.fract_transf_matrix[1][3]   0.000000 
_atom_sites.fract_transf_matrix[2][1]   0.000000 
_atom_sites.fract_transf_matrix[2][2]   1.000000 
_atom_sites.fract_transf_matrix[2][3]   0.000000 
_atom_sites.fract_transf_matrix[3][1]   0.000000 
_atom_sites.fract_transf_matrix[3][2]   0.000000 
_atom_sites.fract_transf_matrix[3][3]   1.000000 
_atom_sites.fract_transf_vector[1]      0.00000 
_atom_sites.fract_transf_vector[2]      0.00000 
_atom_sites.fract_transf_vector[3]      0.00000 
# 
loop_
_atom_type.symbol 
C 
H 
N 
O 
S 
# 
loop_
_atom_site.group_PDB 
_atom_site.id 
_atom_site.type_symbol 
_atom_site.label_atom_id 
_atom_site.label_alt_id 
_atom_site.label_comp_id 
_atom_site.label_asym_id 
_atom_site.label_entity_id 
_atom_site.label_seq_id 
_atom_site.pdbx_PDB_ins_code 
_atom_site.Cartn_x 
_atom_site.Cartn_y 
_atom_site.Cartn_z 
_atom_site.occupancy 
_atom_site.B_iso_or_equiv 
_atom_site.pdbx_formal_charge 
_atom_site.auth_seq_id 
_atom_site.auth_comp_id 
_atom_site.auth_asym_id 
_atom_site.auth_atom_id 
_atom_site.pdbx_PDB_model_num 
HETATM 1    C CG   . 9XQ A 1 1 ? 0.627  6.571   -2.442 1.00 0.00 ? 1 9XQ A CG   1  
HETATM 2    C CD1  . 9XQ A 1 1 ? -0.008 7.200   -1.354 1.00 0.00 ? 1 9XQ A CD1  1  
HETATM 3    C CE1  . 9XQ A 1 1 ? 0.232  8.547   -1.057 1.00 0.00 ? 1 9XQ A CE1  1  
HETATM 4    C CZ   . 9XQ A 1 1 ? 1.154  9.258   -1.837 1.00 0.00 ? 1 9XQ A CZ   1  
HETATM 5    C CE2  . 9XQ A 1 1 ? 1.809  8.646   -2.896 1.00 0.00 ? 1 9XQ A CE2  1  
HETATM 6    C CD2  . 9XQ A 1 1 ? 1.539  7.318   -3.200 1.00 0.00 ? 1 9XQ A CD2  1  
HETATM 7    N NH1  . 9XQ A 1 1 ? 0.245  11.306  0.471  1.00 0.00 ? 1 9XQ A NH1  1  
HETATM 8    N NH2  . 9XQ A 1 1 ? -1.542 10.541  1.535  1.00 0.00 ? 1 9XQ A NH2  1  
HETATM 9    C C    . 9XQ A 1 1 ? 0.372  5.137   -2.862 1.00 0.00 ? 1 9XQ A C    1  
HETATM 10   O O    . 9XQ A 1 1 ? 0.625  4.786   -4.016 1.00 0.00 ? 1 9XQ A O    1  
HETATM 11   N NE3  . 9XQ A 1 1 ? -0.555 9.157   0.013  1.00 0.00 ? 1 9XQ A NE3  1  
HETATM 12   C CE4  . 9XQ A 1 1 ? -0.602 10.330  0.652  1.00 0.00 ? 1 9XQ A CE4  1  
HETATM 13   H HD1  . 9XQ A 1 1 ? -0.725 6.628   -0.782 1.00 0.00 ? 1 9XQ A HD1  1  
HETATM 14   H HZ   . 9XQ A 1 1 ? 1.366  10.305  -1.685 1.00 0.00 ? 1 9XQ A HZ   1  
HETATM 15   H HE2  . 9XQ A 1 1 ? 2.517  9.197   -3.502 1.00 0.00 ? 1 9XQ A HE2  1  
HETATM 16   H HD2  . 9XQ A 1 1 ? 2.060  6.863   -4.034 1.00 0.00 ? 1 9XQ A HD2  1  
HETATM 17   H HH12 . 9XQ A 1 1 ? 1.003  11.155  -0.204 1.00 0.00 ? 1 9XQ A HH12 1  
HETATM 18   H HH11 . 9XQ A 1 1 ? 0.100  12.158  1.024  1.00 0.00 ? 1 9XQ A HH11 1  
HETATM 19   H HH21 . 9XQ A 1 1 ? -2.267 9.843   1.725  1.00 0.00 ? 1 9XQ A HH21 1  
HETATM 20   H HE3  . 9XQ A 1 1 ? -1.279 8.546   0.381  1.00 0.00 ? 1 9XQ A HE3  1  
HETATM 21   H HH22 . 9XQ A 1 1 ? -1.505 11.470  1.973  1.00 0.00 ? 1 9XQ A HH22 1  
ATOM   22   N N    . ALA A 1 2 ? -0.112 4.241   -1.962 1.00 0.00 ? 2 ALA A N    1  
ATOM   23   C CA   . ALA A 1 2 ? -0.194 2.770   -2.223 1.00 0.00 ? 2 ALA A CA   1  
ATOM   24   C C    . ALA A 1 2 ? 1.180  2.062   -2.548 1.00 0.00 ? 2 ALA A C    1  
ATOM   25   O O    . ALA A 1 2 ? 1.881  2.392   -3.505 1.00 0.00 ? 2 ALA A O    1  
ATOM   26   C CB   . ALA A 1 2 ? -1.311 2.456   -3.241 1.00 0.00 ? 2 ALA A CB   1  
ATOM   27   H H    . ALA A 1 2 ? -0.260 4.613   -1.022 1.00 0.00 ? 2 ALA A H    1  
ATOM   28   H HA   . ALA A 1 2 ? -0.564 2.340   -1.271 1.00 0.00 ? 2 ALA A HA   1  
ATOM   29   H HB1  . ALA A 1 2 ? -1.500 1.370   -3.323 1.00 0.00 ? 2 ALA A HB1  1  
ATOM   30   H HB2  . ALA A 1 2 ? -2.270 2.935   -2.973 1.00 0.00 ? 2 ALA A HB2  1  
ATOM   31   H HB3  . ALA A 1 2 ? -1.041 2.812   -4.253 1.00 0.00 ? 2 ALA A HB3  1  
ATOM   32   N N    . CYS A 1 3 ? 1.576  1.080   -1.728 1.00 0.00 ? 3 CYS A N    1  
ATOM   33   C CA   . CYS A 1 3 ? 2.844  0.309   -1.920 1.00 0.00 ? 3 CYS A CA   1  
ATOM   34   C C    . CYS A 1 3 ? 2.543  -1.218  -2.071 1.00 0.00 ? 3 CYS A C    1  
ATOM   35   O O    . CYS A 1 3 ? 2.863  -1.831  -3.089 1.00 0.00 ? 3 CYS A O    1  
ATOM   36   C CB   . CYS A 1 3 ? 3.844  0.641   -0.777 1.00 0.00 ? 3 CYS A CB   1  
ATOM   37   S SG   . CYS A 1 3 ? 3.932  2.420   -0.463 1.00 0.00 ? 3 CYS A SG   1  
ATOM   38   H H    . CYS A 1 3 ? 0.847  0.795   -1.072 1.00 0.00 ? 3 CYS A H    1  
ATOM   39   H HA   . CYS A 1 3 ? 3.341  0.606   -2.866 1.00 0.00 ? 3 CYS A HA   1  
ATOM   40   H HB2  . CYS A 1 3 ? 3.559  0.151   0.172  1.00 0.00 ? 3 CYS A HB2  1  
ATOM   41   H HB3  . CYS A 1 3 ? 4.854  0.265   -1.022 1.00 0.00 ? 3 CYS A HB3  1  
ATOM   42   N N    . ARG A 1 4 ? 1.904  -1.824  -1.055 1.00 0.00 ? 4 ARG A N    1  
ATOM   43   C CA   . ARG A 1 4 ? 1.373  -3.215  -1.125 1.00 0.00 ? 4 ARG A CA   1  
ATOM   44   C C    . ARG A 1 4 ? -0.171 -3.364  -0.919 1.00 0.00 ? 4 ARG A C    1  
ATOM   45   O O    . ARG A 1 4 ? -0.778 -4.204  -1.587 1.00 0.00 ? 4 ARG A O    1  
ATOM   46   C CB   . ARG A 1 4 ? 2.211  -4.076  -0.135 1.00 0.00 ? 4 ARG A CB   1  
ATOM   47   C CG   . ARG A 1 4 ? 3.504  -4.661  -0.774 1.00 0.00 ? 4 ARG A CG   1  
ATOM   48   C CD   . ARG A 1 4 ? 3.531  -6.196  -0.899 1.00 0.00 ? 4 ARG A CD   1  
ATOM   49   N NE   . ARG A 1 4 ? 2.396  -6.680  -1.741 1.00 0.00 ? 4 ARG A NE   1  
ATOM   50   C CZ   . ARG A 1 4 ? 2.054  -7.947  -1.919 1.00 0.00 ? 4 ARG A CZ   1  
ATOM   51   N NH1  . ARG A 1 4 ? 0.971  -8.197  -2.582 1.00 0.00 ? 4 ARG A NH1  1  
ATOM   52   N NH2  . ARG A 1 4 ? 2.751  -8.950  -1.466 1.00 0.00 ? 4 ARG A NH2  1  
ATOM   53   H H    . ARG A 1 4 ? 1.798  -1.217  -0.240 1.00 0.00 ? 4 ARG A H    1  
ATOM   54   H HA   . ARG A 1 4 ? 1.515  -3.619  -2.148 1.00 0.00 ? 4 ARG A HA   1  
ATOM   55   H HB2  . ARG A 1 4 ? 2.463  -3.503  0.780  1.00 0.00 ? 4 ARG A HB2  1  
ATOM   56   H HB3  . ARG A 1 4 ? 1.587  -4.900  0.265  1.00 0.00 ? 4 ARG A HB3  1  
ATOM   57   H HG2  . ARG A 1 4 ? 3.707  -4.202  -1.768 1.00 0.00 ? 4 ARG A HG2  1  
ATOM   58   H HG3  . ARG A 1 4 ? 4.378  -4.334  -0.175 1.00 0.00 ? 4 ARG A HG3  1  
ATOM   59   H HD2  . ARG A 1 4 ? 4.506  -6.503  -1.334 1.00 0.00 ? 4 ARG A HD2  1  
ATOM   60   H HD3  . ARG A 1 4 ? 3.496  -6.636  0.121  1.00 0.00 ? 4 ARG A HD3  1  
ATOM   61   H HE   . ARG A 1 4 ? 1.737  -6.013  -2.156 1.00 0.00 ? 4 ARG A HE   1  
ATOM   62   H HH11 . ARG A 1 4 ? 0.720  -9.179  -2.721 1.00 0.00 ? 4 ARG A HH11 1  
ATOM   63   H HH12 . ARG A 1 4 ? 0.437  -7.387  -2.909 1.00 0.00 ? 4 ARG A HH12 1  
ATOM   64   H HH21 . ARG A 1 4 ? 2.431  -9.900  -1.662 1.00 0.00 ? 4 ARG A HH21 1  
ATOM   65   H HH22 . ARG A 1 4 ? 3.602  -8.672  -0.976 1.00 0.00 ? 4 ARG A HH22 1  
ATOM   66   N N    . PHE A 1 5 ? -0.782 -2.616  0.016  1.00 0.00 ? 5 PHE A N    1  
ATOM   67   C CA   . PHE A 1 5 ? -2.245 -2.698  0.323  1.00 0.00 ? 5 PHE A CA   1  
ATOM   68   C C    . PHE A 1 5 ? -2.776 -1.245  0.592  1.00 0.00 ? 5 PHE A C    1  
ATOM   69   O O    . PHE A 1 5 ? -3.473 -0.653  -0.230 1.00 0.00 ? 5 PHE A O    1  
ATOM   70   C CB   . PHE A 1 5 ? -2.534 -3.700  1.497  1.00 0.00 ? 5 PHE A CB   1  
ATOM   71   C CG   . PHE A 1 5 ? -1.929 -5.112  1.405  1.00 0.00 ? 5 PHE A CG   1  
ATOM   72   C CD1  . PHE A 1 5 ? -0.794 -5.438  2.156  1.00 0.00 ? 5 PHE A CD1  1  
ATOM   73   C CD2  . PHE A 1 5 ? -2.473 -6.063  0.536  1.00 0.00 ? 5 PHE A CD2  1  
ATOM   74   C CE1  . PHE A 1 5 ? -0.208 -6.696  2.037  1.00 0.00 ? 5 PHE A CE1  1  
ATOM   75   C CE2  . PHE A 1 5 ? -1.886 -7.322  0.418  1.00 0.00 ? 5 PHE A CE2  1  
ATOM   76   C CZ   . PHE A 1 5 ? -0.755 -7.638  1.168  1.00 0.00 ? 5 PHE A CZ   1  
ATOM   77   H H    . PHE A 1 5 ? -0.185 -1.890  0.414  1.00 0.00 ? 5 PHE A H    1  
ATOM   78   H HA   . PHE A 1 5 ? -2.798 -3.058  -0.570 1.00 0.00 ? 5 PHE A HA   1  
ATOM   79   H HB2  . PHE A 1 5 ? -2.222 -3.252  2.460  1.00 0.00 ? 5 PHE A HB2  1  
ATOM   80   H HB3  . PHE A 1 5 ? -3.631 -3.796  1.612  1.00 0.00 ? 5 PHE A HB3  1  
ATOM   81   H HD1  . PHE A 1 5 ? -0.357 -4.715  2.831  1.00 0.00 ? 5 PHE A HD1  1  
ATOM   82   H HD2  . PHE A 1 5 ? -3.341 -5.821  -0.059 1.00 0.00 ? 5 PHE A HD2  1  
ATOM   83   H HE1  . PHE A 1 5 ? 0.659  -6.946  2.632  1.00 0.00 ? 5 PHE A HE1  1  
ATOM   84   H HE2  . PHE A 1 5 ? -2.321 -8.054  -0.247 1.00 0.00 ? 5 PHE A HE2  1  
ATOM   85   H HZ   . PHE A 1 5 ? -0.316 -8.622  1.095  1.00 0.00 ? 5 PHE A HZ   1  
ATOM   86   N N    . PHE A 1 6 ? -2.374 -0.667  1.732  1.00 0.00 ? 6 PHE A N    1  
ATOM   87   C CA   . PHE A 1 6 ? -2.720 0.717   2.180  1.00 0.00 ? 6 PHE A CA   1  
ATOM   88   C C    . PHE A 1 6 ? -1.484 1.686   2.280  1.00 0.00 ? 6 PHE A C    1  
ATOM   89   O O    . PHE A 1 6 ? -1.627 2.880   2.000  1.00 0.00 ? 6 PHE A O    1  
ATOM   90   C CB   . PHE A 1 6 ? -3.572 0.663   3.499  1.00 0.00 ? 6 PHE A CB   1  
ATOM   91   C CG   . PHE A 1 6 ? -3.339 -0.479  4.522  1.00 0.00 ? 6 PHE A CG   1  
ATOM   92   C CD1  . PHE A 1 6 ? -4.166 -1.608  4.483  1.00 0.00 ? 6 PHE A CD1  1  
ATOM   93   C CD2  . PHE A 1 6 ? -2.272 -0.442  5.423  1.00 0.00 ? 6 PHE A CD2  1  
ATOM   94   C CE1  . PHE A 1 6 ? -3.926 -2.688  5.329  1.00 0.00 ? 6 PHE A CE1  1  
ATOM   95   C CE2  . PHE A 1 6 ? -2.034 -1.523  6.274  1.00 0.00 ? 6 PHE A CE2  1  
ATOM   96   C CZ   . PHE A 1 6 ? -2.860 -2.645  6.224  1.00 0.00 ? 6 PHE A CZ   1  
ATOM   97   H H    . PHE A 1 6 ? -2.026 -1.353  2.408  1.00 0.00 ? 6 PHE A H    1  
ATOM   98   H HA   . PHE A 1 6 ? -3.368 1.200   1.419  1.00 0.00 ? 6 PHE A HA   1  
ATOM   99   H HB2  . PHE A 1 6 ? -3.503 1.633   4.029  1.00 0.00 ? 6 PHE A HB2  1  
ATOM   100  H HB3  . PHE A 1 6 ? -4.637 0.638   3.194  1.00 0.00 ? 6 PHE A HB3  1  
ATOM   101  H HD1  . PHE A 1 6 ? -4.991 -1.662  3.785  1.00 0.00 ? 6 PHE A HD1  1  
ATOM   102  H HD2  . PHE A 1 6 ? -1.621 0.421   5.468  1.00 0.00 ? 6 PHE A HD2  1  
ATOM   103  H HE1  . PHE A 1 6 ? -4.571 -3.555  5.296  1.00 0.00 ? 6 PHE A HE1  1  
ATOM   104  H HE2  . PHE A 1 6 ? -1.215 -1.492  6.978  1.00 0.00 ? 6 PHE A HE2  1  
ATOM   105  H HZ   . PHE A 1 6 ? -2.684 -3.479  6.888  1.00 0.00 ? 6 PHE A HZ   1  
ATOM   106  N N    . CYS A 1 7 ? -0.281 1.200   2.665  1.00 0.00 ? 7 CYS A N    1  
ATOM   107  C CA   . CYS A 1 7 ? 0.961  2.015   2.817  1.00 0.00 ? 7 CYS A CA   1  
ATOM   108  C C    . CYS A 1 7 ? 0.851  3.211   3.816  1.00 0.00 ? 7 CYS A C    1  
ATOM   109  O O    . CYS A 1 7 ? 1.378  4.380   3.352  1.00 0.00 ? 7 CYS A O    1  
ATOM   110  C CB   . CYS A 1 7 ? 1.520  2.284   1.401  1.00 0.00 ? 7 CYS A CB   1  
ATOM   111  S SG   . CYS A 1 7 ? 3.266  2.727   1.402  1.00 0.00 ? 7 CYS A SG   1  
ATOM   112  O OXT  . CYS A 1 7 ? 0.281  3.095   5.039  1.00 0.00 ? 7 CYS A OXT  1  
ATOM   113  H H    . CYS A 1 7 ? -0.289 0.182   2.769  1.00 0.00 ? 7 CYS A H    1  
ATOM   114  H HA   . CYS A 1 7 ? 1.700  1.350   3.302  1.00 0.00 ? 7 CYS A HA   1  
ATOM   115  H HB2  . CYS A 1 7 ? 1.462  1.353   0.816  1.00 0.00 ? 7 CYS A HB2  1  
ATOM   116  H HB3  . CYS A 1 7 ? 0.932  3.041   0.851  1.00 0.00 ? 7 CYS A HB3  1  
HETATM 117  C CG   . 9XQ A 1 1 ? -0.389 6.463   -1.498 1.00 0.00 ? 1 9XQ A CG   2  
HETATM 118  C CD1  . 9XQ A 1 1 ? -1.330 7.291   -0.862 1.00 0.00 ? 1 9XQ A CD1  2  
HETATM 119  C CE1  . 9XQ A 1 1 ? -1.054 8.628   -0.573 1.00 0.00 ? 1 9XQ A CE1  2  
HETATM 120  C CZ   . 9XQ A 1 1 ? 0.182  9.163   -0.965 1.00 0.00 ? 1 9XQ A CZ   2  
HETATM 121  C CE2  . 9XQ A 1 1 ? 1.116  8.374   -1.622 1.00 0.00 ? 1 9XQ A CE2  2  
HETATM 122  C CD2  . 9XQ A 1 1 ? 0.838  7.043   -1.885 1.00 0.00 ? 1 9XQ A CD2  2  
HETATM 123  N NH1  . 9XQ A 1 1 ? -1.317 11.557  0.589  1.00 0.00 ? 1 9XQ A NH1  2  
HETATM 124  N NH2  . 9XQ A 1 1 ? -3.287 10.897  1.353  1.00 0.00 ? 1 9XQ A NH2  2  
HETATM 125  C C    . 9XQ A 1 1 ? -0.751 4.998   -1.706 1.00 0.00 ? 1 9XQ A C    2  
HETATM 126  O O    . 9XQ A 1 1 ? -1.871 4.565   -1.415 1.00 0.00 ? 1 9XQ A O    2  
HETATM 127  N NE3  . 9XQ A 1 1 ? -2.065 9.381   0.164  1.00 0.00 ? 1 9XQ A NE3  2  
HETATM 128  C CE4  . 9XQ A 1 1 ? -2.204 10.604  0.687  1.00 0.00 ? 1 9XQ A CE4  2  
HETATM 129  H HD1  . 9XQ A 1 1 ? -2.279 6.854   -0.572 1.00 0.00 ? 1 9XQ A HD1  2  
HETATM 130  H HZ   . 9XQ A 1 1 ? 0.462  10.187  -0.776 1.00 0.00 ? 1 9XQ A HZ   2  
HETATM 131  H HE2  . 9XQ A 1 1 ? 2.069  8.793   -1.925 1.00 0.00 ? 1 9XQ A HE2  2  
HETATM 132  H HD2  . 9XQ A 1 1 ? 1.587  6.456   -2.396 1.00 0.00 ? 1 9XQ A HD2  2  
HETATM 133  H HH12 . 9XQ A 1 1 ? -0.459 11.355  0.065  1.00 0.00 ? 1 9XQ A HH12 2  
HETATM 134  H HH11 . 9XQ A 1 1 ? -1.546 12.450  1.039  1.00 0.00 ? 1 9XQ A HH11 2  
HETATM 135  H HH21 . 9XQ A 1 1 ? -3.307 11.853  1.727  1.00 0.00 ? 1 9XQ A HH21 2  
HETATM 136  H HE3  . 9XQ A 1 1 ? -2.894 8.827   0.368  1.00 0.00 ? 1 9XQ A HE3  2  
HETATM 137  H HH22 . 9XQ A 1 1 ? -4.036 10.209  1.490  1.00 0.00 ? 1 9XQ A HH22 2  
ATOM   138  N N    . ALA A 1 2 ? 0.185  4.168   -2.205 1.00 0.00 ? 2 ALA A N    2  
ATOM   139  C CA   . ALA A 1 2 ? 0.007  2.705   -2.382 1.00 0.00 ? 2 ALA A CA   2  
ATOM   140  C C    . ALA A 1 2 ? 1.413  2.040   -2.558 1.00 0.00 ? 2 ALA A C    2  
ATOM   141  O O    . ALA A 1 2 ? 2.231  2.467   -3.377 1.00 0.00 ? 2 ALA A O    2  
ATOM   142  C CB   . ALA A 1 2 ? -0.902 2.418   -3.595 1.00 0.00 ? 2 ALA A CB   2  
ATOM   143  H H    . ALA A 1 2 ? 1.103  4.594   -2.369 1.00 0.00 ? 2 ALA A H    2  
ATOM   144  H HA   . ALA A 1 2 ? -0.490 2.296   -1.476 1.00 0.00 ? 2 ALA A HA   2  
ATOM   145  H HB1  . ALA A 1 2 ? -1.035 1.333   -3.760 1.00 0.00 ? 2 ALA A HB1  2  
ATOM   146  H HB2  . ALA A 1 2 ? -1.913 2.845   -3.456 1.00 0.00 ? 2 ALA A HB2  2  
ATOM   147  H HB3  . ALA A 1 2 ? -0.491 2.847   -4.529 1.00 0.00 ? 2 ALA A HB3  2  
ATOM   148  N N    . CYS A 1 3 ? 1.695  0.991   -1.774 1.00 0.00 ? 3 CYS A N    2  
ATOM   149  C CA   . CYS A 1 3 ? 2.948  0.182   -1.887 1.00 0.00 ? 3 CYS A CA   2  
ATOM   150  C C    . CYS A 1 3 ? 2.598  -1.338  -2.018 1.00 0.00 ? 3 CYS A C    2  
ATOM   151  O O    . CYS A 1 3 ? 2.917  -1.977  -3.020 1.00 0.00 ? 3 CYS A O    2  
ATOM   152  C CB   . CYS A 1 3 ? 3.905  0.501   -0.707 1.00 0.00 ? 3 CYS A CB   2  
ATOM   153  S SG   . CYS A 1 3 ? 4.070  2.281   -0.442 1.00 0.00 ? 3 CYS A SG   2  
ATOM   154  H H    . CYS A 1 3 ? 0.921  0.738   -1.157 1.00 0.00 ? 3 CYS A H    2  
ATOM   155  H HA   . CYS A 1 3 ? 3.491  0.445   -2.819 1.00 0.00 ? 3 CYS A HA   2  
ATOM   156  H HB2  . CYS A 1 3 ? 3.548  0.058   0.241  1.00 0.00 ? 3 CYS A HB2  2  
ATOM   157  H HB3  . CYS A 1 3 ? 4.907  0.066   -0.884 1.00 0.00 ? 3 CYS A HB3  2  
ATOM   158  N N    . ARG A 1 4 ? 1.918  -1.908  -1.006 1.00 0.00 ? 4 ARG A N    2  
ATOM   159  C CA   . ARG A 1 4 ? 1.341  -3.283  -1.065 1.00 0.00 ? 4 ARG A CA   2  
ATOM   160  C C    . ARG A 1 4 ? -0.210 -3.382  -0.898 1.00 0.00 ? 4 ARG A C    2  
ATOM   161  O O    . ARG A 1 4 ? -0.825 -4.223  -1.558 1.00 0.00 ? 4 ARG A O    2  
ATOM   162  C CB   . ARG A 1 4 ? 2.118  -4.158  -0.037 1.00 0.00 ? 4 ARG A CB   2  
ATOM   163  C CG   . ARG A 1 4 ? 3.400  -4.814  -0.629 1.00 0.00 ? 4 ARG A CG   2  
ATOM   164  C CD   . ARG A 1 4 ? 3.370  -6.352  -0.706 1.00 0.00 ? 4 ARG A CD   2  
ATOM   165  N NE   . ARG A 1 4 ? 2.235  -6.822  -1.555 1.00 0.00 ? 4 ARG A NE   2  
ATOM   166  C CZ   . ARG A 1 4 ? 1.886  -8.085  -1.747 1.00 0.00 ? 4 ARG A CZ   2  
ATOM   167  N NH1  . ARG A 1 4 ? 0.805  -8.322  -2.420 1.00 0.00 ? 4 ARG A NH1  2  
ATOM   168  N NH2  . ARG A 1 4 ? 2.571  -9.098  -1.298 1.00 0.00 ? 4 ARG A NH2  2  
ATOM   169  H H    . ARG A 1 4 ? 1.814  -1.284  -0.203 1.00 0.00 ? 4 ARG A H    2  
ATOM   170  H HA   . ARG A 1 4 ? 1.498  -3.710  -2.077 1.00 0.00 ? 4 ARG A HA   2  
ATOM   171  H HB2  . ARG A 1 4 ? 2.373  -3.576  0.872  1.00 0.00 ? 4 ARG A HB2  2  
ATOM   172  H HB3  . ARG A 1 4 ? 1.449  -4.945  0.368  1.00 0.00 ? 4 ARG A HB3  2  
ATOM   173  H HG2  . ARG A 1 4 ? 3.642  -4.395  -1.630 1.00 0.00 ? 4 ARG A HG2  2  
ATOM   174  H HG3  . ARG A 1 4 ? 4.272  -4.504  -0.020 1.00 0.00 ? 4 ARG A HG3  2  
ATOM   175  H HD2  . ARG A 1 4 ? 4.342  -6.708  -1.111 1.00 0.00 ? 4 ARG A HD2  2  
ATOM   176  H HD3  . ARG A 1 4 ? 3.297  -6.761  0.326  1.00 0.00 ? 4 ARG A HD3  2  
ATOM   177  H HE   . ARG A 1 4 ? 1.581  -6.147  -1.967 1.00 0.00 ? 4 ARG A HE   2  
ATOM   178  H HH11 . ARG A 1 4 ? 0.550  -9.300  -2.568 1.00 0.00 ? 4 ARG A HH11 2  
ATOM   179  H HH12 . ARG A 1 4 ? 0.280  -7.506  -2.744 1.00 0.00 ? 4 ARG A HH12 2  
ATOM   180  H HH21 . ARG A 1 4 ? 2.248  -10.044 -1.505 1.00 0.00 ? 4 ARG A HH21 2  
ATOM   181  H HH22 . ARG A 1 4 ? 3.421  -8.830  -0.797 1.00 0.00 ? 4 ARG A HH22 2  
ATOM   182  N N    . PHE A 1 5 ? -0.822 -2.596  0.005  1.00 0.00 ? 5 PHE A N    2  
ATOM   183  C CA   . PHE A 1 5 ? -2.294 -2.623  0.272  1.00 0.00 ? 5 PHE A CA   2  
ATOM   184  C C    . PHE A 1 5 ? -2.786 -1.148  0.489  1.00 0.00 ? 5 PHE A C    2  
ATOM   185  O O    . PHE A 1 5 ? -3.452 -0.563  -0.363 1.00 0.00 ? 5 PHE A O    2  
ATOM   186  C CB   . PHE A 1 5 ? -2.651 -3.578  1.466  1.00 0.00 ? 5 PHE A CB   2  
ATOM   187  C CG   . PHE A 1 5 ? -2.110 -5.017  1.417  1.00 0.00 ? 5 PHE A CG   2  
ATOM   188  C CD1  . PHE A 1 5 ? -1.004 -5.376  2.199  1.00 0.00 ? 5 PHE A CD1  2  
ATOM   189  C CD2  . PHE A 1 5 ? -2.677 -5.962  0.558  1.00 0.00 ? 5 PHE A CD2  2  
ATOM   190  C CE1  . PHE A 1 5 ? -0.475 -6.661  2.120  1.00 0.00 ? 5 PHE A CE1  2  
ATOM   191  C CE2  . PHE A 1 5 ? -2.146 -7.247  0.479  1.00 0.00 ? 5 PHE A CE2  2  
ATOM   192  C CZ   . PHE A 1 5 ? -1.046 -7.596  1.260  1.00 0.00 ? 5 PHE A CZ   2  
ATOM   193  H H    . PHE A 1 5 ? -0.218 -1.864  0.385  1.00 0.00 ? 5 PHE A H    2  
ATOM   194  H HA   . PHE A 1 5 ? -2.835 -2.989  -0.626 1.00 0.00 ? 5 PHE A HA   2  
ATOM   195  H HB2  . PHE A 1 5 ? -2.338 -3.120  2.424  1.00 0.00 ? 5 PHE A HB2  2  
ATOM   196  H HB3  . PHE A 1 5 ? -3.754 -3.623  1.561  1.00 0.00 ? 5 PHE A HB3  2  
ATOM   197  H HD1  . PHE A 1 5 ? -0.552 -4.657  2.868  1.00 0.00 ? 5 PHE A HD1  2  
ATOM   198  H HD2  . PHE A 1 5 ? -3.522 -5.693  -0.061 1.00 0.00 ? 5 PHE A HD2  2  
ATOM   199  H HE1  . PHE A 1 5 ? 0.368  -6.935  2.739  1.00 0.00 ? 5 PHE A HE1  2  
ATOM   200  H HE2  . PHE A 1 5 ? -2.600 -7.973  -0.180 1.00 0.00 ? 5 PHE A HE2  2  
ATOM   201  H HZ   . PHE A 1 5 ? -0.651 -8.600  1.218  1.00 0.00 ? 5 PHE A HZ   2  
ATOM   202  N N    . PHE A 1 6 ? -2.389 -0.553  1.622  1.00 0.00 ? 6 PHE A N    2  
ATOM   203  C CA   . PHE A 1 6 ? -2.697 0.854   2.019  1.00 0.00 ? 6 PHE A CA   2  
ATOM   204  C C    . PHE A 1 6 ? -1.428 1.778   2.100  1.00 0.00 ? 6 PHE A C    2  
ATOM   205  O O    . PHE A 1 6 ? -1.513 2.948   1.723  1.00 0.00 ? 6 PHE A O    2  
ATOM   206  C CB   . PHE A 1 6 ? -3.563 0.879   3.329  1.00 0.00 ? 6 PHE A CB   2  
ATOM   207  C CG   . PHE A 1 6 ? -3.418 -0.250  4.380  1.00 0.00 ? 6 PHE A CG   2  
ATOM   208  C CD1  . PHE A 1 6 ? -2.377 -0.250  5.314  1.00 0.00 ? 6 PHE A CD1  2  
ATOM   209  C CD2  . PHE A 1 6 ? -4.302 -1.336  4.342  1.00 0.00 ? 6 PHE A CD2  2  
ATOM   210  C CE1  . PHE A 1 6 ? -2.223 -1.322  6.194  1.00 0.00 ? 6 PHE A CE1  2  
ATOM   211  C CE2  . PHE A 1 6 ? -4.145 -2.405  5.218  1.00 0.00 ? 6 PHE A CE2  2  
ATOM   212  C CZ   . PHE A 1 6 ? -3.105 -2.398  6.143  1.00 0.00 ? 6 PHE A CZ   2  
ATOM   213  H H    . PHE A 1 6 ? -2.073 -1.229  2.322  1.00 0.00 ? 6 PHE A H    2  
ATOM   214  H HA   . PHE A 1 6 ? -3.316 1.334   1.233  1.00 0.00 ? 6 PHE A HA   2  
ATOM   215  H HB2  . PHE A 1 6 ? -3.439 1.856   3.839  1.00 0.00 ? 6 PHE A HB2  2  
ATOM   216  H HB3  . PHE A 1 6 ? -4.624 0.918   3.012  1.00 0.00 ? 6 PHE A HB3  2  
ATOM   217  H HD1  . PHE A 1 6 ? -1.682 0.577   5.358  1.00 0.00 ? 6 PHE A HD1  2  
ATOM   218  H HD2  . PHE A 1 6 ? -5.108 -1.360  3.620  1.00 0.00 ? 6 PHE A HD2  2  
ATOM   219  H HE1  . PHE A 1 6 ? -1.424 -1.319  6.923  1.00 0.00 ? 6 PHE A HE1  2  
ATOM   220  H HE2  . PHE A 1 6 ? -4.834 -3.239  5.184  1.00 0.00 ? 6 PHE A HE2  2  
ATOM   221  H HZ   . PHE A 1 6 ? -2.993 -3.226  6.829  1.00 0.00 ? 6 PHE A HZ   2  
ATOM   222  N N    . CYS A 1 7 ? -0.268 1.283   2.593  1.00 0.00 ? 7 CYS A N    2  
ATOM   223  C CA   . CYS A 1 7 ? 0.997  2.072   2.742  1.00 0.00 ? 7 CYS A CA   2  
ATOM   224  C C    . CYS A 1 7 ? 1.005  3.337   3.663  1.00 0.00 ? 7 CYS A C    2  
ATOM   225  O O    . CYS A 1 7 ? -0.201 3.631   4.228  1.00 0.00 ? 7 CYS A O    2  
ATOM   226  C CB   . CYS A 1 7 ? 1.588  2.324   1.340  1.00 0.00 ? 7 CYS A CB   2  
ATOM   227  S SG   . CYS A 1 7 ? 3.356  2.673   1.388  1.00 0.00 ? 7 CYS A SG   2  
ATOM   228  O OXT  . CYS A 1 7 ? 2.118  4.078   3.881  1.00 0.00 ? 7 CYS A OXT  2  
ATOM   229  H H    . CYS A 1 7 ? -0.306 0.271   2.732  1.00 0.00 ? 7 CYS A H    2  
ATOM   230  H HA   . CYS A 1 7 ? 1.710  1.391   3.244  1.00 0.00 ? 7 CYS A HA   2  
ATOM   231  H HB2  . CYS A 1 7 ? 1.485  1.408   0.739  1.00 0.00 ? 7 CYS A HB2  2  
ATOM   232  H HB3  . CYS A 1 7 ? 1.052  3.121   0.792  1.00 0.00 ? 7 CYS A HB3  2  
HETATM 233  C CG   . 9XQ A 1 1 ? -0.538 6.500   -1.922 1.00 0.00 ? 1 9XQ A CG   3  
HETATM 234  C CD1  . 9XQ A 1 1 ? 0.468  7.035   -2.755 1.00 0.00 ? 1 9XQ A CD1  3  
HETATM 235  C CE1  . 9XQ A 1 1 ? 0.590  8.411   -2.962 1.00 0.00 ? 1 9XQ A CE1  3  
HETATM 236  C CZ   . 9XQ A 1 1 ? -0.249 9.273   -2.247 1.00 0.00 ? 1 9XQ A CZ   3  
HETATM 237  C CE2  . 9XQ A 1 1 ? -1.224 8.770   -1.392 1.00 0.00 ? 1 9XQ A CE2  3  
HETATM 238  C CD2  . 9XQ A 1 1 ? -1.375 7.394   -1.245 1.00 0.00 ? 1 9XQ A CD2  3  
HETATM 239  N NH1  . 9XQ A 1 1 ? 1.214  11.118  -4.456 1.00 0.00 ? 1 9XQ A NH1  3  
HETATM 240  N NH2  . 9XQ A 1 1 ? 2.782  9.978   -5.530 1.00 0.00 ? 1 9XQ A NH2  3  
HETATM 241  C C    . 9XQ A 1 1 ? -0.782 5.002   -1.774 1.00 0.00 ? 1 9XQ A C    3  
HETATM 242  O O    . 9XQ A 1 1 ? -1.834 4.557   -1.312 1.00 0.00 ? 1 9XQ A O    3  
HETATM 243  N NE3  . 9XQ A 1 1 ? 1.552  8.856   -3.969 1.00 0.00 ? 1 9XQ A NE3  3  
HETATM 244  C CE4  . 9XQ A 1 1 ? 1.837  9.984   -4.628 1.00 0.00 ? 1 9XQ A CE4  3  
HETATM 245  H HD1  . 9XQ A 1 1 ? 1.100  6.350   -3.302 1.00 0.00 ? 1 9XQ A HD1  3  
HETATM 246  H HZ   . 9XQ A 1 1 ? -0.177 10.348  -2.327 1.00 0.00 ? 1 9XQ A HZ   3  
HETATM 247  H HE2  . 9XQ A 1 1 ? -1.873 9.442   -0.846 1.00 0.00 ? 1 9XQ A HE2  3  
HETATM 248  H HD2  . 9XQ A 1 1 ? -2.158 7.024   -0.595 1.00 0.00 ? 1 9XQ A HD2  3  
HETATM 249  H HH12 . 9XQ A 1 1 ? 1.514  11.904  -5.043 1.00 0.00 ? 1 9XQ A HH12 3  
HETATM 250  H HH11 . 9XQ A 1 1 ? 0.447  11.138  -3.776 1.00 0.00 ? 1 9XQ A HH11 3  
HETATM 251  H HH21 . 9XQ A 1 1 ? 3.320  9.133   -5.743 1.00 0.00 ? 1 9XQ A HH21 3  
HETATM 252  H HE3  . 9XQ A 1 1 ? 2.120  8.103   -4.344 1.00 0.00 ? 1 9XQ A HE3  3  
HETATM 253  H HH22 . 9XQ A 1 1 ? 2.916  10.880  -6.003 1.00 0.00 ? 1 9XQ A HH22 3  
ATOM   254  N N    . ALA A 1 2 ? 0.178  4.158   -2.204 1.00 0.00 ? 2 ALA A N    3  
ATOM   255  C CA   . ALA A 1 2 ? 0.012  2.691   -2.348 1.00 0.00 ? 2 ALA A CA   3  
ATOM   256  C C    . ALA A 1 2 ? 1.426  2.042   -2.528 1.00 0.00 ? 2 ALA A C    3  
ATOM   257  O O    . ALA A 1 2 ? 2.244  2.492   -3.339 1.00 0.00 ? 2 ALA A O    3  
ATOM   258  C CB   . ALA A 1 2 ? -0.891 2.387   -3.565 1.00 0.00 ? 2 ALA A CB   3  
ATOM   259  H H    . ALA A 1 2 ? 1.111  4.570   -2.260 1.00 0.00 ? 2 ALA A H    3  
ATOM   260  H HA   . ALA A 1 2 ? -0.482 2.291   -1.437 1.00 0.00 ? 2 ALA A HA   3  
ATOM   261  H HB1  . ALA A 1 2 ? -1.022 1.300   -3.722 1.00 0.00 ? 2 ALA A HB1  3  
ATOM   262  H HB2  . ALA A 1 2 ? -1.906 2.811   -3.432 1.00 0.00 ? 2 ALA A HB2  3  
ATOM   263  H HB3  . ALA A 1 2 ? -0.482 2.809   -4.502 1.00 0.00 ? 2 ALA A HB3  3  
ATOM   264  N N    . CYS A 1 3 ? 1.713  0.988   -1.758 1.00 0.00 ? 3 CYS A N    3  
ATOM   265  C CA   . CYS A 1 3 ? 2.963  0.177   -1.891 1.00 0.00 ? 3 CYS A CA   3  
ATOM   266  C C    . CYS A 1 3 ? 2.617  -1.344  -2.012 1.00 0.00 ? 3 CYS A C    3  
ATOM   267  O O    . CYS A 1 3 ? 2.957  -1.985  -3.006 1.00 0.00 ? 3 CYS A O    3  
ATOM   268  C CB   . CYS A 1 3 ? 3.954  0.493   -0.735 1.00 0.00 ? 3 CYS A CB   3  
ATOM   269  S SG   . CYS A 1 3 ? 4.100  2.270   -0.442 1.00 0.00 ? 3 CYS A SG   3  
ATOM   270  H H    . CYS A 1 3 ? 0.935  0.721   -1.151 1.00 0.00 ? 3 CYS A H    3  
ATOM   271  H HA   . CYS A 1 3 ? 3.483  0.437   -2.836 1.00 0.00 ? 3 CYS A HA   3  
ATOM   272  H HB2  . CYS A 1 3 ? 3.631  0.028   0.214  1.00 0.00 ? 3 CYS A HB2  3  
ATOM   273  H HB3  . CYS A 1 3 ? 4.953  0.075   -0.952 1.00 0.00 ? 3 CYS A HB3  3  
ATOM   274  N N    . ARG A 1 4 ? 1.928  -1.918  -1.004 1.00 0.00 ? 4 ARG A N    3  
ATOM   275  C CA   . ARG A 1 4 ? 1.335  -3.288  -1.086 1.00 0.00 ? 4 ARG A CA   3  
ATOM   276  C C    . ARG A 1 4 ? -0.222 -3.352  -0.923 1.00 0.00 ? 4 ARG A C    3  
ATOM   277  O O    . ARG A 1 4 ? -0.861 -4.150  -1.606 1.00 0.00 ? 4 ARG A O    3  
ATOM   278  C CB   . ARG A 1 4 ? 2.064  -4.195  -0.056 1.00 0.00 ? 4 ARG A CB   3  
ATOM   279  C CG   . ARG A 1 4 ? 3.532  -4.565  -0.426 1.00 0.00 ? 4 ARG A CG   3  
ATOM   280  C CD   . ARG A 1 4 ? 3.816  -6.075  -0.485 1.00 0.00 ? 4 ARG A CD   3  
ATOM   281  N NE   . ARG A 1 4 ? 3.775  -6.663  0.886  1.00 0.00 ? 4 ARG A NE   3  
ATOM   282  C CZ   . ARG A 1 4 ? 3.518  -7.932  1.179  1.00 0.00 ? 4 ARG A CZ   3  
ATOM   283  N NH1  . ARG A 1 4 ? 3.503  -8.278  2.425  1.00 0.00 ? 4 ARG A NH1  3  
ATOM   284  N NH2  . ARG A 1 4 ? 3.281  -8.847  0.282  1.00 0.00 ? 4 ARG A NH2  3  
ATOM   285  H H    . ARG A 1 4 ? 1.780  -1.283  -0.218 1.00 0.00 ? 4 ARG A H    3  
ATOM   286  H HA   . ARG A 1 4 ? 1.508  -3.724  -2.092 1.00 0.00 ? 4 ARG A HA   3  
ATOM   287  H HB2  . ARG A 1 4 ? 2.029  -3.735  0.951  1.00 0.00 ? 4 ARG A HB2  3  
ATOM   288  H HB3  . ARG A 1 4 ? 1.465  -5.121  0.067  1.00 0.00 ? 4 ARG A HB3  3  
ATOM   289  H HG2  . ARG A 1 4 ? 3.784  -4.140  -1.421 1.00 0.00 ? 4 ARG A HG2  3  
ATOM   290  H HG3  . ARG A 1 4 ? 4.242  -4.047  0.249  1.00 0.00 ? 4 ARG A HG3  3  
ATOM   291  H HD2  . ARG A 1 4 ? 3.084  -6.541  -1.181 1.00 0.00 ? 4 ARG A HD2  3  
ATOM   292  H HD3  . ARG A 1 4 ? 4.812  -6.245  -0.947 1.00 0.00 ? 4 ARG A HD3  3  
ATOM   293  H HE   . ARG A 1 4 ? 3.929  -6.067  1.705  1.00 0.00 ? 4 ARG A HE   3  
ATOM   294  H HH11 . ARG A 1 4 ? 3.320  -9.261  2.633  1.00 0.00 ? 4 ARG A HH11 3  
ATOM   295  H HH12 . ARG A 1 4 ? 3.714  -7.546  3.107  1.00 0.00 ? 4 ARG A HH12 3  
ATOM   296  H HH21 . ARG A 1 4 ? 3.098  -9.803  0.589  1.00 0.00 ? 4 ARG A HH21 3  
ATOM   297  H HH22 . ARG A 1 4 ? 3.315  -8.505  -0.682 1.00 0.00 ? 4 ARG A HH22 3  
ATOM   298  N N    . PHE A 1 5 ? -0.820 -2.581  0.004  1.00 0.00 ? 5 PHE A N    3  
ATOM   299  C CA   . PHE A 1 5 ? -2.293 -2.605  0.274  1.00 0.00 ? 5 PHE A CA   3  
ATOM   300  C C    . PHE A 1 5 ? -2.783 -1.129  0.488  1.00 0.00 ? 5 PHE A C    3  
ATOM   301  O O    . PHE A 1 5 ? -3.441 -0.540  -0.367 1.00 0.00 ? 5 PHE A O    3  
ATOM   302  C CB   . PHE A 1 5 ? -2.663 -3.565  1.464  1.00 0.00 ? 5 PHE A CB   3  
ATOM   303  C CG   . PHE A 1 5 ? -2.042 -4.974  1.489  1.00 0.00 ? 5 PHE A CG   3  
ATOM   304  C CD1  . PHE A 1 5 ? -2.499 -5.967  0.621  1.00 0.00 ? 5 PHE A CD1  3  
ATOM   305  C CD2  . PHE A 1 5 ? -0.985 -5.258  2.364  1.00 0.00 ? 5 PHE A CD2  3  
ATOM   306  C CE1  . PHE A 1 5 ? -1.907 -7.229  0.624  1.00 0.00 ? 5 PHE A CE1  3  
ATOM   307  C CE2  . PHE A 1 5 ? -0.396 -6.520  2.368  1.00 0.00 ? 5 PHE A CE2  3  
ATOM   308  C CZ   . PHE A 1 5 ? -0.858 -7.503  1.498  1.00 0.00 ? 5 PHE A CZ   3  
ATOM   309  H H    . PHE A 1 5 ? -0.217 -1.850  0.380  1.00 0.00 ? 5 PHE A H    3  
ATOM   310  H HA   . PHE A 1 5 ? -2.835 -2.969  -0.625 1.00 0.00 ? 5 PHE A HA   3  
ATOM   311  H HB2  . PHE A 1 5 ? -2.438 -3.074  2.430  1.00 0.00 ? 5 PHE A HB2  3  
ATOM   312  H HB3  . PHE A 1 5 ? -3.764 -3.668  1.492  1.00 0.00 ? 5 PHE A HB3  3  
ATOM   313  H HD1  . PHE A 1 5 ? -3.303 -5.757  -0.071 1.00 0.00 ? 5 PHE A HD1  3  
ATOM   314  H HD2  . PHE A 1 5 ? -0.621 -4.499  3.041  1.00 0.00 ? 5 PHE A HD2  3  
ATOM   315  H HE1  . PHE A 1 5 ? -2.270 -7.991  -0.051 1.00 0.00 ? 5 PHE A HE1  3  
ATOM   316  H HE2  . PHE A 1 5 ? 0.404  -6.737  3.059  1.00 0.00 ? 5 PHE A HE2  3  
ATOM   317  H HZ   . PHE A 1 5 ? -0.419 -8.491  1.510  1.00 0.00 ? 5 PHE A HZ   3  
ATOM   318  N N    . PHE A 1 6 ? -2.386 -0.537  1.624  1.00 0.00 ? 6 PHE A N    3  
ATOM   319  C CA   . PHE A 1 6 ? -2.698 0.866   2.032  1.00 0.00 ? 6 PHE A CA   3  
ATOM   320  C C    . PHE A 1 6 ? -1.435 1.788   2.186  1.00 0.00 ? 6 PHE A C    3  
ATOM   321  O O    . PHE A 1 6 ? -1.547 2.994   1.971  1.00 0.00 ? 6 PHE A O    3  
ATOM   322  C CB   . PHE A 1 6 ? -3.609 0.873   3.309  1.00 0.00 ? 6 PHE A CB   3  
ATOM   323  C CG   . PHE A 1 6 ? -3.467 -0.252  4.364  1.00 0.00 ? 6 PHE A CG   3  
ATOM   324  C CD1  . PHE A 1 6 ? -4.344 -1.344  4.315  1.00 0.00 ? 6 PHE A CD1  3  
ATOM   325  C CD2  . PHE A 1 6 ? -2.435 -0.245  5.307  1.00 0.00 ? 6 PHE A CD2  3  
ATOM   326  C CE1  . PHE A 1 6 ? -4.188 -2.413  5.194  1.00 0.00 ? 6 PHE A CE1  3  
ATOM   327  C CE2  . PHE A 1 6 ? -2.282 -1.316  6.188  1.00 0.00 ? 6 PHE A CE2  3  
ATOM   328  C CZ   . PHE A 1 6 ? -3.158 -2.399  6.129  1.00 0.00 ? 6 PHE A CZ   3  
ATOM   329  H H    . PHE A 1 6 ? -2.088 -1.219  2.327  1.00 0.00 ? 6 PHE A H    3  
ATOM   330  H HA   . PHE A 1 6 ? -3.283 1.366   1.229  1.00 0.00 ? 6 PHE A HA   3  
ATOM   331  H HB2  . PHE A 1 6 ? -3.526 1.852   3.822  1.00 0.00 ? 6 PHE A HB2  3  
ATOM   332  H HB3  . PHE A 1 6 ? -4.659 0.887   2.956  1.00 0.00 ? 6 PHE A HB3  3  
ATOM   333  H HD1  . PHE A 1 6 ? -5.141 -1.374  3.586  1.00 0.00 ? 6 PHE A HD1  3  
ATOM   334  H HD2  . PHE A 1 6 ? -1.745 0.585   5.355  1.00 0.00 ? 6 PHE A HD2  3  
ATOM   335  H HE1  . PHE A 1 6 ? -4.871 -3.249  5.151  1.00 0.00 ? 6 PHE A HE1  3  
ATOM   336  H HE2  . PHE A 1 6 ? -1.492 -1.307  6.926  1.00 0.00 ? 6 PHE A HE2  3  
ATOM   337  H HZ   . PHE A 1 6 ? -3.050 -3.225  6.818  1.00 0.00 ? 6 PHE A HZ   3  
ATOM   338  N N    . CYS A 1 7 ? -0.249 1.255   2.569  1.00 0.00 ? 7 CYS A N    3  
ATOM   339  C CA   . CYS A 1 7 ? 1.017  2.034   2.746  1.00 0.00 ? 7 CYS A CA   3  
ATOM   340  C C    . CYS A 1 7 ? 0.942  3.331   3.613  1.00 0.00 ? 7 CYS A C    3  
ATOM   341  O O    . CYS A 1 7 ? 0.208  3.156   4.750  1.00 0.00 ? 7 CYS A O    3  
ATOM   342  C CB   . CYS A 1 7 ? 1.633  2.209   1.344  1.00 0.00 ? 7 CYS A CB   3  
ATOM   343  S SG   . CYS A 1 7 ? 3.384  2.624   1.395  1.00 0.00 ? 7 CYS A SG   3  
ATOM   344  O OXT  . CYS A 1 7 ? 1.540  4.499   3.275  1.00 0.00 ? 7 CYS A OXT  3  
ATOM   345  H H    . CYS A 1 7 ? -0.284 0.235   2.610  1.00 0.00 ? 7 CYS A H    3  
ATOM   346  H HA   . CYS A 1 7 ? 1.708  1.378   3.306  1.00 0.00 ? 7 CYS A HA   3  
ATOM   347  H HB2  . CYS A 1 7 ? 1.574  1.256   0.798  1.00 0.00 ? 7 CYS A HB2  3  
ATOM   348  H HB3  . CYS A 1 7 ? 1.083  2.957   0.740  1.00 0.00 ? 7 CYS A HB3  3  
HETATM 349  C CG   . 9XQ A 1 1 ? 0.839  6.369   -1.760 1.00 0.00 ? 1 9XQ A CG   4  
HETATM 350  C CD1  . 9XQ A 1 1 ? -0.009 7.186   -2.532 1.00 0.00 ? 1 9XQ A CD1  4  
HETATM 351  C CE1  . 9XQ A 1 1 ? 0.070  8.578   -2.473 1.00 0.00 ? 1 9XQ A CE1  4  
HETATM 352  C CZ   . 9XQ A 1 1 ? 1.030  9.167   -1.635 1.00 0.00 ? 1 9XQ A CZ   4  
HETATM 353  C CE2  . 9XQ A 1 1 ? 1.884  8.380   -0.877 1.00 0.00 ? 1 9XQ A CE2  4  
HETATM 354  C CD2  . 9XQ A 1 1 ? 1.790  6.999   -0.940 1.00 0.00 ? 1 9XQ A CD2  4  
HETATM 355  N NH1  . 9XQ A 1 1 ? -0.812 11.593  -2.666 1.00 0.00 ? 1 9XQ A NH1  4  
HETATM 356  N NH2  . 9XQ A 1 1 ? -2.029 10.958  -4.407 1.00 0.00 ? 1 9XQ A NH2  4  
HETATM 357  C C    . 9XQ A 1 1 ? 0.794  4.851   -1.762 1.00 0.00 ? 1 9XQ A C    4  
HETATM 358  O O    . 9XQ A 1 1 ? 1.647  4.217   -1.144 1.00 0.00 ? 1 9XQ A O    4  
HETATM 359  N NE3  . 9XQ A 1 1 ? -0.836 9.350   -3.320 1.00 0.00 ? 1 9XQ A NE3  4  
HETATM 360  C CE4  . 9XQ A 1 1 ? -1.205 10.626  -3.453 1.00 0.00 ? 1 9XQ A CE4  4  
HETATM 361  H HD1  . 9XQ A 1 1 ? -0.729 6.706   -3.180 1.00 0.00 ? 1 9XQ A HD1  4  
HETATM 362  H HZ   . 9XQ A 1 1 ? 1.168  10.234  -1.569 1.00 0.00 ? 1 9XQ A HZ   4  
HETATM 363  H HE2  . 9XQ A 1 1 ? 2.632  8.837   -0.241 1.00 0.00 ? 1 9XQ A HE2  4  
HETATM 364  H HD2  . 9XQ A 1 1 ? 2.474  6.412   -0.338 1.00 0.00 ? 1 9XQ A HD2  4  
HETATM 365  H HH12 . 9XQ A 1 1 ? -0.193 11.345  -1.887 1.00 0.00 ? 1 9XQ A HH12 4  
HETATM 366  H HH11 . 9XQ A 1 1 ? -1.177 12.530  -2.865 1.00 0.00 ? 1 9XQ A HH11 4  
HETATM 367  H HH21 . 9XQ A 1 1 ? -2.262 11.958  -4.433 1.00 0.00 ? 1 9XQ A HH21 4  
HETATM 368  H HE3  . 9XQ A 1 1 ? -1.356 8.779   -3.982 1.00 0.00 ? 1 9XQ A HE3  4  
HETATM 369  H HH22 . 9XQ A 1 1 ? -2.373 10.270  -5.083 1.00 0.00 ? 1 9XQ A HH22 4  
ATOM   370  N N    . ALA A 1 2 ? -0.170 4.185   -2.447 1.00 0.00 ? 2 ALA A N    4  
ATOM   371  C CA   . ALA A 1 2 ? -0.288 2.698   -2.465 1.00 0.00 ? 2 ALA A CA   4  
ATOM   372  C C    . ALA A 1 2 ? 1.019  1.899   -2.832 1.00 0.00 ? 2 ALA A C    4  
ATOM   373  O O    . ALA A 1 2 ? 1.540  1.986   -3.946 1.00 0.00 ? 2 ALA A O    4  
ATOM   374  C CB   . ALA A 1 2 ? -1.436 2.369   -3.441 1.00 0.00 ? 2 ALA A CB   4  
ATOM   375  H H    . ALA A 1 2 ? -0.907 4.762   -2.853 1.00 0.00 ? 2 ALA A H    4  
ATOM   376  H HA   . ALA A 1 2 ? -0.633 2.384   -1.456 1.00 0.00 ? 2 ALA A HA   4  
ATOM   377  H HB1  . ALA A 1 2 ? -1.636 1.281   -3.464 1.00 0.00 ? 2 ALA A HB1  4  
ATOM   378  H HB2  . ALA A 1 2 ? -2.389 2.856   -3.165 1.00 0.00 ? 2 ALA A HB2  4  
ATOM   379  H HB3  . ALA A 1 2 ? -1.188 2.664   -4.478 1.00 0.00 ? 2 ALA A HB3  4  
ATOM   380  N N    . CYS A 1 3 ? 1.536  1.146   -1.852 1.00 0.00 ? 3 CYS A N    4  
ATOM   381  C CA   . CYS A 1 3 ? 2.809  0.381   -1.974 1.00 0.00 ? 3 CYS A CA   4  
ATOM   382  C C    . CYS A 1 3 ? 2.531  -1.154  -2.109 1.00 0.00 ? 3 CYS A C    4  
ATOM   383  O O    . CYS A 1 3 ? 2.892  -1.785  -3.103 1.00 0.00 ? 3 CYS A O    4  
ATOM   384  C CB   . CYS A 1 3 ? 3.709  0.739   -0.758 1.00 0.00 ? 3 CYS A CB   4  
ATOM   385  S SG   . CYS A 1 3 ? 3.822  2.524   -0.504 1.00 0.00 ? 3 CYS A SG   4  
ATOM   386  H H    . CYS A 1 3 ? 1.039  1.260   -0.967 1.00 0.00 ? 3 CYS A H    4  
ATOM   387  H HA   . CYS A 1 3 ? 3.360  0.688   -2.887 1.00 0.00 ? 3 CYS A HA   4  
ATOM   388  H HB2  . CYS A 1 3 ? 3.318  0.303   0.180  1.00 0.00 ? 3 CYS A HB2  4  
ATOM   389  H HB3  . CYS A 1 3 ? 4.726  0.326   -0.885 1.00 0.00 ? 3 CYS A HB3  4  
ATOM   390  N N    . ARG A 1 4 ? 1.874  -1.745  -1.095 1.00 0.00 ? 4 ARG A N    4  
ATOM   391  C CA   . ARG A 1 4 ? 1.403  -3.158  -1.115 1.00 0.00 ? 4 ARG A CA   4  
ATOM   392  C C    . ARG A 1 4 ? -0.128 -3.366  -0.875 1.00 0.00 ? 4 ARG A C    4  
ATOM   393  O O    . ARG A 1 4 ? -0.708 -4.263  -1.492 1.00 0.00 ? 4 ARG A O    4  
ATOM   394  C CB   . ARG A 1 4 ? 2.289  -3.955  -0.109 1.00 0.00 ? 4 ARG A CB   4  
ATOM   395  C CG   . ARG A 1 4 ? 3.496  -4.669  -0.783 1.00 0.00 ? 4 ARG A CG   4  
ATOM   396  C CD   . ARG A 1 4 ? 3.422  -6.208  -0.782 1.00 0.00 ? 4 ARG A CD   4  
ATOM   397  N NE   . ARG A 1 4 ? 2.194  -6.687  -1.485 1.00 0.00 ? 4 ARG A NE   4  
ATOM   398  C CZ   . ARG A 1 4 ? 1.813  -7.950  -1.598 1.00 0.00 ? 4 ARG A CZ   4  
ATOM   399  N NH1  . ARG A 1 4 ? 0.665  -8.192  -2.145 1.00 0.00 ? 4 ARG A NH1  4  
ATOM   400  N NH2  . ARG A 1 4 ? 2.533  -8.957  -1.191 1.00 0.00 ? 4 ARG A NH2  4  
ATOM   401  H H    . ARG A 1 4 ? 1.708  -1.102  -0.319 1.00 0.00 ? 4 ARG A H    4  
ATOM   402  H HA   . ARG A 1 4 ? 1.544  -3.577  -2.132 1.00 0.00 ? 4 ARG A HA   4  
ATOM   403  H HB2  . ARG A 1 4 ? 2.650  -3.307  0.717  1.00 0.00 ? 4 ARG A HB2  4  
ATOM   404  H HB3  . ARG A 1 4 ? 1.673  -4.699  0.437  1.00 0.00 ? 4 ARG A HB3  4  
ATOM   405  H HG2  . ARG A 1 4 ? 3.659  -4.298  -1.818 1.00 0.00 ? 4 ARG A HG2  4  
ATOM   406  H HG3  . ARG A 1 4 ? 4.426  -4.358  -0.266 1.00 0.00 ? 4 ARG A HG3  4  
ATOM   407  H HD2  . ARG A 1 4 ? 4.340  -6.608  -1.266 1.00 0.00 ? 4 ARG A HD2  4  
ATOM   408  H HD3  . ARG A 1 4 ? 3.447  -6.566  0.269  1.00 0.00 ? 4 ARG A HD3  4  
ATOM   409  H HE   . ARG A 1 4 ? 1.502  -6.015  -1.839 1.00 0.00 ? 4 ARG A HE   4  
ATOM   410  H HH11 . ARG A 1 4 ? 0.383  -9.170  -2.232 1.00 0.00 ? 4 ARG A HH11 4  
ATOM   411  H HH12 . ARG A 1 4 ? 0.115  -7.376  -2.426 1.00 0.00 ? 4 ARG A HH12 4  
ATOM   412  H HH21 . ARG A 1 4 ? 2.179  -9.904  -1.328 1.00 0.00 ? 4 ARG A HH21 4  
ATOM   413  H HH22 . ARG A 1 4 ? 3.431  -8.684  -0.787 1.00 0.00 ? 4 ARG A HH22 4  
ATOM   414  N N    . PHE A 1 5 ? -0.751 -2.608  0.044  1.00 0.00 ? 5 PHE A N    4  
ATOM   415  C CA   . PHE A 1 5 ? -2.206 -2.718  0.373  1.00 0.00 ? 5 PHE A CA   4  
ATOM   416  C C    . PHE A 1 5 ? -2.767 -1.275  0.632  1.00 0.00 ? 5 PHE A C    4  
ATOM   417  O O    . PHE A 1 5 ? -3.503 -0.718  -0.182 1.00 0.00 ? 5 PHE A O    4  
ATOM   418  C CB   . PHE A 1 5 ? -2.459 -3.699  1.573  1.00 0.00 ? 5 PHE A CB   4  
ATOM   419  C CG   . PHE A 1 5 ? -1.858 -5.112  1.484  1.00 0.00 ? 5 PHE A CG   4  
ATOM   420  C CD1  . PHE A 1 5 ? -2.444 -6.083  0.670  1.00 0.00 ? 5 PHE A CD1  4  
ATOM   421  C CD2  . PHE A 1 5 ? -0.697 -5.424  2.202  1.00 0.00 ? 5 PHE A CD2  4  
ATOM   422  C CE1  . PHE A 1 5 ? -1.881 -7.354  0.577  1.00 0.00 ? 5 PHE A CE1  4  
ATOM   423  C CE2  . PHE A 1 5 ? -0.134 -6.693  2.105  1.00 0.00 ? 5 PHE A CE2  4  
ATOM   424  C CZ   . PHE A 1 5 ? -0.728 -7.659  1.297  1.00 0.00 ? 5 PHE A CZ   4  
ATOM   425  H H    . PHE A 1 5 ? -0.182 -1.826  0.375  1.00 0.00 ? 5 PHE A H    4  
ATOM   426  H HA   . PHE A 1 5 ? -2.763 -3.105  -0.504 1.00 0.00 ? 5 PHE A HA   4  
ATOM   427  H HB2  . PHE A 1 5 ? -2.118 -3.234  2.517  1.00 0.00 ? 5 PHE A HB2  4  
ATOM   428  H HB3  . PHE A 1 5 ? -3.551 -3.792  1.724  1.00 0.00 ? 5 PHE A HB3  4  
ATOM   429  H HD1  . PHE A 1 5 ? -3.336 -5.849  0.104  1.00 0.00 ? 5 PHE A HD1  4  
ATOM   430  H HD2  . PHE A 1 5 ? -0.229 -4.683  2.834  1.00 0.00 ? 5 PHE A HD2  4  
ATOM   431  H HE1  . PHE A 1 5 ? -2.354 -8.104  -0.040 1.00 0.00 ? 5 PHE A HE1  4  
ATOM   432  H HE2  . PHE A 1 5 ? 0.754  -6.932  2.677  1.00 0.00 ? 5 PHE A HE2  4  
ATOM   433  H HZ   . PHE A 1 5 ? -0.307 -8.652  1.248  1.00 0.00 ? 5 PHE A HZ   4  
ATOM   434  N N    . PHE A 1 6 ? -2.357 -0.670  1.757  1.00 0.00 ? 6 PHE A N    4  
ATOM   435  C CA   . PHE A 1 6 ? -2.745 0.703   2.197  1.00 0.00 ? 6 PHE A CA   4  
ATOM   436  C C    . PHE A 1 6 ? -1.540 1.712   2.244  1.00 0.00 ? 6 PHE A C    4  
ATOM   437  O O    . PHE A 1 6 ? -1.727 2.868   1.868  1.00 0.00 ? 6 PHE A O    4  
ATOM   438  C CB   . PHE A 1 6 ? -3.570 0.654   3.533  1.00 0.00 ? 6 PHE A CB   4  
ATOM   439  C CG   . PHE A 1 6 ? -3.351 -0.503  4.539  1.00 0.00 ? 6 PHE A CG   4  
ATOM   440  C CD1  . PHE A 1 6 ? -4.192 -1.621  4.486  1.00 0.00 ? 6 PHE A CD1  4  
ATOM   441  C CD2  . PHE A 1 6 ? -2.283 -0.491  5.441  1.00 0.00 ? 6 PHE A CD2  4  
ATOM   442  C CE1  . PHE A 1 6 ? -3.966 -2.713  5.319  1.00 0.00 ? 6 PHE A CE1  4  
ATOM   443  C CE2  . PHE A 1 6 ? -2.059 -1.585  6.277  1.00 0.00 ? 6 PHE A CE2  4  
ATOM   444  C CZ   . PHE A 1 6 ? -2.899 -2.695  6.213  1.00 0.00 ? 6 PHE A CZ   4  
ATOM   445  H H    . PHE A 1 6 ? -1.958 -1.332  2.429  1.00 0.00 ? 6 PHE A H    4  
ATOM   446  H HA   . PHE A 1 6 ? -3.423 1.151   1.441  1.00 0.00 ? 6 PHE A HA   4  
ATOM   447  H HB2  . PHE A 1 6 ? -3.468 1.617   4.072  1.00 0.00 ? 6 PHE A HB2  4  
ATOM   448  H HB3  . PHE A 1 6 ? -4.640 0.662   3.251  1.00 0.00 ? 6 PHE A HB3  4  
ATOM   449  H HD1  . PHE A 1 6 ? -5.018 -1.653  3.788  1.00 0.00 ? 6 PHE A HD1  4  
ATOM   450  H HD2  . PHE A 1 6 ? -1.622 0.362   5.495  1.00 0.00 ? 6 PHE A HD2  4  
ATOM   451  H HE1  . PHE A 1 6 ? -4.622 -3.571  5.275  1.00 0.00 ? 6 PHE A HE1  4  
ATOM   452  H HE2  . PHE A 1 6 ? -1.239 -1.574  6.981  1.00 0.00 ? 6 PHE A HE2  4  
ATOM   453  H HZ   . PHE A 1 6 ? -2.732 -3.541  6.867  1.00 0.00 ? 6 PHE A HZ   4  
ATOM   454  N N    . CYS A 1 7 ? -0.329 1.289   2.682  1.00 0.00 ? 7 CYS A N    4  
ATOM   455  C CA   . CYS A 1 7 ? 0.898  2.139   2.769  1.00 0.00 ? 7 CYS A CA   4  
ATOM   456  C C    . CYS A 1 7 ? 0.882  3.273   3.835  1.00 0.00 ? 7 CYS A C    4  
ATOM   457  O O    . CYS A 1 7 ? -0.017 4.263   3.573  1.00 0.00 ? 7 CYS A O    4  
ATOM   458  C CB   . CYS A 1 7 ? 1.367  2.576   1.373  1.00 0.00 ? 7 CYS A CB   4  
ATOM   459  S SG   . CYS A 1 7 ? 3.140  2.919   1.342  1.00 0.00 ? 7 CYS A SG   4  
ATOM   460  O OXT  . CYS A 1 7 ? 1.688  3.275   4.924  1.00 0.00 ? 7 CYS A OXT  4  
ATOM   461  H H    . CYS A 1 7 ? -0.294 0.273   2.790  1.00 0.00 ? 7 CYS A H    4  
ATOM   462  H HA   . CYS A 1 7 ? 1.692  1.455   3.128  1.00 0.00 ? 7 CYS A HA   4  
ATOM   463  H HB2  . CYS A 1 7 ? 1.194  1.770   0.647  1.00 0.00 ? 7 CYS A HB2  4  
ATOM   464  H HB3  . CYS A 1 7 ? 0.790  3.446   1.008  1.00 0.00 ? 7 CYS A HB3  4  
HETATM 465  C CG   . 9XQ A 1 1 ? 0.750  6.316   -1.513 1.00 0.00 ? 1 9XQ A CG   5  
HETATM 466  C CD1  . 9XQ A 1 1 ? -0.455 7.016   -1.354 1.00 0.00 ? 1 9XQ A CD1  5  
HETATM 467  C CE1  . 9XQ A 1 1 ? -0.461 8.361   -0.963 1.00 0.00 ? 1 9XQ A CE1  5  
HETATM 468  C CZ   . 9XQ A 1 1 ? 0.761  9.038   -0.852 1.00 0.00 ? 1 9XQ A CZ   5  
HETATM 469  C CE2  . 9XQ A 1 1 ? 1.962  8.375   -1.071 1.00 0.00 ? 1 9XQ A CE2  5  
HETATM 470  C CD2  . 9XQ A 1 1 ? 1.956  7.021   -1.382 1.00 0.00 ? 1 9XQ A CD2  5  
HETATM 471  N NH1  . 9XQ A 1 1 ? -1.411 10.979  0.511  1.00 0.00 ? 1 9XQ A NH1  5  
HETATM 472  N NH2  . 9XQ A 1 1 ? -3.468 10.224  0.176  1.00 0.00 ? 1 9XQ A NH2  5  
HETATM 473  C C    . 9XQ A 1 1 ? 0.816  4.818   -1.727 1.00 0.00 ? 1 9XQ A C    5  
HETATM 474  O O    . 9XQ A 1 1 ? 1.792  4.204   -1.300 1.00 0.00 ? 1 9XQ A O    5  
HETATM 475  N NE3  . 9XQ A 1 1 ? -1.747 8.955   -0.611 1.00 0.00 ? 1 9XQ A NE3  5  
HETATM 476  C CE4  . 9XQ A 1 1 ? -2.185 10.051  0.013  1.00 0.00 ? 1 9XQ A CE4  5  
HETATM 477  H HD1  . 9XQ A 1 1 ? -1.380 6.461   -1.426 1.00 0.00 ? 1 9XQ A HD1  5  
HETATM 478  H HZ   . 9XQ A 1 1 ? 0.825  10.085  -0.594 1.00 0.00 ? 1 9XQ A HZ   5  
HETATM 479  H HE2  . 9XQ A 1 1 ? 2.904  8.898   -0.979 1.00 0.00 ? 1 9XQ A HE2  5  
HETATM 480  H HD2  . 9XQ A 1 1 ? 2.903  6.514   -1.512 1.00 0.00 ? 1 9XQ A HD2  5  
HETATM 481  H HH12 . 9XQ A 1 1 ? -0.397 10.843  0.426  1.00 0.00 ? 1 9XQ A HH12 5  
HETATM 482  H HH11 . 9XQ A 1 1 ? -1.871 11.763  0.983  1.00 0.00 ? 1 9XQ A HH11 5  
HETATM 483  H HH21 . 9XQ A 1 1 ? -3.716 11.084  0.680  1.00 0.00 ? 1 9XQ A HH21 5  
HETATM 484  H HE3  . 9XQ A 1 1 ? -2.538 8.349   -0.814 1.00 0.00 ? 1 9XQ A HE3  5  
HETATM 485  H HH22 . 9XQ A 1 1 ? -4.150 9.547   -0.177 1.00 0.00 ? 1 9XQ A HH22 5  
ATOM   486  N N    . ALA A 1 2 ? -0.195 4.169   -2.355 1.00 0.00 ? 2 ALA A N    5  
ATOM   487  C CA   . ALA A 1 2 ? -0.287 2.681   -2.450 1.00 0.00 ? 2 ALA A CA   5  
ATOM   488  C C    . ALA A 1 2 ? 1.017  1.883   -2.834 1.00 0.00 ? 2 ALA A C    5  
ATOM   489  O O    . ALA A 1 2 ? 1.499  1.935   -3.967 1.00 0.00 ? 2 ALA A O    5  
ATOM   490  C CB   . ALA A 1 2 ? -1.429 2.379   -3.442 1.00 0.00 ? 2 ALA A CB   5  
ATOM   491  H H    . ALA A 1 2 ? -0.781 4.758   -2.951 1.00 0.00 ? 2 ALA A H    5  
ATOM   492  H HA   . ALA A 1 2 ? -0.640 2.323   -1.460 1.00 0.00 ? 2 ALA A HA   5  
ATOM   493  H HB1  . ALA A 1 2 ? -1.636 1.294   -3.490 1.00 0.00 ? 2 ALA A HB1  5  
ATOM   494  H HB2  . ALA A 1 2 ? -2.383 2.868   -3.170 1.00 0.00 ? 2 ALA A HB2  5  
ATOM   495  H HB3  . ALA A 1 2 ? -1.168 2.691   -4.472 1.00 0.00 ? 2 ALA A HB3  5  
ATOM   496  N N    . CYS A 1 3 ? 1.575  1.163   -1.850 1.00 0.00 ? 3 CYS A N    5  
ATOM   497  C CA   . CYS A 1 3 ? 2.837  0.380   -2.006 1.00 0.00 ? 3 CYS A CA   5  
ATOM   498  C C    . CYS A 1 3 ? 2.541  -1.155  -2.116 1.00 0.00 ? 3 CYS A C    5  
ATOM   499  O O    . CYS A 1 3 ? 2.898  -1.801  -3.101 1.00 0.00 ? 3 CYS A O    5  
ATOM   500  C CB   . CYS A 1 3 ? 3.802  0.732   -0.837 1.00 0.00 ? 3 CYS A CB   5  
ATOM   501  S SG   . CYS A 1 3 ? 3.882  2.509   -0.528 1.00 0.00 ? 3 CYS A SG   5  
ATOM   502  H H    . CYS A 1 3 ? 1.143  1.346   -0.942 1.00 0.00 ? 3 CYS A H    5  
ATOM   503  H HA   . CYS A 1 3 ? 3.352  0.672   -2.943 1.00 0.00 ? 3 CYS A HA   5  
ATOM   504  H HB2  . CYS A 1 3 ? 3.490  0.252   0.109  1.00 0.00 ? 3 CYS A HB2  5  
ATOM   505  H HB3  . CYS A 1 3 ? 4.819  0.354   -1.046 1.00 0.00 ? 3 CYS A HB3  5  
ATOM   506  N N    . ARG A 1 4 ? 1.880  -1.732  -1.095 1.00 0.00 ? 4 ARG A N    5  
ATOM   507  C CA   . ARG A 1 4 ? 1.402  -3.144  -1.104 1.00 0.00 ? 4 ARG A CA   5  
ATOM   508  C C    . ARG A 1 4 ? -0.131 -3.347  -0.871 1.00 0.00 ? 4 ARG A C    5  
ATOM   509  O O    . ARG A 1 4 ? -0.710 -4.239  -1.494 1.00 0.00 ? 4 ARG A O    5  
ATOM   510  C CB   . ARG A 1 4 ? 2.283  -3.943  -0.095 1.00 0.00 ? 4 ARG A CB   5  
ATOM   511  C CG   . ARG A 1 4 ? 3.522  -4.613  -0.759 1.00 0.00 ? 4 ARG A CG   5  
ATOM   512  C CD   . ARG A 1 4 ? 3.473  -6.152  -0.829 1.00 0.00 ? 4 ARG A CD   5  
ATOM   513  N NE   . ARG A 1 4 ? 2.269  -6.621  -1.579 1.00 0.00 ? 4 ARG A NE   5  
ATOM   514  C CZ   . ARG A 1 4 ? 1.905  -7.884  -1.743 1.00 0.00 ? 4 ARG A CZ   5  
ATOM   515  N NH1  . ARG A 1 4 ? 0.770  -8.120  -2.317 1.00 0.00 ? 4 ARG A NH1  5  
ATOM   516  N NH2  . ARG A 1 4 ? 2.631  -8.896  -1.361 1.00 0.00 ? 4 ARG A NH2  5  
ATOM   517  H H    . ARG A 1 4 ? 1.706  -1.075  -0.331 1.00 0.00 ? 4 ARG A H    5  
ATOM   518  H HA   . ARG A 1 4 ? 1.545  -3.572  -2.117 1.00 0.00 ? 4 ARG A HA   5  
ATOM   519  H HB2  . ARG A 1 4 ? 2.607  -3.303  0.750  1.00 0.00 ? 4 ARG A HB2  5  
ATOM   520  H HB3  . ARG A 1 4 ? 1.674  -4.716  0.417  1.00 0.00 ? 4 ARG A HB3  5  
ATOM   521  H HG2  . ARG A 1 4 ? 3.712  -4.195  -1.770 1.00 0.00 ? 4 ARG A HG2  5  
ATOM   522  H HG3  . ARG A 1 4 ? 4.430  -4.314  -0.197 1.00 0.00 ? 4 ARG A HG3  5  
ATOM   523  H HD2  . ARG A 1 4 ? 4.407  -6.515  -1.311 1.00 0.00 ? 4 ARG A HD2  5  
ATOM   524  H HD3  . ARG A 1 4 ? 3.482  -6.558  0.206  1.00 0.00 ? 4 ARG A HD3  5  
ATOM   525  H HE   . ARG A 1 4 ? 1.577  -5.946  -1.928 1.00 0.00 ? 4 ARG A HE   5  
ATOM   526  H HH11 . ARG A 1 4 ? 0.502  -9.096  -2.447 1.00 0.00 ? 4 ARG A HH11 5  
ATOM   527  H HH12 . ARG A 1 4 ? 0.217  -7.301  -2.584 1.00 0.00 ? 4 ARG A HH12 5  
ATOM   528  H HH21 . ARG A 1 4 ? 2.291  -9.842  -1.540 1.00 0.00 ? 4 ARG A HH21 5  
ATOM   529  H HH22 . ARG A 1 4 ? 3.521  -8.629  -0.936 1.00 0.00 ? 4 ARG A HH22 5  
ATOM   530  N N    . PHE A 1 5 ? -0.758 -2.588  0.045  1.00 0.00 ? 5 PHE A N    5  
ATOM   531  C CA   . PHE A 1 5 ? -2.213 -2.704  0.371  1.00 0.00 ? 5 PHE A CA   5  
ATOM   532  C C    . PHE A 1 5 ? -2.780 -1.263  0.633  1.00 0.00 ? 5 PHE A C    5  
ATOM   533  O O    . PHE A 1 5 ? -3.510 -0.699  -0.180 1.00 0.00 ? 5 PHE A O    5  
ATOM   534  C CB   . PHE A 1 5 ? -2.466 -3.695  1.565  1.00 0.00 ? 5 PHE A CB   5  
ATOM   535  C CG   . PHE A 1 5 ? -1.856 -5.104  1.471  1.00 0.00 ? 5 PHE A CG   5  
ATOM   536  C CD1  . PHE A 1 5 ? -2.425 -6.070  0.639  1.00 0.00 ? 5 PHE A CD1  5  
ATOM   537  C CD2  . PHE A 1 5 ? -0.697 -5.413  2.194  1.00 0.00 ? 5 PHE A CD2  5  
ATOM   538  C CE1  . PHE A 1 5 ? -1.842 -7.332  0.527  1.00 0.00 ? 5 PHE A CE1  5  
ATOM   539  C CE2  . PHE A 1 5 ? -0.116 -6.673  2.082  1.00 0.00 ? 5 PHE A CE2  5  
ATOM   540  C CZ   . PHE A 1 5 ? -0.690 -7.632  1.250  1.00 0.00 ? 5 PHE A CZ   5  
ATOM   541  H H    . PHE A 1 5 ? -0.190 -1.806  0.378  1.00 0.00 ? 5 PHE A H    5  
ATOM   542  H HA   . PHE A 1 5 ? -2.768 -3.088  -0.511 1.00 0.00 ? 5 PHE A HA   5  
ATOM   543  H HB2  . PHE A 1 5 ? -2.132 -3.234  2.513  1.00 0.00 ? 5 PHE A HB2  5  
ATOM   544  H HB3  . PHE A 1 5 ? -3.559 -3.796  1.709  1.00 0.00 ? 5 PHE A HB3  5  
ATOM   545  H HD1  . PHE A 1 5 ? -3.313 -5.839  0.068  1.00 0.00 ? 5 PHE A HD1  5  
ATOM   546  H HD2  . PHE A 1 5 ? -0.243 -4.677  2.843  1.00 0.00 ? 5 PHE A HD2  5  
ATOM   547  H HE1  . PHE A 1 5 ? -2.298 -8.078  -0.107 1.00 0.00 ? 5 PHE A HE1  5  
ATOM   548  H HE2  . PHE A 1 5 ? 0.769  -6.910  2.656  1.00 0.00 ? 5 PHE A HE2  5  
ATOM   549  H HZ   . PHE A 1 5 ? -0.253 -8.618  1.186  1.00 0.00 ? 5 PHE A HZ   5  
ATOM   550  N N    . PHE A 1 6 ? -2.377 -0.666  1.764  1.00 0.00 ? 6 PHE A N    5  
ATOM   551  C CA   . PHE A 1 6 ? -2.750 0.713   2.206  1.00 0.00 ? 6 PHE A CA   5  
ATOM   552  C C    . PHE A 1 6 ? -1.537 1.706   2.313  1.00 0.00 ? 6 PHE A C    5  
ATOM   553  O O    . PHE A 1 6 ? -1.734 2.907   2.109  1.00 0.00 ? 6 PHE A O    5  
ATOM   554  C CB   . PHE A 1 6 ? -3.603 0.653   3.523  1.00 0.00 ? 6 PHE A CB   5  
ATOM   555  C CG   . PHE A 1 6 ? -3.360 -0.484  4.547  1.00 0.00 ? 6 PHE A CG   5  
ATOM   556  C CD1  . PHE A 1 6 ? -4.185 -1.614  4.515  1.00 0.00 ? 6 PHE A CD1  5  
ATOM   557  C CD2  . PHE A 1 6 ? -2.282 -0.447  5.438  1.00 0.00 ? 6 PHE A CD2  5  
ATOM   558  C CE1  . PHE A 1 6 ? -3.935 -2.693  5.357  1.00 0.00 ? 6 PHE A CE1  5  
ATOM   559  C CE2  . PHE A 1 6 ? -2.035 -1.529  6.283  1.00 0.00 ? 6 PHE A CE2  5  
ATOM   560  C CZ   . PHE A 1 6 ? -2.860 -2.650  6.241  1.00 0.00 ? 6 PHE A CZ   5  
ATOM   561  H H    . PHE A 1 6 ? -1.983 -1.332  2.433  1.00 0.00 ? 6 PHE A H    5  
ATOM   562  H HA   . PHE A 1 6 ? -3.400 1.182   1.439  1.00 0.00 ? 6 PHE A HA   5  
ATOM   563  H HB2  . PHE A 1 6 ? -3.543 1.624   4.054  1.00 0.00 ? 6 PHE A HB2  5  
ATOM   564  H HB3  . PHE A 1 6 ? -4.667 0.622   3.217  1.00 0.00 ? 6 PHE A HB3  5  
ATOM   565  H HD1  . PHE A 1 6 ? -5.016 -1.667  3.824  1.00 0.00 ? 6 PHE A HD1  5  
ATOM   566  H HD2  . PHE A 1 6 ? -1.628 0.413   5.471  1.00 0.00 ? 6 PHE A HD2  5  
ATOM   567  H HE1  . PHE A 1 6 ? -4.579 -3.562  5.328  1.00 0.00 ? 6 PHE A HE1  5  
ATOM   568  H HE2  . PHE A 1 6 ? -1.207 -1.499  6.978  1.00 0.00 ? 6 PHE A HE2  5  
ATOM   569  H HZ   . PHE A 1 6 ? -2.676 -3.486  6.901  1.00 0.00 ? 6 PHE A HZ   5  
ATOM   570  N N    . CYS A 1 7 ? -0.308 1.238   2.632  1.00 0.00 ? 7 CYS A N    5  
ATOM   571  C CA   . CYS A 1 7 ? 0.918  2.083   2.766  1.00 0.00 ? 7 CYS A CA   5  
ATOM   572  C C    . CYS A 1 7 ? 0.812  3.343   3.686  1.00 0.00 ? 7 CYS A C    5  
ATOM   573  O O    . CYS A 1 7 ? 0.142  3.086   4.846  1.00 0.00 ? 7 CYS A O    5  
ATOM   574  C CB   . CYS A 1 7 ? 1.450  2.336   1.341  1.00 0.00 ? 7 CYS A CB   5  
ATOM   575  S SG   . CYS A 1 7 ? 3.185  2.827   1.326  1.00 0.00 ? 7 CYS A SG   5  
ATOM   576  O OXT  . CYS A 1 7 ? 1.329  4.554   3.367  1.00 0.00 ? 7 CYS A OXT  5  
ATOM   577  H H    . CYS A 1 7 ? -0.275 0.218   2.654  1.00 0.00 ? 7 CYS A H    5  
ATOM   578  H HA   . CYS A 1 7 ? 1.678  1.453   3.265  1.00 0.00 ? 7 CYS A HA   5  
ATOM   579  H HB2  . CYS A 1 7 ? 1.400  1.405   0.754  1.00 0.00 ? 7 CYS A HB2  5  
ATOM   580  H HB3  . CYS A 1 7 ? 0.839  3.084   0.804  1.00 0.00 ? 7 CYS A HB3  5  
HETATM 581  C CG   . 9XQ A 1 1 ? 0.864  6.357   -1.774 1.00 0.00 ? 1 9XQ A CG   6  
HETATM 582  C CD1  . 9XQ A 1 1 ? 0.132  7.173   -2.659 1.00 0.00 ? 1 9XQ A CD1  6  
HETATM 583  C CE1  . 9XQ A 1 1 ? 0.248  8.564   -2.632 1.00 0.00 ? 1 9XQ A CE1  6  
HETATM 584  C CZ   . 9XQ A 1 1 ? 1.111  9.154   -1.696 1.00 0.00 ? 1 9XQ A CZ   6  
HETATM 585  C CE2  . 9XQ A 1 1 ? 1.843  8.368   -0.817 1.00 0.00 ? 1 9XQ A CE2  6  
HETATM 586  C CD2  . 9XQ A 1 1 ? 1.725  6.988   -0.859 1.00 0.00 ? 1 9XQ A CD2  6  
HETATM 587  N NH1  . 9XQ A 1 1 ? -0.441 11.603  -3.081 1.00 0.00 ? 1 9XQ A NH1  6  
HETATM 588  N NH2  . 9XQ A 1 1 ? -1.447 10.934  -4.939 1.00 0.00 ? 1 9XQ A NH2  6  
HETATM 589  C C    . 9XQ A 1 1 ? 0.798  4.843   -1.760 1.00 0.00 ? 1 9XQ A C    6  
HETATM 590  O O    . 9XQ A 1 1 ? 1.631  4.205   -1.117 1.00 0.00 ? 1 9XQ A O    6  
HETATM 591  N NE3  . 9XQ A 1 1 ? -0.503 9.332   -3.622 1.00 0.00 ? 1 9XQ A NE3  6  
HETATM 592  C CE4  . 9XQ A 1 1 ? -0.780 10.614  -3.866 1.00 0.00 ? 1 9XQ A CE4  6  
HETATM 593  H HD1  . 9XQ A 1 1 ? -0.509 6.689   -3.383 1.00 0.00 ? 1 9XQ A HD1  6  
HETATM 594  H HZ   . 9XQ A 1 1 ? 1.272  10.218  -1.640 1.00 0.00 ? 1 9XQ A HZ   6  
HETATM 595  H HE2  . 9XQ A 1 1 ? 2.521  8.827   -0.106 1.00 0.00 ? 1 9XQ A HE2  6  
HETATM 596  H HD2  . 9XQ A 1 1 ? 2.317  6.402   -0.166 1.00 0.00 ? 1 9XQ A HD2  6  
HETATM 597  H HH12 . 9XQ A 1 1 ? 0.055  11.370  -2.215 1.00 0.00 ? 1 9XQ A HH12 6  
HETATM 598  H HH11 . 9XQ A 1 1 ? -0.723 12.545  -3.374 1.00 0.00 ? 1 9XQ A HH11 6  
HETATM 599  H HH21 . 9XQ A 1 1 ? -1.616 11.942  -5.045 1.00 0.00 ? 1 9XQ A HH21 6  
HETATM 600  H HE3  . 9XQ A 1 1 ? -0.955 8.752   -4.326 1.00 0.00 ? 1 9XQ A HE3  6  
HETATM 601  H HH22 . 9XQ A 1 1 ? -1.736 10.228  -5.624 1.00 0.00 ? 1 9XQ A HH22 6  
ATOM   602  N N    . ALA A 1 2 ? -0.160 4.185   -2.458 1.00 0.00 ? 2 ALA A N    6  
ATOM   603  C CA   . ALA A 1 2 ? -0.287 2.697   -2.471 1.00 0.00 ? 2 ALA A CA   6  
ATOM   604  C C    . ALA A 1 2 ? 1.016  1.893   -2.837 1.00 0.00 ? 2 ALA A C    6  
ATOM   605  O O    . ALA A 1 2 ? 1.525  1.956   -3.960 1.00 0.00 ? 2 ALA A O    6  
ATOM   606  C CB   . ALA A 1 2 ? -1.435 2.370   -3.446 1.00 0.00 ? 2 ALA A CB   6  
ATOM   607  H H    . ALA A 1 2 ? -0.920 4.765   -2.817 1.00 0.00 ? 2 ALA A H    6  
ATOM   608  H HA   . ALA A 1 2 ? -0.632 2.387   -1.463 1.00 0.00 ? 2 ALA A HA   6  
ATOM   609  H HB1  . ALA A 1 2 ? -1.188 2.663   -4.484 1.00 0.00 ? 2 ALA A HB1  6  
ATOM   610  H HB2  . ALA A 1 2 ? -1.639 1.283   -3.468 1.00 0.00 ? 2 ALA A HB2  6  
ATOM   611  H HB3  . ALA A 1 2 ? -2.387 2.861   -3.171 1.00 0.00 ? 2 ALA A HB3  6  
ATOM   612  N N    . CYS A 1 3 ? 1.544  1.154   -1.852 1.00 0.00 ? 3 CYS A N    6  
ATOM   613  C CA   . CYS A 1 3 ? 2.812  0.381   -1.979 1.00 0.00 ? 3 CYS A CA   6  
ATOM   614  C C    . CYS A 1 3 ? 2.524  -1.151  -2.116 1.00 0.00 ? 3 CYS A C    6  
ATOM   615  O O    . CYS A 1 3 ? 2.869  -1.776  -3.120 1.00 0.00 ? 3 CYS A O    6  
ATOM   616  C CB   . CYS A 1 3 ? 3.726  0.733   -0.771 1.00 0.00 ? 3 CYS A CB   6  
ATOM   617  S SG   . CYS A 1 3 ? 3.831  2.516   -0.502 1.00 0.00 ? 3 CYS A SG   6  
ATOM   618  H H    . CYS A 1 3 ? 1.075  1.307   -0.956 1.00 0.00 ? 3 CYS A H    6  
ATOM   619  H HA   . CYS A 1 3 ? 3.359  0.686   -2.895 1.00 0.00 ? 3 CYS A HA   6  
ATOM   620  H HB2  . CYS A 1 3 ? 3.352  0.286   0.168  1.00 0.00 ? 3 CYS A HB2  6  
ATOM   621  H HB3  . CYS A 1 3 ? 4.744  0.326   -0.916 1.00 0.00 ? 3 CYS A HB3  6  
ATOM   622  N N    . ARG A 1 4 ? 1.872  -1.747  -1.101 1.00 0.00 ? 4 ARG A N    6  
ATOM   623  C CA   . ARG A 1 4 ? 1.410  -3.164  -1.126 1.00 0.00 ? 4 ARG A CA   6  
ATOM   624  C C    . ARG A 1 4 ? -0.134 -3.342  -0.890 1.00 0.00 ? 4 ARG A C    6  
ATOM   625  O O    . ARG A 1 4 ? -0.764 -4.166  -1.562 1.00 0.00 ? 4 ARG A O    6  
ATOM   626  C CB   . ARG A 1 4 ? 2.317  -3.991  -0.153 1.00 0.00 ? 4 ARG A CB   6  
ATOM   627  C CG   . ARG A 1 4 ? 3.062  -5.185  -0.812 1.00 0.00 ? 4 ARG A CG   6  
ATOM   628  C CD   . ARG A 1 4 ? 2.295  -6.526  -0.866 1.00 0.00 ? 4 ARG A CD   6  
ATOM   629  N NE   . ARG A 1 4 ? 1.048  -6.443  -1.681 1.00 0.00 ? 4 ARG A NE   6  
ATOM   630  C CZ   . ARG A 1 4 ? 0.932  -6.670  -2.981 1.00 0.00 ? 4 ARG A CZ   6  
ATOM   631  N NH1  . ARG A 1 4 ? -0.196 -6.375  -3.542 1.00 0.00 ? 4 ARG A NH1  6  
ATOM   632  N NH2  . ARG A 1 4 ? 1.883  -7.162  -3.719 1.00 0.00 ? 4 ARG A NH2  6  
ATOM   633  H H    . ARG A 1 4 ? 1.716  -1.111  -0.315 1.00 0.00 ? 4 ARG A H    6  
ATOM   634  H HA   . ARG A 1 4 ? 1.551  -3.560  -2.152 1.00 0.00 ? 4 ARG A HA   6  
ATOM   635  H HB2  . ARG A 1 4 ? 3.100  -3.347  0.301  1.00 0.00 ? 4 ARG A HB2  6  
ATOM   636  H HB3  . ARG A 1 4 ? 1.746  -4.332  0.732  1.00 0.00 ? 4 ARG A HB3  6  
ATOM   637  H HG2  . ARG A 1 4 ? 3.429  -4.898  -1.818 1.00 0.00 ? 4 ARG A HG2  6  
ATOM   638  H HG3  . ARG A 1 4 ? 3.996  -5.361  -0.240 1.00 0.00 ? 4 ARG A HG3  6  
ATOM   639  H HD2  . ARG A 1 4 ? 2.967  -7.343  -1.202 1.00 0.00 ? 4 ARG A HD2  6  
ATOM   640  H HD3  . ARG A 1 4 ? 2.027  -6.823  0.169  1.00 0.00 ? 4 ARG A HD3  6  
ATOM   641  H HE   . ARG A 1 4 ? 0.199  -6.012  -1.285 1.00 0.00 ? 4 ARG A HE   6  
ATOM   642  H HH11 . ARG A 1 4 ? -0.287 -6.529  -4.545 1.00 0.00 ? 4 ARG A HH11 6  
ATOM   643  H HH12 . ARG A 1 4 ? -0.870 -5.896  -2.934 1.00 0.00 ? 4 ARG A HH12 6  
ATOM   644  H HH21 . ARG A 1 4 ? 1.707  -7.300  -4.715 1.00 0.00 ? 4 ARG A HH21 6  
ATOM   645  H HH22 . ARG A 1 4 ? 2.747  -7.353  -3.209 1.00 0.00 ? 4 ARG A HH22 6  
ATOM   646  N N    . PHE A 1 5 ? -0.738 -2.622  0.070  1.00 0.00 ? 5 PHE A N    6  
ATOM   647  C CA   . PHE A 1 5 ? -2.200 -2.708  0.379  1.00 0.00 ? 5 PHE A CA   6  
ATOM   648  C C    . PHE A 1 5 ? -2.758 -1.265  0.632  1.00 0.00 ? 5 PHE A C    6  
ATOM   649  O O    . PHE A 1 5 ? -3.477 -0.704  -0.194 1.00 0.00 ? 5 PHE A O    6  
ATOM   650  C CB   . PHE A 1 5 ? -2.468 -3.697  1.567  1.00 0.00 ? 5 PHE A CB   6  
ATOM   651  C CG   . PHE A 1 5 ? -1.947 -5.135  1.415  1.00 0.00 ? 5 PHE A CG   6  
ATOM   652  C CD1  . PHE A 1 5 ? -2.585 -6.033  0.558  1.00 0.00 ? 5 PHE A CD1  6  
ATOM   653  C CD2  . PHE A 1 5 ? -0.807 -5.544  2.118  1.00 0.00 ? 5 PHE A CD2  6  
ATOM   654  C CE1  . PHE A 1 5 ? -2.090 -7.327  0.404  1.00 0.00 ? 5 PHE A CE1  6  
ATOM   655  C CE2  . PHE A 1 5 ? -0.317 -6.838  1.967  1.00 0.00 ? 5 PHE A CE2  6  
ATOM   656  C CZ   . PHE A 1 5 ? -0.957 -7.729  1.110  1.00 0.00 ? 5 PHE A CZ   6  
ATOM   657  H H    . PHE A 1 5 ? -0.153 -1.873  0.446  1.00 0.00 ? 5 PHE A H    6  
ATOM   658  H HA   . PHE A 1 5 ? -2.759 -3.084  -0.503 1.00 0.00 ? 5 PHE A HA   6  
ATOM   659  H HB2  . PHE A 1 5 ? -2.068 -3.269  2.506  1.00 0.00 ? 5 PHE A HB2  6  
ATOM   660  H HB3  . PHE A 1 5 ? -3.558 -3.739  1.756  1.00 0.00 ? 5 PHE A HB3  6  
ATOM   661  H HD1  . PHE A 1 5 ? -3.467 -5.731  0.011  1.00 0.00 ? 5 PHE A HD1  6  
ATOM   662  H HD2  . PHE A 1 5 ? -0.300 -4.861  2.787  1.00 0.00 ? 5 PHE A HD2  6  
ATOM   663  H HE1  . PHE A 1 5 ? -2.598 -8.025  -0.247 1.00 0.00 ? 5 PHE A HE1  6  
ATOM   664  H HE2  . PHE A 1 5 ? 0.552  -7.155  2.527  1.00 0.00 ? 5 PHE A HE2  6  
ATOM   665  H HZ   . PHE A 1 5 ? -0.589 -8.739  1.009  1.00 0.00 ? 5 PHE A HZ   6  
ATOM   666  N N    . PHE A 1 6 ? -2.364 -0.669  1.764  1.00 0.00 ? 6 PHE A N    6  
ATOM   667  C CA   . PHE A 1 6 ? -2.752 0.707   2.200  1.00 0.00 ? 6 PHE A CA   6  
ATOM   668  C C    . PHE A 1 6 ? -1.545 1.710   2.268  1.00 0.00 ? 6 PHE A C    6  
ATOM   669  O O    . PHE A 1 6 ? -1.733 2.875   1.920  1.00 0.00 ? 6 PHE A O    6  
ATOM   670  C CB   . PHE A 1 6 ? -3.594 0.657   3.524  1.00 0.00 ? 6 PHE A CB   6  
ATOM   671  C CG   . PHE A 1 6 ? -3.363 -0.487  4.541  1.00 0.00 ? 6 PHE A CG   6  
ATOM   672  C CD1  . PHE A 1 6 ? -2.292 -0.456  5.441  1.00 0.00 ? 6 PHE A CD1  6  
ATOM   673  C CD2  . PHE A 1 6 ? -4.191 -1.616  4.500  1.00 0.00 ? 6 PHE A CD2  6  
ATOM   674  C CE1  . PHE A 1 6 ? -2.054 -1.542  6.284  1.00 0.00 ? 6 PHE A CE1  6  
ATOM   675  C CE2  . PHE A 1 6 ? -3.950 -2.698  5.340  1.00 0.00 ? 6 PHE A CE2  6  
ATOM   676  C CZ   . PHE A 1 6 ? -2.882 -2.662  6.232  1.00 0.00 ? 6 PHE A CZ   6  
ATOM   677  H H    . PHE A 1 6 ? -1.978 -1.331  2.441  1.00 0.00 ? 6 PHE A H    6  
ATOM   678  H HA   . PHE A 1 6 ? -3.419 1.160   1.437  1.00 0.00 ? 6 PHE A HA   6  
ATOM   679  H HB2  . PHE A 1 6 ? -3.515 1.625   4.055  1.00 0.00 ? 6 PHE A HB2  6  
ATOM   680  H HB3  . PHE A 1 6 ? -4.660 0.642   3.228  1.00 0.00 ? 6 PHE A HB3  6  
ATOM   681  H HD1  . PHE A 1 6 ? -1.638 0.403   5.485  1.00 0.00 ? 6 PHE A HD1  6  
ATOM   682  H HD2  . PHE A 1 6 ? -5.016 -1.664  3.803  1.00 0.00 ? 6 PHE A HD2  6  
ATOM   683  H HE1  . PHE A 1 6 ? -1.233 -1.515  6.986  1.00 0.00 ? 6 PHE A HE1  6  
ATOM   684  H HE2  . PHE A 1 6 ? -4.597 -3.565  5.305  1.00 0.00 ? 6 PHE A HE2  6  
ATOM   685  H HZ   . PHE A 1 6 ? -2.704 -3.498  6.893  1.00 0.00 ? 6 PHE A HZ   6  
ATOM   686  N N    . CYS A 1 7 ? -0.333 1.277   2.691  1.00 0.00 ? 7 CYS A N    6  
ATOM   687  C CA   . CYS A 1 7 ? 0.897  2.119   2.779  1.00 0.00 ? 7 CYS A CA   6  
ATOM   688  C C    . CYS A 1 7 ? 0.861  3.280   3.815  1.00 0.00 ? 7 CYS A C    6  
ATOM   689  O O    . CYS A 1 7 ? 0.083  4.333   3.434  1.00 0.00 ? 7 CYS A O    6  
ATOM   690  C CB   . CYS A 1 7 ? 1.381  2.503   1.372  1.00 0.00 ? 7 CYS A CB   6  
ATOM   691  S SG   . CYS A 1 7 ? 3.145  2.891   1.345  1.00 0.00 ? 7 CYS A SG   6  
ATOM   692  O OXT  . CYS A 1 7 ? 1.540  3.247   4.987  1.00 0.00 ? 7 CYS A OXT  6  
ATOM   693  H H    . CYS A 1 7 ? -0.302 0.259   2.787  1.00 0.00 ? 7 CYS A H    6  
ATOM   694  H HA   . CYS A 1 7 ? 1.683  1.444   3.170  1.00 0.00 ? 7 CYS A HA   6  
ATOM   695  H HB2  . CYS A 1 7 ? 1.239  1.658   0.685  1.00 0.00 ? 7 CYS A HB2  6  
ATOM   696  H HB3  . CYS A 1 7 ? 0.785  3.339   0.962  1.00 0.00 ? 7 CYS A HB3  6  
HETATM 697  C CG   . 9XQ A 1 1 ? 1.127  6.046   -2.856 1.00 0.00 ? 1 9XQ A CG   7  
HETATM 698  C CD1  . 9XQ A 1 1 ? 0.308  6.972   -2.184 1.00 0.00 ? 1 9XQ A CD1  7  
HETATM 699  C CE1  . 9XQ A 1 1 ? 0.679  8.318   -2.070 1.00 0.00 ? 1 9XQ A CE1  7  
HETATM 700  C CZ   . 9XQ A 1 1 ? 1.905  8.729   -2.609 1.00 0.00 ? 1 9XQ A CZ   7  
HETATM 701  C CE2  . 9XQ A 1 1 ? 2.729  7.829   -3.267 1.00 0.00 ? 1 9XQ A CE2  7  
HETATM 702  C CD2  . 9XQ A 1 1 ? 2.337  6.504   -3.400 1.00 0.00 ? 1 9XQ A CD2  7  
HETATM 703  N NH1  . 9XQ A 1 1 ? 0.738  11.314  -1.085 1.00 0.00 ? 1 9XQ A NH1  7  
HETATM 704  N NH2  . 9XQ A 1 1 ? -1.403 11.025  -0.595 1.00 0.00 ? 1 9XQ A NH2  7  
HETATM 705  C C    . 9XQ A 1 1 ? 0.781  4.579   -3.042 1.00 0.00 ? 1 9XQ A C    7  
HETATM 706  O O    . 9XQ A 1 1 ? 1.342  3.931   -3.926 1.00 0.00 ? 1 9XQ A O    7  
HETATM 707  N NE3  . 9XQ A 1 1 ? -0.273 9.236   -1.445 1.00 0.00 ? 1 9XQ A NE3  7  
HETATM 708  C CE4  . 9XQ A 1 1 ? -0.295 10.515  -1.056 1.00 0.00 ? 1 9XQ A CE4  7  
HETATM 709  H HD1  . 9XQ A 1 1 ? -0.637 6.627   -1.793 1.00 0.00 ? 1 9XQ A HD1  7  
HETATM 710  H HZ   . 9XQ A 1 1 ? 2.241  9.755   -2.579 1.00 0.00 ? 1 9XQ A HZ   7  
HETATM 711  H HE2  . 9XQ A 1 1 ? 3.669  8.152   -3.695 1.00 0.00 ? 1 9XQ A HE2  7  
HETATM 712  H HD2  . 9XQ A 1 1 ? 2.996  5.823   -3.926 1.00 0.00 ? 1 9XQ A HD2  7  
HETATM 713  H HH12 . 9XQ A 1 1 ? 0.591  12.275  -0.755 1.00 0.00 ? 1 9XQ A HH12 7  
HETATM 714  H HH11 . 9XQ A 1 1 ? 1.627  10.928  -1.423 1.00 0.00 ? 1 9XQ A HH11 7  
HETATM 715  H HH21 . 9XQ A 1 1 ? -2.271 10.481  -0.557 1.00 0.00 ? 1 9XQ A HH21 7  
HETATM 716  H HE3  . 9XQ A 1 1 ? -1.177 8.813   -1.250 1.00 0.00 ? 1 9XQ A HE3  7  
HETATM 717  H HH22 . 9XQ A 1 1 ? -1.331 12.012  -0.322 1.00 0.00 ? 1 9XQ A HH22 7  
ATOM   718  N N    . ALA A 1 2 ? -0.120 3.981   -2.215 1.00 0.00 ? 2 ALA A N    7  
ATOM   719  C CA   . ALA A 1 2 ? -0.474 2.524   -2.275 1.00 0.00 ? 2 ALA A CA   7  
ATOM   720  C C    . ALA A 1 2 ? 0.703  1.502   -2.504 1.00 0.00 ? 2 ALA A C    7  
ATOM   721  O O    . ALA A 1 2 ? 0.820  0.909   -3.579 1.00 0.00 ? 2 ALA A O    7  
ATOM   722  C CB   . ALA A 1 2 ? -1.634 2.370   -3.284 1.00 0.00 ? 2 ALA A CB   7  
ATOM   723  H H    . ALA A 1 2 ? -0.519 4.582   -1.492 1.00 0.00 ? 2 ALA A H    7  
ATOM   724  H HA   . ALA A 1 2 ? -0.902 2.256   -1.290 1.00 0.00 ? 2 ALA A HA   7  
ATOM   725  H HB1  . ALA A 1 2 ? -2.512 2.993   -3.037 1.00 0.00 ? 2 ALA A HB1  7  
ATOM   726  H HB2  . ALA A 1 2 ? -1.309 2.637   -4.309 1.00 0.00 ? 2 ALA A HB2  7  
ATOM   727  H HB3  . ALA A 1 2 ? -1.985 1.320   -3.336 1.00 0.00 ? 2 ALA A HB3  7  
ATOM   728  N N    . CYS A 1 3 ? 1.595  1.304   -1.510 1.00 0.00 ? 3 CYS A N    7  
ATOM   729  C CA   . CYS A 1 3 ? 2.853  0.520   -1.730 1.00 0.00 ? 3 CYS A CA   7  
ATOM   730  C C    . CYS A 1 3 ? 2.615  -0.997  -2.047 1.00 0.00 ? 3 CYS A C    7  
ATOM   731  O O    . CYS A 1 3 ? 3.079  -1.511  -3.065 1.00 0.00 ? 3 CYS A O    7  
ATOM   732  C CB   . CYS A 1 3 ? 3.839  0.696   -0.549 1.00 0.00 ? 3 CYS A CB   7  
ATOM   733  S SG   . CYS A 1 3 ? 3.936  2.373   0.100  1.00 0.00 ? 3 CYS A SG   7  
ATOM   734  H H    . CYS A 1 3 ? 1.416  1.863   -0.673 1.00 0.00 ? 3 CYS A H    7  
ATOM   735  H HA   . CYS A 1 3 ? 3.353  0.947   -2.624 1.00 0.00 ? 3 CYS A HA   7  
ATOM   736  H HB2  . CYS A 1 3 ? 3.571  0.038   0.299  1.00 0.00 ? 3 CYS A HB2  7  
ATOM   737  H HB3  . CYS A 1 3 ? 4.853  0.374   -0.856 1.00 0.00 ? 3 CYS A HB3  7  
ATOM   738  N N    . ARG A 1 4 ? 1.877  -1.694  -1.168 1.00 0.00 ? 4 ARG A N    7  
ATOM   739  C CA   . ARG A 1 4 ? 1.291  -3.032  -1.475 1.00 0.00 ? 4 ARG A CA   7  
ATOM   740  C C    . ARG A 1 4 ? -0.246 -3.164  -1.204 1.00 0.00 ? 4 ARG A C    7  
ATOM   741  O O    . ARG A 1 4 ? -0.923 -3.895  -1.929 1.00 0.00 ? 4 ARG A O    7  
ATOM   742  C CB   . ARG A 1 4 ? 2.096  -4.123  -0.718 1.00 0.00 ? 4 ARG A CB   7  
ATOM   743  C CG   . ARG A 1 4 ? 3.571  -4.295  -1.188 1.00 0.00 ? 4 ARG A CG   7  
ATOM   744  C CD   . ARG A 1 4 ? 4.056  -5.750  -1.281 1.00 0.00 ? 4 ARG A CD   7  
ATOM   745  N NE   . ARG A 1 4 ? 4.123  -6.374  0.072  1.00 0.00 ? 4 ARG A NE   7  
ATOM   746  C CZ   . ARG A 1 4 ? 3.992  -7.668  0.330  1.00 0.00 ? 4 ARG A CZ   7  
ATOM   747  N NH1  . ARG A 1 4 ? 4.051  -8.053  1.564  1.00 0.00 ? 4 ARG A NH1  7  
ATOM   748  N NH2  . ARG A 1 4 ? 3.809  -8.575  -0.589 1.00 0.00 ? 4 ARG A NH2  7  
ATOM   749  H H    . ARG A 1 4 ? 1.558  -1.097  -0.400 1.00 0.00 ? 4 ARG A H    7  
ATOM   750  H HA   . ARG A 1 4 ? 1.380  -3.241  -2.561 1.00 0.00 ? 4 ARG A HA   7  
ATOM   751  H HB2  . ARG A 1 4 ? 2.064  -3.932  0.372  1.00 0.00 ? 4 ARG A HB2  7  
ATOM   752  H HB3  . ARG A 1 4 ? 1.554  -5.082  -0.839 1.00 0.00 ? 4 ARG A HB3  7  
ATOM   753  H HG2  . ARG A 1 4 ? 3.686  -3.855  -2.202 1.00 0.00 ? 4 ARG A HG2  7  
ATOM   754  H HG3  . ARG A 1 4 ? 4.250  -3.675  -0.568 1.00 0.00 ? 4 ARG A HG3  7  
ATOM   755  H HD2  . ARG A 1 4 ? 3.378  -6.288  -1.978 1.00 0.00 ? 4 ARG A HD2  7  
ATOM   756  H HD3  . ARG A 1 4 ? 5.056  -5.770  -1.764 1.00 0.00 ? 4 ARG A HD3  7  
ATOM   757  H HE   . ARG A 1 4 ? 4.247  -5.787  0.903  1.00 0.00 ? 4 ARG A HE   7  
ATOM   758  H HH11 . ARG A 1 4 ? 3.965  -9.055  1.743  1.00 0.00 ? 4 ARG A HH11 7  
ATOM   759  H HH12 . ARG A 1 4 ? 4.218  -7.326  2.263  1.00 0.00 ? 4 ARG A HH12 7  
ATOM   760  H HH21 . ARG A 1 4 ? 3.723  -9.553  -0.312 1.00 0.00 ? 4 ARG A HH21 7  
ATOM   761  H HH22 . ARG A 1 4 ? 3.781  -8.198  -1.539 1.00 0.00 ? 4 ARG A HH22 7  
ATOM   762  N N    . PHE A 1 5 ? -0.784 -2.531  -0.148 1.00 0.00 ? 5 PHE A N    7  
ATOM   763  C CA   . PHE A 1 5 ? -2.229 -2.631  0.233  1.00 0.00 ? 5 PHE A CA   7  
ATOM   764  C C    . PHE A 1 5 ? -2.769 -1.200  0.581  1.00 0.00 ? 5 PHE A C    7  
ATOM   765  O O    . PHE A 1 5 ? -3.620 -0.644  -0.111 1.00 0.00 ? 5 PHE A O    7  
ATOM   766  C CB   . PHE A 1 5 ? -2.447 -3.669  1.391  1.00 0.00 ? 5 PHE A CB   7  
ATOM   767  C CG   . PHE A 1 5 ? -1.783 -5.052  1.259  1.00 0.00 ? 5 PHE A CG   7  
ATOM   768  C CD1  . PHE A 1 5 ? -0.684 -5.385  2.062  1.00 0.00 ? 5 PHE A CD1  7  
ATOM   769  C CD2  . PHE A 1 5 ? -2.230 -5.964  0.299  1.00 0.00 ? 5 PHE A CD2  7  
ATOM   770  C CE1  . PHE A 1 5 ? -0.044 -6.613  1.906  1.00 0.00 ? 5 PHE A CE1  7  
ATOM   771  C CE2  . PHE A 1 5 ? -1.585 -7.189  0.140  1.00 0.00 ? 5 PHE A CE2  7  
ATOM   772  C CZ   . PHE A 1 5 ? -0.496 -7.513  0.943  1.00 0.00 ? 5 PHE A CZ   7  
ATOM   773  H H    . PHE A 1 5 ? -0.163 -1.833  0.263  1.00 0.00 ? 5 PHE A H    7  
ATOM   774  H HA   . PHE A 1 5 ? -2.829 -2.971  -0.636 1.00 0.00 ? 5 PHE A HA   7  
ATOM   775  H HB2  . PHE A 1 5 ? -2.141 -3.223  2.357  1.00 0.00 ? 5 PHE A HB2  7  
ATOM   776  H HB3  . PHE A 1 5 ? -3.536 -3.819  1.521  1.00 0.00 ? 5 PHE A HB3  7  
ATOM   777  H HD1  . PHE A 1 5 ? -0.324 -4.691  2.809  1.00 0.00 ? 5 PHE A HD1  7  
ATOM   778  H HD2  . PHE A 1 5 ? -3.060 -5.711  -0.346 1.00 0.00 ? 5 PHE A HD2  7  
ATOM   779  H HE1  . PHE A 1 5 ? 0.790  -6.870  2.542  1.00 0.00 ? 5 PHE A HE1  7  
ATOM   780  H HE2  . PHE A 1 5 ? -1.938 -7.885  -0.609 1.00 0.00 ? 5 PHE A HE2  7  
ATOM   781  H HZ   . PHE A 1 5 ? -0.013 -8.472  0.828  1.00 0.00 ? 5 PHE A HZ   7  
ATOM   782  N N    . PHE A 1 6 ? -2.223 -0.607  1.654  1.00 0.00 ? 6 PHE A N    7  
ATOM   783  C CA   . PHE A 1 6 ? -2.571 0.754   2.154  1.00 0.00 ? 6 PHE A CA   7  
ATOM   784  C C    . PHE A 1 6 ? -1.295 1.655   2.323  1.00 0.00 ? 6 PHE A C    7  
ATOM   785  O O    . PHE A 1 6 ? -1.264 2.760   1.781  1.00 0.00 ? 6 PHE A O    7  
ATOM   786  C CB   . PHE A 1 6 ? -3.503 0.664   3.412  1.00 0.00 ? 6 PHE A CB   7  
ATOM   787  C CG   . PHE A 1 6 ? -3.273 -0.446  4.467  1.00 0.00 ? 6 PHE A CG   7  
ATOM   788  C CD1  . PHE A 1 6 ? -3.983 -1.649  4.363  1.00 0.00 ? 6 PHE A CD1  7  
ATOM   789  C CD2  . PHE A 1 6 ? -2.344 -0.289  5.500  1.00 0.00 ? 6 PHE A CD2  7  
ATOM   790  C CE1  . PHE A 1 6 ? -3.758 -2.682  5.269  1.00 0.00 ? 6 PHE A CE1  7  
ATOM   791  C CE2  . PHE A 1 6 ? -2.120 -1.325  6.408  1.00 0.00 ? 6 PHE A CE2  7  
ATOM   792  C CZ   . PHE A 1 6 ? -2.827 -2.520  6.289  1.00 0.00 ? 6 PHE A CZ   7  
ATOM   793  H H    . PHE A 1 6 ? -1.696 -1.268  2.229  1.00 0.00 ? 6 PHE A H    7  
ATOM   794  H HA   . PHE A 1 6 ? -3.165 1.285   1.382  1.00 0.00 ? 6 PHE A HA   7  
ATOM   795  H HB2  . PHE A 1 6 ? -3.530 1.646   3.922  1.00 0.00 ? 6 PHE A HB2  7  
ATOM   796  H HB3  . PHE A 1 6 ? -4.541 0.565   3.038  1.00 0.00 ? 6 PHE A HB3  7  
ATOM   797  H HD1  . PHE A 1 6 ? -4.710 -1.791  3.575  1.00 0.00 ? 6 PHE A HD1  7  
ATOM   798  H HD2  . PHE A 1 6 ? -1.797 0.638   5.609  1.00 0.00 ? 6 PHE A HD2  7  
ATOM   799  H HE1  . PHE A 1 6 ? -4.316 -3.606  5.186  1.00 0.00 ? 6 PHE A HE1  7  
ATOM   800  H HE2  . PHE A 1 6 ? -1.411 -1.199  7.214  1.00 0.00 ? 6 PHE A HE2  7  
ATOM   801  H HZ   . PHE A 1 6 ? -2.665 -3.318  7.001  1.00 0.00 ? 6 PHE A HZ   7  
ATOM   802  N N    . CYS A 1 7 ? -0.257 1.190   3.056  1.00 0.00 ? 7 CYS A N    7  
ATOM   803  C CA   . CYS A 1 7 ? 0.957  1.970   3.442  1.00 0.00 ? 7 CYS A CA   7  
ATOM   804  C C    . CYS A 1 7 ? 0.762  3.455   3.882  1.00 0.00 ? 7 CYS A C    7  
ATOM   805  O O    . CYS A 1 7 ? 0.851  4.357   2.863  1.00 0.00 ? 7 CYS A O    7  
ATOM   806  C CB   . CYS A 1 7 ? 2.143  1.656   2.497  1.00 0.00 ? 7 CYS A CB   7  
ATOM   807  S SG   . CYS A 1 7 ? 2.220  2.739   1.060  1.00 0.00 ? 7 CYS A SG   7  
ATOM   808  O OXT  . CYS A 1 7 ? 0.524  3.817   5.166  1.00 0.00 ? 7 CYS A OXT  7  
ATOM   809  H H    . CYS A 1 7 ? -0.429 0.248   3.419  1.00 0.00 ? 7 CYS A H    7  
ATOM   810  H HA   . CYS A 1 7 ? 1.267  1.496   4.394  1.00 0.00 ? 7 CYS A HA   7  
ATOM   811  H HB2  . CYS A 1 7 ? 3.103  1.744   3.040  1.00 0.00 ? 7 CYS A HB2  7  
ATOM   812  H HB3  . CYS A 1 7 ? 2.112  0.610   2.138  1.00 0.00 ? 7 CYS A HB3  7  
HETATM 813  C CG   . 9XQ A 1 1 ? 1.022  6.069   -2.807 1.00 0.00 ? 1 9XQ A CG   8  
HETATM 814  C CD1  . 9XQ A 1 1 ? 1.337  6.858   -3.927 1.00 0.00 ? 1 9XQ A CD1  8  
HETATM 815  C CE1  . 9XQ A 1 1 ? 1.579  8.224   -3.812 1.00 0.00 ? 1 9XQ A CE1  8  
HETATM 816  C CZ   . 9XQ A 1 1 ? 1.597  8.801   -2.532 1.00 0.00 ? 1 9XQ A CZ   8  
HETATM 817  C CE2  . 9XQ A 1 1 ? 1.343  8.028   -1.405 1.00 0.00 ? 1 9XQ A CE2  8  
HETATM 818  C CD2  . 9XQ A 1 1 ? 1.046  6.678   -1.540 1.00 0.00 ? 1 9XQ A CD2  8  
HETATM 819  N NH1  . 9XQ A 1 1 ? 1.888  11.266  -4.591 1.00 0.00 ? 1 9XQ A NH1  8  
HETATM 820  N NH2  . 9XQ A 1 1 ? 1.875  10.560  -6.691 1.00 0.00 ? 1 9XQ A NH2  8  
HETATM 821  C C    . 9XQ A 1 1 ? 0.663  4.620   -3.057 1.00 0.00 ? 1 9XQ A C    8  
HETATM 822  O O    . 9XQ A 1 1 ? 1.009  4.071   -4.108 1.00 0.00 ? 1 9XQ A O    8  
HETATM 823  N NE3  . 9XQ A 1 1 ? 1.730  8.981   -5.051 1.00 0.00 ? 1 9XQ A NE3  8  
HETATM 824  C CE4  . 9XQ A 1 1 ? 1.835  10.259  -5.422 1.00 0.00 ? 1 9XQ A CE4  8  
HETATM 825  H HD1  . 9XQ A 1 1 ? 1.329  6.384   -4.903 1.00 0.00 ? 1 9XQ A HD1  8  
HETATM 826  H HZ   . 9XQ A 1 1 ? 1.796  9.847   -2.369 1.00 0.00 ? 1 9XQ A HZ   8  
HETATM 827  H HE2  . 9XQ A 1 1 ? 1.366  8.477   -0.418 1.00 0.00 ? 1 9XQ A HE2  8  
HETATM 828  H HD2  . 9XQ A 1 1 ? 0.854  6.095   -0.650 1.00 0.00 ? 1 9XQ A HD2  8  
HETATM 829  H HH12 . 9XQ A 1 1 ? 1.956  12.202  -5.003 1.00 0.00 ? 1 9XQ A HH12 8  
HETATM 830  H HH11 . 9XQ A 1 1 ? 1.848  11.053  -3.590 1.00 0.00 ? 1 9XQ A HH11 8  
HETATM 831  H HH21 . 9XQ A 1 1 ? 1.938  11.566  -6.884 1.00 0.00 ? 1 9XQ A HH21 8  
HETATM 832  H HE3  . 9XQ A 1 1 ? 1.689  8.390   -5.881 1.00 0.00 ? 1 9XQ A HE3  8  
HETATM 833  H HH22 . 9XQ A 1 1 ? 1.821  9.837   -7.416 1.00 0.00 ? 1 9XQ A HH22 8  
ATOM   834  N N    . ALA A 1 2 ? -0.068 3.949   -2.133 1.00 0.00 ? 2 ALA A N    8  
ATOM   835  C CA   . ALA A 1 2 ? -0.453 2.507   -2.262 1.00 0.00 ? 2 ALA A CA   8  
ATOM   836  C C    . ALA A 1 2 ? 0.740  1.524   -2.525 1.00 0.00 ? 2 ALA A C    8  
ATOM   837  O O    . ALA A 1 2 ? 0.895  0.988   -3.626 1.00 0.00 ? 2 ALA A O    8  
ATOM   838  C CB   . ALA A 1 2 ? -1.617 2.376   -3.272 1.00 0.00 ? 2 ALA A CB   8  
ATOM   839  H H    . ALA A 1 2 ? -0.507 4.544   -1.424 1.00 0.00 ? 2 ALA A H    8  
ATOM   840  H HA   . ALA A 1 2 ? -0.880 2.205   -1.286 1.00 0.00 ? 2 ALA A HA   8  
ATOM   841  H HB1  . ALA A 1 2 ? -2.484 3.010   -3.012 1.00 0.00 ? 2 ALA A HB1  8  
ATOM   842  H HB2  . ALA A 1 2 ? -1.294 2.652   -4.294 1.00 0.00 ? 2 ALA A HB2  8  
ATOM   843  H HB3  . ALA A 1 2 ? -1.981 1.332   -3.329 1.00 0.00 ? 2 ALA A HB3  8  
ATOM   844  N N    . CYS A 1 3 ? 1.605  1.298   -1.519 1.00 0.00 ? 3 CYS A N    8  
ATOM   845  C CA   . CYS A 1 3 ? 2.862  0.519   -1.723 1.00 0.00 ? 3 CYS A CA   8  
ATOM   846  C C    . CYS A 1 3 ? 2.624  -1.000  -2.028 1.00 0.00 ? 3 CYS A C    8  
ATOM   847  O O    . CYS A 1 3 ? 3.092  -1.520  -3.043 1.00 0.00 ? 3 CYS A O    8  
ATOM   848  C CB   . CYS A 1 3 ? 3.829  0.731   -0.532 1.00 0.00 ? 3 CYS A CB   8  
ATOM   849  S SG   . CYS A 1 3 ? 3.883  2.426   0.095  1.00 0.00 ? 3 CYS A SG   8  
ATOM   850  H H    . CYS A 1 3 ? 1.388  1.817   -0.663 1.00 0.00 ? 3 CYS A H    8  
ATOM   851  H HA   . CYS A 1 3 ? 3.370  0.936   -2.616 1.00 0.00 ? 3 CYS A HA   8  
ATOM   852  H HB2  . CYS A 1 3 ? 3.563  0.078   0.320  1.00 0.00 ? 3 CYS A HB2  8  
ATOM   853  H HB3  . CYS A 1 3 ? 4.852  0.426   -0.823 1.00 0.00 ? 3 CYS A HB3  8  
ATOM   854  N N    . ARG A 1 4 ? 1.877  -1.694  -1.152 1.00 0.00 ? 4 ARG A N    8  
ATOM   855  C CA   . ARG A 1 4 ? 1.282  -3.029  -1.468 1.00 0.00 ? 4 ARG A CA   8  
ATOM   856  C C    . ARG A 1 4 ? -0.257 -3.159  -1.206 1.00 0.00 ? 4 ARG A C    8  
ATOM   857  O O    . ARG A 1 4 ? -0.930 -3.884  -1.939 1.00 0.00 ? 4 ARG A O    8  
ATOM   858  C CB   . ARG A 1 4 ? 2.074  -4.132  -0.716 1.00 0.00 ? 4 ARG A CB   8  
ATOM   859  C CG   . ARG A 1 4 ? 3.548  -4.318  -1.183 1.00 0.00 ? 4 ARG A CG   8  
ATOM   860  C CD   . ARG A 1 4 ? 4.025  -5.775  -1.258 1.00 0.00 ? 4 ARG A CD   8  
ATOM   861  N NE   . ARG A 1 4 ? 4.077  -6.388  0.103  1.00 0.00 ? 4 ARG A NE   8  
ATOM   862  C CZ   . ARG A 1 4 ? 3.939  -7.680  0.372  1.00 0.00 ? 4 ARG A CZ   8  
ATOM   863  N NH1  . ARG A 1 4 ? 3.981  -8.053  1.609  1.00 0.00 ? 4 ARG A NH1  8  
ATOM   864  N NH2  . ARG A 1 4 ? 3.768  -8.593  -0.541 1.00 0.00 ? 4 ARG A NH2  8  
ATOM   865  H H    . ARG A 1 4 ? 1.551  -1.096  -0.391 1.00 0.00 ? 4 ARG A H    8  
ATOM   866  H HA   . ARG A 1 4 ? 1.374  -3.233  -2.556 1.00 0.00 ? 4 ARG A HA   8  
ATOM   867  H HB2  . ARG A 1 4 ? 2.040  -3.949  0.375  1.00 0.00 ? 4 ARG A HB2  8  
ATOM   868  H HB3  . ARG A 1 4 ? 1.523  -5.086  -0.845 1.00 0.00 ? 4 ARG A HB3  8  
ATOM   869  H HG2  . ARG A 1 4 ? 3.666  -3.888  -2.199 1.00 0.00 ? 4 ARG A HG2  8  
ATOM   870  H HG3  . ARG A 1 4 ? 4.228  -3.694  -0.567 1.00 0.00 ? 4 ARG A HG3  8  
ATOM   871  H HD2  . ARG A 1 4 ? 3.350  -6.316  -1.954 1.00 0.00 ? 4 ARG A HD2  8  
ATOM   872  H HD3  . ARG A 1 4 ? 5.029  -5.806  -1.732 1.00 0.00 ? 4 ARG A HD3  8  
ATOM   873  H HE   . ARG A 1 4 ? 4.189  -5.793  0.929  1.00 0.00 ? 4 ARG A HE   8  
ATOM   874  H HH11 . ARG A 1 4 ? 3.890  -9.054  1.798  1.00 0.00 ? 4 ARG A HH11 8  
ATOM   875  H HH12 . ARG A 1 4 ? 4.137  -7.320  2.303  1.00 0.00 ? 4 ARG A HH12 8  
ATOM   876  H HH21 . ARG A 1 4 ? 3.675  -9.569  -0.257 1.00 0.00 ? 4 ARG A HH21 8  
ATOM   877  H HH22 . ARG A 1 4 ? 3.753  -8.227  -1.496 1.00 0.00 ? 4 ARG A HH22 8  
ATOM   878  N N    . PHE A 1 5 ? -0.800 -2.535  -0.147 1.00 0.00 ? 5 PHE A N    8  
ATOM   879  C CA   . PHE A 1 5 ? -2.245 -2.639  0.227  1.00 0.00 ? 5 PHE A CA   8  
ATOM   880  C C    . PHE A 1 5 ? -2.788 -1.209  0.568  1.00 0.00 ? 5 PHE A C    8  
ATOM   881  O O    . PHE A 1 5 ? -3.620 -0.647  -0.142 1.00 0.00 ? 5 PHE A O    8  
ATOM   882  C CB   . PHE A 1 5 ? -2.467 -3.672  1.389  1.00 0.00 ? 5 PHE A CB   8  
ATOM   883  C CG   . PHE A 1 5 ? -1.813 -5.059  1.256  1.00 0.00 ? 5 PHE A CG   8  
ATOM   884  C CD1  . PHE A 1 5 ? -0.719 -5.402  2.060  1.00 0.00 ? 5 PHE A CD1  8  
ATOM   885  C CD2  . PHE A 1 5 ? -2.269 -5.964  0.296  1.00 0.00 ? 5 PHE A CD2  8  
ATOM   886  C CE1  . PHE A 1 5 ? -0.091 -6.635  1.903  1.00 0.00 ? 5 PHE A CE1  8  
ATOM   887  C CE2  . PHE A 1 5 ? -1.637 -7.195  0.136  1.00 0.00 ? 5 PHE A CE2  8  
ATOM   888  C CZ   . PHE A 1 5 ? -0.550 -7.531  0.941  1.00 0.00 ? 5 PHE A CZ   8  
ATOM   889  H H    . PHE A 1 5 ? -0.184 -1.833  0.269  1.00 0.00 ? 5 PHE A H    8  
ATOM   890  H HA   . PHE A 1 5 ? -2.842 -2.984  -0.644 1.00 0.00 ? 5 PHE A HA   8  
ATOM   891  H HB2  . PHE A 1 5 ? -2.154 -3.226  2.354  1.00 0.00 ? 5 PHE A HB2  8  
ATOM   892  H HB3  . PHE A 1 5 ? -3.556 -3.814  1.525  1.00 0.00 ? 5 PHE A HB3  8  
ATOM   893  H HD1  . PHE A 1 5 ? -0.352 -4.711  2.807  1.00 0.00 ? 5 PHE A HD1  8  
ATOM   894  H HD2  . PHE A 1 5 ? -3.097 -5.703  -0.347 1.00 0.00 ? 5 PHE A HD2  8  
ATOM   895  H HE1  . PHE A 1 5 ? 0.741  -6.901  2.538  1.00 0.00 ? 5 PHE A HE1  8  
ATOM   896  H HE2  . PHE A 1 5 ? -1.996 -7.886  -0.614 1.00 0.00 ? 5 PHE A HE2  8  
ATOM   897  H HZ   . PHE A 1 5 ? -0.078 -8.494  0.824  1.00 0.00 ? 5 PHE A HZ   8  
ATOM   898  N N    . PHE A 1 6 ? -2.259 -0.627  1.651  1.00 0.00 ? 6 PHE A N    8  
ATOM   899  C CA   . PHE A 1 6 ? -2.570 0.746   2.130  1.00 0.00 ? 6 PHE A CA   8  
ATOM   900  C C    . PHE A 1 6 ? -1.240 1.580   2.206  1.00 0.00 ? 6 PHE A C    8  
ATOM   901  O O    . PHE A 1 6 ? -1.041 2.491   1.399  1.00 0.00 ? 6 PHE A O    8  
ATOM   902  C CB   . PHE A 1 6 ? -3.466 0.697   3.420  1.00 0.00 ? 6 PHE A CB   8  
ATOM   903  C CG   . PHE A 1 6 ? -3.271 -0.432  4.468  1.00 0.00 ? 6 PHE A CG   8  
ATOM   904  C CD1  . PHE A 1 6 ? -2.341 -0.310  5.506  1.00 0.00 ? 6 PHE A CD1  8  
ATOM   905  C CD2  . PHE A 1 6 ? -4.015 -1.615  4.352  1.00 0.00 ? 6 PHE A CD2  8  
ATOM   906  C CE1  . PHE A 1 6 ? -2.143 -1.363  6.400  1.00 0.00 ? 6 PHE A CE1  8  
ATOM   907  C CE2  . PHE A 1 6 ? -3.816 -2.664  5.246  1.00 0.00 ? 6 PHE A CE2  8  
ATOM   908  C CZ   . PHE A 1 6 ? -2.880 -2.538  6.267  1.00 0.00 ? 6 PHE A CZ   8  
ATOM   909  H H    . PHE A 1 6 ? -1.728 -1.284  2.227  1.00 0.00 ? 6 PHE A H    8  
ATOM   910  H HA   . PHE A 1 6 ? -3.176 1.279   1.367  1.00 0.00 ? 6 PHE A HA   8  
ATOM   911  H HB2  . PHE A 1 6 ? -3.427 1.677   3.931  1.00 0.00 ? 6 PHE A HB2  8  
ATOM   912  H HB3  . PHE A 1 6 ? -4.520 0.652   3.079  1.00 0.00 ? 6 PHE A HB3  8  
ATOM   913  H HD1  . PHE A 1 6 ? -1.774 0.601   5.628  1.00 0.00 ? 6 PHE A HD1  8  
ATOM   914  H HD2  . PHE A 1 6 ? -4.746 -1.728  3.564  1.00 0.00 ? 6 PHE A HD2  8  
ATOM   915  H HE1  . PHE A 1 6 ? -1.430 -1.266  7.206  1.00 0.00 ? 6 PHE A HE1  8  
ATOM   916  H HE2  . PHE A 1 6 ? -4.397 -3.572  5.154  1.00 0.00 ? 6 PHE A HE2  8  
ATOM   917  H HZ   . PHE A 1 6 ? -2.736 -3.350  6.966  1.00 0.00 ? 6 PHE A HZ   8  
ATOM   918  N N    . CYS A 1 7 ? -0.322 1.242   3.135  1.00 0.00 ? 7 CYS A N    8  
ATOM   919  C CA   . CYS A 1 7 ? 0.934  1.994   3.433  1.00 0.00 ? 7 CYS A CA   8  
ATOM   920  C C    . CYS A 1 7 ? 0.879  3.493   3.877  1.00 0.00 ? 7 CYS A C    8  
ATOM   921  O O    . CYS A 1 7 ? -0.188 4.193   3.398  1.00 0.00 ? 7 CYS A O    8  
ATOM   922  C CB   . CYS A 1 7 ? 2.070  1.662   2.442  1.00 0.00 ? 7 CYS A CB   8  
ATOM   923  S SG   . CYS A 1 7 ? 2.156  2.796   1.044  1.00 0.00 ? 7 CYS A SG   8  
ATOM   924  O OXT  . CYS A 1 7 ? 1.820  4.053   4.674  1.00 0.00 ? 7 CYS A OXT  8  
ATOM   925  H H    . CYS A 1 7 ? -0.557 0.366   3.611  1.00 0.00 ? 7 CYS A H    8  
ATOM   926  H HA   . CYS A 1 7 ? 1.276  1.515   4.371  1.00 0.00 ? 7 CYS A HA   8  
ATOM   927  H HB2  . CYS A 1 7 ? 3.048  1.700   2.957  1.00 0.00 ? 7 CYS A HB2  8  
ATOM   928  H HB3  . CYS A 1 7 ? 1.983  0.631   2.049  1.00 0.00 ? 7 CYS A HB3  8  
HETATM 929  C CG   . 9XQ A 1 1 ? 1.132  6.051   -2.857 1.00 0.00 ? 1 9XQ A CG   9  
HETATM 930  C CD1  . 9XQ A 1 1 ? 0.281  6.988   -2.244 1.00 0.00 ? 1 9XQ A CD1  9  
HETATM 931  C CE1  . 9XQ A 1 1 ? 0.643  8.338   -2.140 1.00 0.00 ? 1 9XQ A CE1  9  
HETATM 932  C CZ   . 9XQ A 1 1 ? 1.894  8.740   -2.624 1.00 0.00 ? 1 9XQ A CZ   9  
HETATM 933  C CE2  . 9XQ A 1 1 ? 2.752  7.827   -3.220 1.00 0.00 ? 1 9XQ A CE2  9  
HETATM 934  C CD2  . 9XQ A 1 1 ? 2.368  6.499   -3.347 1.00 0.00 ? 1 9XQ A CD2  9  
HETATM 935  N NH1  . 9XQ A 1 1 ? 0.632  11.367  -1.261 1.00 0.00 ? 1 9XQ A NH1  9  
HETATM 936  N NH2  . 9XQ A 1 1 ? -1.530 11.077  -0.869 1.00 0.00 ? 1 9XQ A NH2  9  
HETATM 937  C C    . 9XQ A 1 1 ? 0.792  4.582   -3.038 1.00 0.00 ? 1 9XQ A C    9  
HETATM 938  O O    . 9XQ A 1 1 ? 1.370  3.932   -3.912 1.00 0.00 ? 1 9XQ A O    9  
HETATM 939  N NE3  . 9XQ A 1 1 ? -0.345 9.268   -1.594 1.00 0.00 ? 1 9XQ A NE3  9  
HETATM 940  C CE4  . 9XQ A 1 1 ? -0.396 10.560  -1.254 1.00 0.00 ? 1 9XQ A CE4  9  
HETATM 941  H HD1  . 9XQ A 1 1 ? -0.685 6.648   -1.896 1.00 0.00 ? 1 9XQ A HD1  9  
HETATM 942  H HZ   . 9XQ A 1 1 ? 2.229  9.765   -2.598 1.00 0.00 ? 1 9XQ A HZ   9  
HETATM 943  H HE2  . 9XQ A 1 1 ? 3.712  8.143   -3.606 1.00 0.00 ? 1 9XQ A HE2  9  
HETATM 944  H HD2  . 9XQ A 1 1 ? 3.050  5.809   -3.828 1.00 0.00 ? 1 9XQ A HD2  9  
HETATM 945  H HH12 . 9XQ A 1 1 ? 0.461  12.337  -0.975 1.00 0.00 ? 1 9XQ A HH12 9  
HETATM 946  H HH11 . 9XQ A 1 1 ? 1.539  10.978  -1.538 1.00 0.00 ? 1 9XQ A HH11 9  
HETATM 947  H HH21 . 9XQ A 1 1 ? -2.395 10.528  -0.858 1.00 0.00 ? 1 9XQ A HH21 9  
HETATM 948  H HE3  . 9XQ A 1 1 ? -1.256 8.846   -1.435 1.00 0.00 ? 1 9XQ A HE3  9  
HETATM 949  H HH22 . 9XQ A 1 1 ? -1.479 12.075  -0.633 1.00 0.00 ? 1 9XQ A HH22 9  
ATOM   950  N N    . ALA A 1 2 ? -0.118 3.988   -2.221 1.00 0.00 ? 2 ALA A N    9  
ATOM   951  C CA   . ALA A 1 2 ? -0.471 2.530   -2.282 1.00 0.00 ? 2 ALA A CA   9  
ATOM   952  C C    . ALA A 1 2 ? 0.705  1.505   -2.509 1.00 0.00 ? 2 ALA A C    9  
ATOM   953  O O    . ALA A 1 2 ? 0.825  0.915   -3.585 1.00 0.00 ? 2 ALA A O    9  
ATOM   954  C CB   . ALA A 1 2 ? -1.628 2.377   -3.296 1.00 0.00 ? 2 ALA A CB   9  
ATOM   955  H H    . ALA A 1 2 ? -0.512 4.587   -1.494 1.00 0.00 ? 2 ALA A H    9  
ATOM   956  H HA   . ALA A 1 2 ? -0.903 2.262   -1.299 1.00 0.00 ? 2 ALA A HA   9  
ATOM   957  H HB1  . ALA A 1 2 ? -1.978 1.328   -3.349 1.00 0.00 ? 2 ALA A HB1  9  
ATOM   958  H HB2  . ALA A 1 2 ? -2.507 3.000   -3.050 1.00 0.00 ? 2 ALA A HB2  9  
ATOM   959  H HB3  . ALA A 1 2 ? -1.300 2.647   -4.319 1.00 0.00 ? 2 ALA A HB3  9  
ATOM   960  N N    . CYS A 1 3 ? 1.593  1.305   -1.513 1.00 0.00 ? 3 CYS A N    9  
ATOM   961  C CA   . CYS A 1 3 ? 2.851  0.521   -1.731 1.00 0.00 ? 3 CYS A CA   9  
ATOM   962  C C    . CYS A 1 3 ? 2.612  -0.995  -2.048 1.00 0.00 ? 3 CYS A C    9  
ATOM   963  O O    . CYS A 1 3 ? 3.078  -1.509  -3.065 1.00 0.00 ? 3 CYS A O    9  
ATOM   964  C CB   . CYS A 1 3 ? 3.837  0.697   -0.549 1.00 0.00 ? 3 CYS A CB   9  
ATOM   965  S SG   . CYS A 1 3 ? 3.932  2.377   0.099  1.00 0.00 ? 3 CYS A SG   9  
ATOM   966  H H    . CYS A 1 3 ? 1.412  1.861   -0.674 1.00 0.00 ? 3 CYS A H    9  
ATOM   967  H HA   . CYS A 1 3 ? 3.352  0.946   -2.625 1.00 0.00 ? 3 CYS A HA   9  
ATOM   968  H HB2  . CYS A 1 3 ? 3.569  0.041   0.298  1.00 0.00 ? 3 CYS A HB2  9  
ATOM   969  H HB3  . CYS A 1 3 ? 4.851  0.377   -0.856 1.00 0.00 ? 3 CYS A HB3  9  
ATOM   970  N N    . ARG A 1 4 ? 1.877  -1.693  -1.168 1.00 0.00 ? 4 ARG A N    9  
ATOM   971  C CA   . ARG A 1 4 ? 1.290  -3.032  -1.475 1.00 0.00 ? 4 ARG A CA   9  
ATOM   972  C C    . ARG A 1 4 ? -0.246 -3.167  -1.203 1.00 0.00 ? 4 ARG A C    9  
ATOM   973  O O    . ARG A 1 4 ? -0.922 -3.898  -1.926 1.00 0.00 ? 4 ARG A O    9  
ATOM   974  C CB   . ARG A 1 4 ? 2.100  -4.124  -0.724 1.00 0.00 ? 4 ARG A CB   9  
ATOM   975  C CG   . ARG A 1 4 ? 3.572  -4.296  -1.203 1.00 0.00 ? 4 ARG A CG   9  
ATOM   976  C CD   . ARG A 1 4 ? 4.060  -5.749  -1.285 1.00 0.00 ? 4 ARG A CD   9  
ATOM   977  N NE   . ARG A 1 4 ? 4.147  -6.358  0.075  1.00 0.00 ? 4 ARG A NE   9  
ATOM   978  C CZ   . ARG A 1 4 ? 3.949  -7.638  0.363  1.00 0.00 ? 4 ARG A CZ   9  
ATOM   979  N NH1  . ARG A 1 4 ? 4.053  -8.008  1.598  1.00 0.00 ? 4 ARG A NH1  9  
ATOM   980  N NH2  . ARG A 1 4 ? 3.659  -8.544  -0.528 1.00 0.00 ? 4 ARG A NH2  9  
ATOM   981  H H    . ARG A 1 4 ? 1.554  -1.095  -0.404 1.00 0.00 ? 4 ARG A H    9  
ATOM   982  H HA   . ARG A 1 4 ? 1.377  -3.239  -2.563 1.00 0.00 ? 4 ARG A HA   9  
ATOM   983  H HB2  . ARG A 1 4 ? 2.075  -3.934  0.367  1.00 0.00 ? 4 ARG A HB2  9  
ATOM   984  H HB3  . ARG A 1 4 ? 1.556  -5.084  -0.841 1.00 0.00 ? 4 ARG A HB3  9  
ATOM   985  H HG2  . ARG A 1 4 ? 3.677  -3.865  -2.221 1.00 0.00 ? 4 ARG A HG2  9  
ATOM   986  H HG3  . ARG A 1 4 ? 4.251  -3.667  -0.594 1.00 0.00 ? 4 ARG A HG3  9  
ATOM   987  H HD2  . ARG A 1 4 ? 3.379  -6.295  -1.971 1.00 0.00 ? 4 ARG A HD2  9  
ATOM   988  H HD3  . ARG A 1 4 ? 5.056  -5.771  -1.779 1.00 0.00 ? 4 ARG A HD3  9  
ATOM   989  H HE   . ARG A 1 4 ? 4.354  -5.770  0.887  1.00 0.00 ? 4 ARG A HE   9  
ATOM   990  H HH11 . ARG A 1 4 ? 3.917  -9.000  1.799  1.00 0.00 ? 4 ARG A HH11 9  
ATOM   991  H HH12 . ARG A 1 4 ? 4.307  -7.283  2.273  1.00 0.00 ? 4 ARG A HH12 9  
ATOM   992  H HH21 . ARG A 1 4 ? 3.527  -9.510  -0.229 1.00 0.00 ? 4 ARG A HH21 9  
ATOM   993  H HH22 . ARG A 1 4 ? 3.598  -8.181  -1.482 1.00 0.00 ? 4 ARG A HH22 9  
ATOM   994  N N    . PHE A 1 5 ? -0.784 -2.533  -0.146 1.00 0.00 ? 5 PHE A N    9  
ATOM   995  C CA   . PHE A 1 5 ? -2.227 -2.634  0.238  1.00 0.00 ? 5 PHE A CA   9  
ATOM   996  C C    . PHE A 1 5 ? -2.769 -1.205  0.586  1.00 0.00 ? 5 PHE A C    9  
ATOM   997  O O    . PHE A 1 5 ? -3.619 -0.649  -0.109 1.00 0.00 ? 5 PHE A O    9  
ATOM   998  C CB   . PHE A 1 5 ? -2.444 -3.672  1.396  1.00 0.00 ? 5 PHE A CB   9  
ATOM   999  C CG   . PHE A 1 5 ? -1.788 -5.060  1.253  1.00 0.00 ? 5 PHE A CG   9  
ATOM   1000 C CD1  . PHE A 1 5 ? -0.678 -5.395  2.039  1.00 0.00 ? 5 PHE A CD1  9  
ATOM   1001 C CD2  . PHE A 1 5 ? -2.254 -5.970  0.301  1.00 0.00 ? 5 PHE A CD2  9  
ATOM   1002 C CE1  . PHE A 1 5 ? -0.045 -6.625  1.872  1.00 0.00 ? 5 PHE A CE1  9  
ATOM   1003 C CE2  . PHE A 1 5 ? -1.617 -7.197  0.131  1.00 0.00 ? 5 PHE A CE2  9  
ATOM   1004 C CZ   . PHE A 1 5 ? -0.515 -7.525  0.918  1.00 0.00 ? 5 PHE A CZ   9  
ATOM   1005 H H    . PHE A 1 5 ? -0.160 -1.839  0.270  1.00 0.00 ? 5 PHE A H    9  
ATOM   1006 H HA   . PHE A 1 5 ? -2.828 -2.976  -0.632 1.00 0.00 ? 5 PHE A HA   9  
ATOM   1007 H HB2  . PHE A 1 5 ? -2.129 -3.231  2.360  1.00 0.00 ? 5 PHE A HB2  9  
ATOM   1008 H HB3  . PHE A 1 5 ? -3.532 -3.817  1.533  1.00 0.00 ? 5 PHE A HB3  9  
ATOM   1009 H HD1  . PHE A 1 5 ? -0.302 -4.703  2.778  1.00 0.00 ? 5 PHE A HD1  9  
ATOM   1010 H HD2  . PHE A 1 5 ? -3.094 -5.714  -0.331 1.00 0.00 ? 5 PHE A HD2  9  
ATOM   1011 H HE1  . PHE A 1 5 ? 0.799  -6.885  2.493  1.00 0.00 ? 5 PHE A HE1  9  
ATOM   1012 H HE2  . PHE A 1 5 ? -1.984 -7.890  -0.612 1.00 0.00 ? 5 PHE A HE2  9  
ATOM   1013 H HZ   . PHE A 1 5 ? -0.038 -8.487  0.795  1.00 0.00 ? 5 PHE A HZ   9  
ATOM   1014 N N    . PHE A 1 6 ? -2.225 -0.612  1.658  1.00 0.00 ? 6 PHE A N    9  
ATOM   1015 C CA   . PHE A 1 6 ? -2.575 0.748   2.158  1.00 0.00 ? 6 PHE A CA   9  
ATOM   1016 C C    . PHE A 1 6 ? -1.298 1.651   2.326  1.00 0.00 ? 6 PHE A C    9  
ATOM   1017 O O    . PHE A 1 6 ? -1.271 2.757   1.783  1.00 0.00 ? 6 PHE A O    9  
ATOM   1018 C CB   . PHE A 1 6 ? -3.507 0.662   3.416  1.00 0.00 ? 6 PHE A CB   9  
ATOM   1019 C CG   . PHE A 1 6 ? -3.286 -0.457  4.465  1.00 0.00 ? 6 PHE A CG   9  
ATOM   1020 C CD1  . PHE A 1 6 ? -4.005 -1.653  4.352  1.00 0.00 ? 6 PHE A CD1  9  
ATOM   1021 C CD2  . PHE A 1 6 ? -2.357 -0.312  5.501  1.00 0.00 ? 6 PHE A CD2  9  
ATOM   1022 C CE1  . PHE A 1 6 ? -3.790 -2.692  5.253  1.00 0.00 ? 6 PHE A CE1  9  
ATOM   1023 C CE2  . PHE A 1 6 ? -2.143 -1.355  6.402  1.00 0.00 ? 6 PHE A CE2  9  
ATOM   1024 C CZ   . PHE A 1 6 ? -2.859 -2.544  6.276  1.00 0.00 ? 6 PHE A CZ   9  
ATOM   1025 H H    . PHE A 1 6 ? -1.699 -1.272  2.235  1.00 0.00 ? 6 PHE A H    9  
ATOM   1026 H HA   . PHE A 1 6 ? -3.168 1.280   1.385  1.00 0.00 ? 6 PHE A HA   9  
ATOM   1027 H HB2  . PHE A 1 6 ? -3.525 1.642   3.931  1.00 0.00 ? 6 PHE A HB2  9  
ATOM   1028 H HB3  . PHE A 1 6 ? -4.546 0.573   3.041  1.00 0.00 ? 6 PHE A HB3  9  
ATOM   1029 H HD1  . PHE A 1 6 ? -4.732 -1.784  3.562  1.00 0.00 ? 6 PHE A HD1  9  
ATOM   1030 H HD2  . PHE A 1 6 ? -1.804 0.609   5.615  1.00 0.00 ? 6 PHE A HD2  9  
ATOM   1031 H HE1  . PHE A 1 6 ? -4.354 -3.612  5.163  1.00 0.00 ? 6 PHE A HE1  9  
ATOM   1032 H HE2  . PHE A 1 6 ? -1.433 -1.239  7.209  1.00 0.00 ? 6 PHE A HE2  9  
ATOM   1033 H HZ   . PHE A 1 6 ? -2.704 -3.347  6.982  1.00 0.00 ? 6 PHE A HZ   9  
ATOM   1034 N N    . CYS A 1 7 ? -0.259 1.188   3.058  1.00 0.00 ? 7 CYS A N    9  
ATOM   1035 C CA   . CYS A 1 7 ? 0.956  1.970   3.440  1.00 0.00 ? 7 CYS A CA   9  
ATOM   1036 C C    . CYS A 1 7 ? 0.761  3.457   3.878  1.00 0.00 ? 7 CYS A C    9  
ATOM   1037 O O    . CYS A 1 7 ? 0.826  4.353   2.854  1.00 0.00 ? 7 CYS A O    9  
ATOM   1038 C CB   . CYS A 1 7 ? 2.141  1.656   2.494  1.00 0.00 ? 7 CYS A CB   9  
ATOM   1039 S SG   . CYS A 1 7 ? 2.216  2.742   1.057  1.00 0.00 ? 7 CYS A SG   9  
ATOM   1040 O OXT  . CYS A 1 7 ? 0.548  3.823   5.165  1.00 0.00 ? 7 CYS A OXT  9  
ATOM   1041 H H    . CYS A 1 7 ? -0.428 0.246   3.419  1.00 0.00 ? 7 CYS A H    9  
ATOM   1042 H HA   . CYS A 1 7 ? 1.267  1.498   4.391  1.00 0.00 ? 7 CYS A HA   9  
ATOM   1043 H HB2  . CYS A 1 7 ? 3.101  1.743   3.036  1.00 0.00 ? 7 CYS A HB2  9  
ATOM   1044 H HB3  . CYS A 1 7 ? 2.108  0.611   2.133  1.00 0.00 ? 7 CYS A HB3  9  
HETATM 1045 C CG   . 9XQ A 1 1 ? -0.079 6.241   -2.495 1.00 0.00 ? 1 9XQ A CG   10 
HETATM 1046 C CD1  . 9XQ A 1 1 ? -0.828 7.082   -3.332 1.00 0.00 ? 1 9XQ A CD1  10 
HETATM 1047 C CE1  . 9XQ A 1 1 ? -0.298 8.286   -3.802 1.00 0.00 ? 1 9XQ A CE1  10 
HETATM 1048 C CZ   . 9XQ A 1 1 ? 0.946  8.713   -3.318 1.00 0.00 ? 1 9XQ A CZ   10 
HETATM 1049 C CE2  . 9XQ A 1 1 ? 1.670  7.924   -2.429 1.00 0.00 ? 1 9XQ A CE2  10 
HETATM 1050 C CD2  . 9XQ A 1 1 ? 1.169  6.688   -2.036 1.00 0.00 ? 1 9XQ A CD2  10 
HETATM 1051 N NH1  . 9XQ A 1 1 ? 0.204  10.752  -5.709 1.00 0.00 ? 1 9XQ A NH1  10 
HETATM 1052 N NH2  . 9XQ A 1 1 ? -1.776 10.268  -6.578 1.00 0.00 ? 1 9XQ A NH2  10 
HETATM 1053 C C    . 9XQ A 1 1 ? -0.653 4.877   -2.213 1.00 0.00 ? 1 9XQ A C    10 
HETATM 1054 O O    . 9XQ A 1 1 ? -1.861 4.720   -2.031 1.00 0.00 ? 1 9XQ A O    10 
HETATM 1055 N NE3  . 9XQ A 1 1 ? -1.049 8.976   -4.848 1.00 0.00 ? 1 9XQ A NE3  10 
HETATM 1056 C CE4  . 9XQ A 1 1 ? -0.861 9.995   -5.690 1.00 0.00 ? 1 9XQ A CE4  10 
HETATM 1057 H HD1  . 9XQ A 1 1 ? -1.784 6.721   -3.692 1.00 0.00 ? 1 9XQ A HD1  10 
HETATM 1058 H HZ   . 9XQ A 1 1 ? 1.393  9.651   -3.612 1.00 0.00 ? 1 9XQ A HZ   10 
HETATM 1059 H HE2  . 9XQ A 1 1 ? 2.629  8.259   -2.055 1.00 0.00 ? 1 9XQ A HE2  10 
HETATM 1060 H HD2  . 9XQ A 1 1 ? 1.751  6.073   -1.362 1.00 0.00 ? 1 9XQ A HD2  10 
HETATM 1061 H HH12 . 9XQ A 1 1 ? 0.228  11.496  -6.416 1.00 0.00 ? 1 9XQ A HH12 10 
HETATM 1062 H HH11 . 9XQ A 1 1 ? 0.946  10.547  -5.033 1.00 0.00 ? 1 9XQ A HH11 10 
HETATM 1063 H HH21 . 9XQ A 1 1 ? -2.637 9.714   -6.649 1.00 0.00 ? 1 9XQ A HH21 10 
HETATM 1064 H HE3  . 9XQ A 1 1 ? -1.934 8.522   -5.061 1.00 0.00 ? 1 9XQ A HE3  10 
HETATM 1065 H HH22 . 9XQ A 1 1 ? -1.545 11.055  -7.196 1.00 0.00 ? 1 9XQ A HH22 10 
ATOM   1066 N N    . ALA A 1 2 ? 0.195  3.838   -2.325 1.00 0.00 ? 2 ALA A N    10 
ATOM   1067 C CA   . ALA A 1 2 ? -0.216 2.406   -2.362 1.00 0.00 ? 2 ALA A CA   10 
ATOM   1068 C C    . ALA A 1 2 ? 1.081  1.559   -2.588 1.00 0.00 ? 2 ALA A C    10 
ATOM   1069 O O    . ALA A 1 2 ? 1.449  1.269   -3.732 1.00 0.00 ? 2 ALA A O    10 
ATOM   1070 C CB   . ALA A 1 2 ? -1.259 2.116   -3.479 1.00 0.00 ? 2 ALA A CB   10 
ATOM   1071 H H    . ALA A 1 2 ? 1.146  4.103   -2.596 1.00 0.00 ? 2 ALA A H    10 
ATOM   1072 H HA   . ALA A 1 2 ? -0.670 2.131   -1.388 1.00 0.00 ? 2 ALA A HA   10 
ATOM   1073 H HB1  . ALA A 1 2 ? -2.217 2.637   -3.307 1.00 0.00 ? 2 ALA A HB1  10 
ATOM   1074 H HB2  . ALA A 1 2 ? -0.890 2.428   -4.473 1.00 0.00 ? 2 ALA A HB2  10 
ATOM   1075 H HB3  . ALA A 1 2 ? -1.497 1.038   -3.546 1.00 0.00 ? 2 ALA A HB3  10 
ATOM   1076 N N    . CYS A 1 3 ? 1.812  1.174   -1.525 1.00 0.00 ? 3 CYS A N    10 
ATOM   1077 C CA   . CYS A 1 3 ? 3.026  0.309   -1.678 1.00 0.00 ? 3 CYS A CA   10 
ATOM   1078 C C    . CYS A 1 3 ? 2.666  -1.186  -1.993 1.00 0.00 ? 3 CYS A C    10 
ATOM   1079 O O    . CYS A 1 3 ? 3.062  -1.735  -3.021 1.00 0.00 ? 3 CYS A O    10 
ATOM   1080 C CB   . CYS A 1 3 ? 3.967  0.434   -0.455 1.00 0.00 ? 3 CYS A CB   10 
ATOM   1081 S SG   . CYS A 1 3 ? 4.147  2.116   0.170  1.00 0.00 ? 3 CYS A SG   10 
ATOM   1082 H H    . CYS A 1 3 ? 1.481  1.545   -0.629 1.00 0.00 ? 3 CYS A H    10 
ATOM   1083 H HA   . CYS A 1 3 ? 3.607  0.676   -2.548 1.00 0.00 ? 3 CYS A HA   10 
ATOM   1084 H HB2  . CYS A 1 3 ? 3.617  -0.186  0.390  1.00 0.00 ? 3 CYS A HB2  10 
ATOM   1085 H HB3  . CYS A 1 3 ? 4.970  0.039   -0.708 1.00 0.00 ? 3 CYS A HB3  10 
ATOM   1086 N N    . ARG A 1 4 ? 1.891  -1.825  -1.101 1.00 0.00 ? 4 ARG A N    10 
ATOM   1087 C CA   . ARG A 1 4 ? 1.253  -3.147  -1.358 1.00 0.00 ? 4 ARG A CA   10 
ATOM   1088 C C    . ARG A 1 4 ? -0.297 -3.211  -1.154 1.00 0.00 ? 4 ARG A C    10 
ATOM   1089 O O    . ARG A 1 4 ? -0.962 -3.959  -1.875 1.00 0.00 ? 4 ARG A O    10 
ATOM   1090 C CB   . ARG A 1 4 ? 1.999  -4.212  -0.503 1.00 0.00 ? 4 ARG A CB   10 
ATOM   1091 C CG   . ARG A 1 4 ? 3.229  -4.840  -1.221 1.00 0.00 ? 4 ARG A CG   10 
ATOM   1092 C CD   . ARG A 1 4 ? 3.302  -6.376  -1.138 1.00 0.00 ? 4 ARG A CD   10 
ATOM   1093 N NE   . ARG A 1 4 ? 2.138  -6.966  -1.865 1.00 0.00 ? 4 ARG A NE   10 
ATOM   1094 C CZ   . ARG A 1 4 ? 1.802  -8.246  -1.883 1.00 0.00 ? 4 ARG A CZ   10 
ATOM   1095 N NH1  . ARG A 1 4 ? 0.699  -8.576  -2.476 1.00 0.00 ? 4 ARG A NH1  10 
ATOM   1096 N NH2  . ARG A 1 4 ? 2.523  -9.186  -1.343 1.00 0.00 ? 4 ARG A NH2  10 
ATOM   1097 H H    . ARG A 1 4 ? 1.661  -1.229  -0.303 1.00 0.00 ? 4 ARG A H    10 
ATOM   1098 H HA   . ARG A 1 4 ? 1.359  -3.408  -2.431 1.00 0.00 ? 4 ARG A HA   10 
ATOM   1099 H HB2  . ARG A 1 4 ? 2.298  -3.804  0.483  1.00 0.00 ? 4 ARG A HB2  10 
ATOM   1100 H HB3  . ARG A 1 4 ? 1.284  -5.010  -0.217 1.00 0.00 ? 4 ARG A HB3  10 
ATOM   1101 H HG2  . ARG A 1 4 ? 3.283  -4.529  -2.286 1.00 0.00 ? 4 ARG A HG2  10 
ATOM   1102 H HG3  . ARG A 1 4 ? 4.152  -4.399  -0.793 1.00 0.00 ? 4 ARG A HG3  10 
ATOM   1103 H HD2  . ARG A 1 4 ? 4.262  -6.717  -1.583 1.00 0.00 ? 4 ARG A HD2  10 
ATOM   1104 H HD3  . ARG A 1 4 ? 3.325  -6.685  -0.071 1.00 0.00 ? 4 ARG A HD3  10 
ATOM   1105 H HE   . ARG A 1 4 ? 1.456  -6.350  -2.325 1.00 0.00 ? 4 ARG A HE   10 
ATOM   1106 H HH11 . ARG A 1 4 ? 0.454  -9.568  -2.494 1.00 0.00 ? 4 ARG A HH11 10 
ATOM   1107 H HH12 . ARG A 1 4 ? 0.154  -7.811  -2.879 1.00 0.00 ? 4 ARG A HH12 10 
ATOM   1108 H HH21 . ARG A 1 4 ? 2.206  -10.154 -1.416 1.00 0.00 ? 4 ARG A HH21 10 
ATOM   1109 H HH22 . ARG A 1 4 ? 3.387  -8.847  -0.914 1.00 0.00 ? 4 ARG A HH22 10 
ATOM   1110 N N    . PHE A 1 5 ? -0.850 -2.512  -0.153 1.00 0.00 ? 5 PHE A N    10 
ATOM   1111 C CA   . PHE A 1 5 ? -2.310 -2.532  0.169  1.00 0.00 ? 5 PHE A CA   10 
ATOM   1112 C C    . PHE A 1 5 ? -2.787 -1.069  0.464  1.00 0.00 ? 5 PHE A C    10 
ATOM   1113 O O    . PHE A 1 5 ? -3.582 -0.493  -0.277 1.00 0.00 ? 5 PHE A O    10 
ATOM   1114 C CB   . PHE A 1 5 ? -2.619 -3.528  1.342  1.00 0.00 ? 5 PHE A CB   10 
ATOM   1115 C CG   . PHE A 1 5 ? -2.096 -4.971  1.203  1.00 0.00 ? 5 PHE A CG   10 
ATOM   1116 C CD1  . PHE A 1 5 ? -0.992 -5.391  1.954  1.00 0.00 ? 5 PHE A CD1  10 
ATOM   1117 C CD2  . PHE A 1 5 ? -2.681 -5.854  0.291  1.00 0.00 ? 5 PHE A CD2  10 
ATOM   1118 C CE1  . PHE A 1 5 ? -0.483 -6.679  1.793  1.00 0.00 ? 5 PHE A CE1  10 
ATOM   1119 C CE2  . PHE A 1 5 ? -2.170 -7.139  0.130  1.00 0.00 ? 5 PHE A CE2  10 
ATOM   1120 C CZ   . PHE A 1 5 ? -1.073 -7.551  0.882  1.00 0.00 ? 5 PHE A CZ   10 
ATOM   1121 H H    . PHE A 1 5 ? -0.209 -1.848  0.286  1.00 0.00 ? 5 PHE A H    10 
ATOM   1122 H HA   . PHE A 1 5 ? -2.892 -2.861  -0.716 1.00 0.00 ? 5 PHE A HA   10 
ATOM   1123 H HB2  . PHE A 1 5 ? -2.254 -3.106  2.298  1.00 0.00 ? 5 PHE A HB2  10 
ATOM   1124 H HB3  . PHE A 1 5 ? -3.716 -3.568  1.488  1.00 0.00 ? 5 PHE A HB3  10 
ATOM   1125 H HD1  . PHE A 1 5 ? -0.524 -4.723  2.662  1.00 0.00 ? 5 PHE A HD1  10 
ATOM   1126 H HD2  . PHE A 1 5 ? -3.527 -5.535  -0.305 1.00 0.00 ? 5 PHE A HD2  10 
ATOM   1127 H HE1  . PHE A 1 5 ? 0.360  -7.002  2.389  1.00 0.00 ? 5 PHE A HE1  10 
ATOM   1128 H HE2  . PHE A 1 5 ? -2.640 -7.816  -0.568 1.00 0.00 ? 5 PHE A HE2  10 
ATOM   1129 H HZ   . PHE A 1 5 ? -0.694 -8.557  0.778  1.00 0.00 ? 5 PHE A HZ   10 
ATOM   1130 N N    . PHE A 1 6 ? -2.250 -0.476  1.540  1.00 0.00 ? 6 PHE A N    10 
ATOM   1131 C CA   . PHE A 1 6 ? -2.536 0.916   1.988  1.00 0.00 ? 6 PHE A CA   10 
ATOM   1132 C C    . PHE A 1 6 ? -1.215 1.745   2.186  1.00 0.00 ? 6 PHE A C    10 
ATOM   1133 O O    . PHE A 1 6 ? -1.099 2.828   1.613  1.00 0.00 ? 6 PHE A O    10 
ATOM   1134 C CB   . PHE A 1 6 ? -3.519 0.922   3.210  1.00 0.00 ? 6 PHE A CB   10 
ATOM   1135 C CG   . PHE A 1 6 ? -3.401 -0.174  4.298  1.00 0.00 ? 6 PHE A CG   10 
ATOM   1136 C CD1  . PHE A 1 6 ? -2.501 -0.053  5.361  1.00 0.00 ? 6 PHE A CD1  10 
ATOM   1137 C CD2  . PHE A 1 6 ? -4.183 -1.332  4.191  1.00 0.00 ? 6 PHE A CD2  10 
ATOM   1138 C CE1  . PHE A 1 6 ? -2.376 -1.081  6.295  1.00 0.00 ? 6 PHE A CE1  10 
ATOM   1139 C CE2  . PHE A 1 6 ? -4.056 -2.358  5.124  1.00 0.00 ? 6 PHE A CE2  10 
ATOM   1140 C CZ   . PHE A 1 6 ? -3.152 -2.232  6.175  1.00 0.00 ? 6 PHE A CZ   10 
ATOM   1141 H H    . PHE A 1 6 ? -1.777 -1.142  2.156  1.00 0.00 ? 6 PHE A H    10 
ATOM   1142 H HA   . PHE A 1 6 ? -3.064 1.461   1.177  1.00 0.00 ? 6 PHE A HA   10 
ATOM   1143 H HB2  . PHE A 1 6 ? -3.499 1.917   3.694  1.00 0.00 ? 6 PHE A HB2  10 
ATOM   1144 H HB3  . PHE A 1 6 ? -4.546 0.883   2.796  1.00 0.00 ? 6 PHE A HB3  10 
ATOM   1145 H HD1  . PHE A 1 6 ? -1.901 0.839   5.469  1.00 0.00 ? 6 PHE A HD1  10 
ATOM   1146 H HD2  . PHE A 1 6 ? -4.887 -1.444  3.378  1.00 0.00 ? 6 PHE A HD2  10 
ATOM   1147 H HE1  . PHE A 1 6 ? -1.687 -0.983  7.122  1.00 0.00 ? 6 PHE A HE1  10 
ATOM   1148 H HE2  . PHE A 1 6 ? -4.666 -3.246  5.039  1.00 0.00 ? 6 PHE A HE2  10 
ATOM   1149 H HZ   . PHE A 1 6 ? -3.063 -3.023  6.906  1.00 0.00 ? 6 PHE A HZ   10 
ATOM   1150 N N    . CYS A 1 7 ? -0.231 1.248   2.971  1.00 0.00 ? 7 CYS A N    10 
ATOM   1151 C CA   . CYS A 1 7 ? 1.008  1.978   3.380  1.00 0.00 ? 7 CYS A CA   10 
ATOM   1152 C C    . CYS A 1 7 ? 0.877  3.490   3.758  1.00 0.00 ? 7 CYS A C    10 
ATOM   1153 O O    . CYS A 1 7 ? 1.019  4.341   2.702  1.00 0.00 ? 7 CYS A O    10 
ATOM   1154 C CB   . CYS A 1 7 ? 2.211  1.569   2.496  1.00 0.00 ? 7 CYS A CB   10 
ATOM   1155 S SG   . CYS A 1 7 ? 2.418  2.613   1.042  1.00 0.00 ? 7 CYS A SG   10 
ATOM   1156 O OXT  . CYS A 1 7 ? 0.643  3.916   5.023  1.00 0.00 ? 7 CYS A OXT  10 
ATOM   1157 H H    . CYS A 1 7 ? -0.475 0.338   3.371  1.00 0.00 ? 7 CYS A H    10 
ATOM   1158 H HA   . CYS A 1 7 ? 1.254  1.524   4.359  1.00 0.00 ? 7 CYS A HA   10 
ATOM   1159 H HB2  . CYS A 1 7 ? 3.151  1.615   3.080  1.00 0.00 ? 7 CYS A HB2  10 
ATOM   1160 H HB3  . CYS A 1 7 ? 2.133  0.518   2.159  1.00 0.00 ? 7 CYS A HB3  10 
# 
